data_8WUV
#
_entry.id   8WUV
#
_cell.length_a   1.00
_cell.length_b   1.00
_cell.length_c   1.00
_cell.angle_alpha   90.00
_cell.angle_beta   90.00
_cell.angle_gamma   90.00
#
_symmetry.space_group_name_H-M   'P 1'
#
loop_
_entity.id
_entity.type
_entity.pdbx_description
1 polymer 'DNA (51-MER)'
2 polymer "DNA (5'-D(*TP*GP*AP*TP*GP*GP*CP*AP*GP*AP*GP*TP*AP*CP*TP*AP*G)-3')"
3 polymer 'CRISPR-associated endonuclease Cas9/Csn1'
4 polymer 'RNA (137-MER)'
5 polymer 'DNA (50-MER)'
6 polymer 'Gag-Pol polyprotein'
#
loop_
_entity_poly.entity_id
_entity_poly.type
_entity_poly.pdbx_seq_one_letter_code
_entity_poly.pdbx_strand_id
1 'polydeoxyribonucleotide'
;(DC)(DT)(DA)(DG)(DT)(DA)(DC)(DT)(DC)(DT)(DG)(DC)(DC)(DA)(DT)(DC)(DA)(DG)(DA)(DG)
(DC)(DA)(DA)(DG)(DC)(DA)(DC)(DT)(DA)(DC)(DG)(DG)(DC)(DC)(DG)(DA)(DT)(DT)(DG)(DC)
(DT)(DC)(DT)(DA)(DA)(DG)(DT)(DG)(DA)(DT)(DC)
;
C
2 'polydeoxyribonucleotide' (DT)(DG)(DA)(DT)(DG)(DG)(DC)(DA)(DG)(DA)(DG)(DT)(DA)(DC)(DT)(DA)(DG) D
3 'polypeptide(L)'
;DKKYSIGLAIGTNSVGWAVITDEYKVPSKKFKVLGNTDRHSIKKNLIGALLFDSGETAEATRLKRTARRRYTRRKNRICY
LQEIFSNEMAKVDDSFFHRLEESFLVEEDKKHERHPIFGNIVDEVAYHEKYPTIYHLRKKLVDSTDKADLRLIYLALAHM
IKFRGHFLIEGDLNPDNSDVDKLFIQLVQTYNQLFEENPINASGVDAKAILSARLSKSRRLENLIAQLPGEKKNGLFGNL
IALSLGLTPNFKSNFDLAEDAKLQLSKDTYDDDLDNLLAQIGDQYADLFLAAKNLSDAILLSDILRVNTEITKAPLSASM
IKRYDEHHQDLTLLKALVRQQLPEKYKEIFFDQSKNGYAGYIDGGASQEEFYKFIKPILEKMDGTEELLVKLNREDLLRK
QRTFDNGSIPHQIHLGELHAILRRQEDFYPFLKDNREKIEKILTFRIPYYVGPLARGNSRFAWMTRKSEETITPWNFEEV
VDKGASAQSFIERMTNFDKNLPNEKVLPKHSLLYEYFTVYNELTKVKYVTEGMRKPAFLSGEQKKAIVDLLFKTNRKVTV
KQLKEDYFKKIECFDSVEISGVEDRFNASLGTYHDLLKIIKDKDFLDNEENEDILEDIVLTLTLFEDREMIEERLKTYAH
LFDDKVMKQLKRRRYTGWGRLSRKLINGIRDKQSGKTILDFLKSDGFANRNFMQLIHDDSLTFKEDIQKAQVSGQGDSLH
EHIANLAGSPAIKKGILQTVKVVDELVKVMGRHKPENIVIEMARENQTTQKGQKNSRERMKRIEEGIKELGSQILKEHPV
ENTQLQNEKLYLYYLQNGRDMYVDQELDINRLSDYDVDAIVPQSFLKDDSIDNKVLTRSDKNRGKSDNVPSEEVVKKMKN
YWRQLLNAKLITQRKFDNLTKAERGGLSELDKAGFIKRQLVETRQITKHVAQILDSRMNTKYDENDKLIREVKVITLKSK
LVSDFRKDFQFYKVREINNYHHAHDAYLNAVVGTALIKKYPKLESEFVYGDYKVYDVRKMIAKSEQEIGKATAKYFFYSN
IMNFFKTEITLANGEIRKRPLIETNGETGEIVWDKGRDFATVRKVLSMPQVNIVKKTEVQTGGFSKESILPKRNSDKLIA
RKKDWDPKKYGGFDSPTVAYSVLVVAKVEKGKSKKLKSVKELLGITIMERSSFEKNPIDFLEAKGYKEVKKDLIIKLPKY
SLFELENGRKRMLASAGELQKGNELALPSKYVNFLYLASHYEKLKGSPEDNEQKQLFVEQHKHYLDEIIEQISEFSKRVI
LADANLDKVLSAYNKHRDKPIREQAENIIHLFTLTNLGAPAAFKYFDTTIDRKRYTSTKEVLDATLIHQSITGLYETRID
LSQLGGD
;
A
4 'polyribonucleotide'
;GGCCGUAGUGCUUGCUCUGAGUUUUAGAGCUAGAAAUAGCAAGUUAAAAUAAGGCUAGUCCGUUAUCAACUUGAAAAAGU
GGCACCGAGUCGGUGCAGGAGGAAGCAGUGCAACCAAACCACAGCGUGCUCAGUCUG
;
B
5 'polydeoxyribonucleotide'
;(DG)(DA)(DT)(DC)(DA)(DC)(DT)(DT)(DA)(DG)(DA)(DG)(DC)(DA)(DA)(DT)(DC)(DG)(DG)(DC)
(DC)(DC)(DA)(DG)(DA)(DC)(DT)(DG)(DA)(DG)(DC)(DA)(DC)(DG)(DC)(DT)(DG)(DT)(DG)(DG)
(DT)(DT)(DT)(DG)(DG)(DT)(DT)(DG)(DC)(2DA)
;
F
6 'polypeptide(L)'
;TLNIEDEYRLHETSKEPDVSLGSTWLSDFPQAWAETGGMGLAVRQAPLIIPLKATSTPVSIKQYPMSQEARLGIKPHIQR
LLDQGILVPCQSPWNTPLLPVKKPGTNDYRPVQDLREVNKRVEDIHPTVPNPYNLLSGLPPSHQWYTVLDLKDAFFCLRL
HPTSQPLFAFEWRDPEMGISGQLTWTRLPQGFKNSPTLFNEALHRDLADFRIQHPDLILLQYVDDLLLAATSELDCQQGT
RALLQTLGNLGYRASAKKAQICQKQVKYLGYLLKEGQRWLTEARKETVMGQPTPKTPRQLREFLGKAGFCRLFIPGFAEM
AAPLYPLTKPGTLFNWGPDQQKAYQEIKQALLTAPALGLPDLTKPFELFVDEKQGYAKGVLTQKLGPWRRPVAYLSKKLD
PVAAGWPPCLRMVAAIAVLTKDAGKLTMGQPLVILAPHAVEALVKQPPDRWLSNARMTHYQALLLDTDRVQFGPVVALNP
ATLLPLPEEGLQHNCL
;
E
#
loop_
_chem_comp.id
_chem_comp.type
_chem_comp.name
_chem_comp.formula
2DA DNA linking 2',3'-DIDEOXYADENOSINE-5'-MONOPHOSPHATE 'C10 H14 N5 O5 P'
A RNA linking ADENOSINE-5'-MONOPHOSPHATE 'C10 H14 N5 O7 P'
C RNA linking CYTIDINE-5'-MONOPHOSPHATE 'C9 H14 N3 O8 P'
DA DNA linking 2'-DEOXYADENOSINE-5'-MONOPHOSPHATE 'C10 H14 N5 O6 P'
DC DNA linking 2'-DEOXYCYTIDINE-5'-MONOPHOSPHATE 'C9 H14 N3 O7 P'
DG DNA linking 2'-DEOXYGUANOSINE-5'-MONOPHOSPHATE 'C10 H14 N5 O7 P'
DT DNA linking THYMIDINE-5'-MONOPHOSPHATE 'C10 H15 N2 O8 P'
G RNA linking GUANOSINE-5'-MONOPHOSPHATE 'C10 H14 N5 O8 P'
U RNA linking URIDINE-5'-MONOPHOSPHATE 'C9 H13 N2 O9 P'
#
# COMPACT_ATOMS: atom_id res chain seq x y z
N ASP C 1 20.96 -12.76 -9.48
CA ASP C 1 19.56 -12.96 -9.12
C ASP C 1 19.38 -14.28 -8.36
N LYS C 2 18.57 -14.24 -7.30
CA LYS C 2 18.29 -15.41 -6.49
C LYS C 2 16.87 -15.34 -5.99
N LYS C 3 16.17 -16.47 -6.02
CA LYS C 3 14.80 -16.52 -5.53
C LYS C 3 14.75 -16.27 -4.03
N TYR C 4 13.78 -15.49 -3.60
CA TYR C 4 13.68 -15.12 -2.19
C TYR C 4 12.22 -14.86 -1.84
N SER C 5 11.95 -14.83 -0.53
CA SER C 5 10.61 -14.58 -0.01
C SER C 5 10.69 -13.52 1.08
N ILE C 6 9.61 -12.76 1.22
CA ILE C 6 9.53 -11.67 2.19
C ILE C 6 8.50 -12.03 3.24
N GLY C 7 8.91 -12.04 4.50
CA GLY C 7 8.03 -12.30 5.62
C GLY C 7 7.78 -11.02 6.42
N LEU C 8 6.52 -10.79 6.75
CA LEU C 8 6.11 -9.57 7.44
C LEU C 8 5.23 -9.92 8.63
N ALA C 9 5.29 -9.05 9.64
CA ALA C 9 4.35 -9.08 10.75
C ALA C 9 3.95 -7.65 11.04
N ILE C 10 2.65 -7.40 11.13
CA ILE C 10 2.11 -6.05 11.25
C ILE C 10 1.51 -5.88 12.64
N GLY C 11 1.91 -4.81 13.32
CA GLY C 11 1.35 -4.46 14.61
C GLY C 11 0.86 -3.03 14.61
N THR C 12 0.24 -2.65 15.73
CA THR C 12 -0.25 -1.29 15.87
C THR C 12 0.89 -0.28 15.91
N ASN C 13 2.04 -0.66 16.48
CA ASN C 13 3.17 0.25 16.59
C ASN C 13 4.49 -0.45 16.26
N SER C 14 4.46 -1.45 15.37
CA SER C 14 5.66 -2.16 14.96
C SER C 14 5.35 -2.97 13.71
N VAL C 15 6.26 -2.94 12.74
CA VAL C 15 6.13 -3.71 11.50
C VAL C 15 7.46 -4.39 11.26
N GLY C 16 7.57 -5.67 11.65
CA GLY C 16 8.78 -6.42 11.39
C GLY C 16 8.84 -6.95 9.98
N TRP C 17 10.06 -7.25 9.53
CA TRP C 17 10.26 -7.79 8.19
C TRP C 17 11.50 -8.67 8.19
N ALA C 18 11.56 -9.55 7.19
CA ALA C 18 12.69 -10.46 7.05
C ALA C 18 12.66 -11.06 5.66
N VAL C 19 13.82 -11.10 5.00
CA VAL C 19 13.97 -11.69 3.68
C VAL C 19 14.70 -13.02 3.83
N ILE C 20 14.16 -14.06 3.21
CA ILE C 20 14.73 -15.40 3.29
C ILE C 20 14.91 -15.95 1.88
N THR C 21 15.81 -16.92 1.77
CA THR C 21 16.05 -17.62 0.51
C THR C 21 15.26 -18.93 0.49
N ASP C 22 15.54 -19.77 -0.50
CA ASP C 22 14.84 -21.05 -0.62
C ASP C 22 15.23 -22.04 0.47
N GLU C 23 16.35 -21.81 1.15
CA GLU C 23 16.80 -22.68 2.25
C GLU C 23 16.47 -22.11 3.62
N TYR C 24 15.60 -21.11 3.69
CA TYR C 24 15.23 -20.45 4.94
C TYR C 24 16.43 -19.81 5.62
N LYS C 25 17.29 -19.18 4.81
CA LYS C 25 18.48 -18.51 5.29
C LYS C 25 18.38 -17.02 4.98
N VAL C 26 18.60 -16.19 5.99
CA VAL C 26 18.54 -14.74 5.80
C VAL C 26 19.83 -14.28 5.12
N PRO C 27 19.75 -13.59 3.99
CA PRO C 27 20.97 -13.14 3.30
C PRO C 27 21.65 -11.96 3.99
N SER C 28 22.71 -11.45 3.37
CA SER C 28 23.44 -10.30 3.92
C SER C 28 24.28 -9.70 2.79
N LYS C 29 24.20 -8.38 2.64
CA LYS C 29 24.95 -7.69 1.59
C LYS C 29 25.50 -6.39 2.13
N LYS C 30 26.54 -5.88 1.44
CA LYS C 30 27.16 -4.63 1.81
C LYS C 30 26.36 -3.46 1.26
N PHE C 31 26.09 -2.47 2.11
CA PHE C 31 25.32 -1.30 1.74
C PHE C 31 26.20 -0.06 1.81
N LYS C 32 26.17 0.74 0.74
CA LYS C 32 26.95 1.96 0.72
C LYS C 32 26.40 2.98 1.72
N VAL C 33 27.30 3.79 2.26
CA VAL C 33 26.96 4.83 3.22
C VAL C 33 27.33 6.18 2.63
N LEU C 34 26.38 7.09 2.60
CA LEU C 34 26.62 8.44 2.08
C LEU C 34 27.03 9.35 3.23
N GLY C 35 27.07 10.65 2.96
CA GLY C 35 27.42 11.63 3.97
C GLY C 35 28.82 12.17 3.84
N ASN C 36 29.48 12.39 4.97
CA ASN C 36 30.84 12.92 4.96
C ASN C 36 31.78 12.19 5.92
N THR C 37 31.32 11.15 6.61
CA THR C 37 32.18 10.41 7.52
C THR C 37 33.16 9.55 6.74
N ASP C 38 34.15 9.02 7.46
CA ASP C 38 35.18 8.21 6.82
C ASP C 38 34.63 6.86 6.36
N ARG C 39 33.62 6.33 7.04
CA ARG C 39 33.03 5.06 6.67
C ARG C 39 32.34 5.16 5.31
N HIS C 40 32.60 4.19 4.44
CA HIS C 40 32.06 4.20 3.09
C HIS C 40 31.23 2.97 2.76
N SER C 41 31.16 1.98 3.65
CA SER C 41 30.39 0.78 3.41
C SER C 41 30.04 0.15 4.75
N ILE C 42 28.99 -0.66 4.75
CA ILE C 42 28.55 -1.33 5.96
C ILE C 42 27.83 -2.62 5.57
N LYS C 43 28.02 -3.66 6.37
CA LYS C 43 27.38 -4.95 6.14
C LYS C 43 26.19 -5.09 7.08
N LYS C 44 25.06 -5.51 6.53
CA LYS C 44 23.83 -5.61 7.31
C LYS C 44 23.03 -6.84 6.92
N ASN C 45 22.48 -7.52 7.92
CA ASN C 45 21.58 -8.63 7.67
C ASN C 45 20.23 -8.11 7.18
N LEU C 46 19.62 -8.86 6.27
CA LEU C 46 18.32 -8.48 5.70
C LEU C 46 17.20 -8.98 6.62
N ILE C 47 17.16 -8.41 7.82
CA ILE C 47 16.15 -8.72 8.81
C ILE C 47 16.09 -7.56 9.79
N GLY C 48 14.89 -7.15 10.16
CA GLY C 48 14.75 -6.03 11.06
C GLY C 48 13.30 -5.76 11.37
N ALA C 49 13.07 -4.60 12.01
CA ALA C 49 11.74 -4.18 12.38
C ALA C 49 11.70 -2.66 12.43
N LEU C 50 10.52 -2.11 12.16
CA LEU C 50 10.29 -0.66 12.17
C LEU C 50 9.31 -0.33 13.29
N LEU C 51 9.70 0.58 14.16
CA LEU C 51 8.88 0.99 15.29
C LEU C 51 8.41 2.43 15.09
N PHE C 52 7.16 2.69 15.45
CA PHE C 52 6.59 4.02 15.30
C PHE C 52 5.52 4.22 16.36
N ASP C 53 5.20 5.49 16.62
CA ASP C 53 4.12 5.82 17.54
C ASP C 53 2.78 5.43 16.94
N SER C 54 1.86 4.99 17.79
CA SER C 54 0.56 4.53 17.32
C SER C 54 -0.25 5.69 16.73
N GLY C 55 -1.07 5.36 15.75
CA GLY C 55 -1.94 6.35 15.14
C GLY C 55 -3.08 6.74 16.06
N GLU C 56 -3.72 7.86 15.73
CA GLU C 56 -4.78 8.43 16.54
C GLU C 56 -6.01 8.70 15.69
N THR C 57 -7.17 8.64 16.32
CA THR C 57 -8.44 8.95 15.67
C THR C 57 -8.69 10.45 15.69
N ALA C 58 -9.73 10.87 14.98
CA ALA C 58 -10.11 12.27 14.88
C ALA C 58 -11.18 12.66 15.88
N GLU C 59 -11.45 11.80 16.88
CA GLU C 59 -12.47 12.11 17.87
C GLU C 59 -12.11 13.34 18.69
N ALA C 60 -10.85 13.43 19.13
CA ALA C 60 -10.43 14.57 19.93
C ALA C 60 -10.49 15.86 19.10
N THR C 61 -10.05 15.81 17.85
CA THR C 61 -10.11 16.98 17.00
C THR C 61 -11.55 17.42 16.77
N ARG C 62 -12.45 16.45 16.56
CA ARG C 62 -13.86 16.79 16.38
C ARG C 62 -14.45 17.43 17.62
N LEU C 63 -14.11 16.92 18.80
CA LEU C 63 -14.60 17.51 20.04
C LEU C 63 -14.06 18.93 20.22
N LYS C 64 -12.79 19.14 19.91
CA LYS C 64 -12.22 20.49 20.02
C LYS C 64 -12.91 21.45 19.06
N ARG C 65 -13.16 21.01 17.82
CA ARG C 65 -13.85 21.85 16.85
C ARG C 65 -15.25 22.20 17.31
N THR C 66 -15.97 21.22 17.86
CA THR C 66 -17.31 21.50 18.36
C THR C 66 -17.27 22.51 19.51
N ALA C 67 -16.29 22.37 20.41
CA ALA C 67 -16.17 23.33 21.51
C ALA C 67 -15.89 24.74 20.99
N ARG C 68 -15.01 24.86 19.99
CA ARG C 68 -14.73 26.18 19.42
C ARG C 68 -15.99 26.80 18.82
N ARG C 69 -16.75 25.99 18.07
CA ARG C 69 -17.98 26.50 17.47
C ARG C 69 -18.98 26.93 18.54
N ARG C 70 -19.09 26.15 19.61
CA ARG C 70 -20.01 26.49 20.69
C ARG C 70 -19.63 27.82 21.35
N TYR C 71 -18.34 28.01 21.62
CA TYR C 71 -17.90 29.27 22.22
C TYR C 71 -18.18 30.45 21.29
N THR C 72 -17.91 30.29 19.99
CA THR C 72 -18.18 31.36 19.05
C THR C 72 -19.66 31.71 19.02
N ARG C 73 -20.52 30.70 19.03
CA ARG C 73 -21.96 30.96 18.99
C ARG C 73 -22.44 31.62 20.28
N ARG C 74 -21.87 31.25 21.43
CA ARG C 74 -22.23 31.91 22.69
C ARG C 74 -21.86 33.39 22.66
N LYS C 75 -20.67 33.70 22.17
CA LYS C 75 -20.27 35.10 22.06
C LYS C 75 -21.19 35.84 21.10
N ASN C 76 -21.62 35.18 20.02
CA ASN C 76 -22.55 35.81 19.09
C ASN C 76 -23.89 36.10 19.75
N ARG C 77 -24.36 35.18 20.60
CA ARG C 77 -25.60 35.42 21.34
C ARG C 77 -25.47 36.65 22.23
N ILE C 78 -24.36 36.76 22.95
CA ILE C 78 -24.13 37.92 23.80
C ILE C 78 -24.10 39.20 22.97
N CYS C 79 -23.45 39.14 21.80
CA CYS C 79 -23.39 40.30 20.93
C CYS C 79 -24.77 40.71 20.43
N TYR C 80 -25.61 39.73 20.10
CA TYR C 80 -26.97 40.04 19.67
C TYR C 80 -27.75 40.75 20.77
N LEU C 81 -27.64 40.25 22.01
CA LEU C 81 -28.33 40.91 23.12
C LEU C 81 -27.83 42.34 23.32
N GLN C 82 -26.51 42.53 23.25
CA GLN C 82 -25.96 43.88 23.40
C GLN C 82 -26.42 44.79 22.28
N GLU C 83 -26.49 44.28 21.05
CA GLU C 83 -26.98 45.09 19.94
C GLU C 83 -28.44 45.50 20.16
N ILE C 84 -29.23 44.61 20.72
CA ILE C 84 -30.62 44.96 21.04
C ILE C 84 -30.65 46.07 22.08
N PHE C 85 -29.84 45.97 23.13
CA PHE C 85 -29.93 46.88 24.26
C PHE C 85 -29.19 48.20 24.04
N SER C 86 -28.33 48.30 23.01
CA SER C 86 -27.36 49.38 22.93
C SER C 86 -28.00 50.77 22.87
N ASN C 87 -29.11 50.90 22.13
CA ASN C 87 -29.68 52.23 21.91
C ASN C 87 -30.10 52.89 23.22
N GLU C 88 -30.72 52.13 24.12
CA GLU C 88 -31.11 52.67 25.42
C GLU C 88 -29.99 52.59 26.44
N MET C 89 -29.07 51.63 26.30
CA MET C 89 -27.92 51.59 27.18
C MET C 89 -27.05 52.81 26.99
N ALA C 90 -27.04 53.39 25.78
CA ALA C 90 -26.28 54.61 25.55
C ALA C 90 -26.78 55.74 26.42
N LYS C 91 -28.10 55.86 26.57
CA LYS C 91 -28.64 56.91 27.42
C LYS C 91 -28.47 56.58 28.90
N VAL C 92 -28.72 55.32 29.29
CA VAL C 92 -28.67 54.98 30.72
C VAL C 92 -27.23 55.04 31.24
N ASP C 93 -26.31 54.37 30.55
CA ASP C 93 -24.90 54.39 30.93
C ASP C 93 -24.10 54.02 29.69
N ASP C 94 -23.43 55.01 29.09
CA ASP C 94 -22.83 54.82 27.77
C ASP C 94 -21.74 53.74 27.78
N SER C 95 -20.90 53.73 28.81
CA SER C 95 -19.72 52.87 28.84
C SER C 95 -19.95 51.58 29.62
N PHE C 96 -21.21 51.15 29.77
CA PHE C 96 -21.49 49.92 30.53
C PHE C 96 -20.92 48.69 29.84
N PHE C 97 -21.20 48.54 28.55
CA PHE C 97 -20.69 47.39 27.81
C PHE C 97 -19.17 47.45 27.67
N HIS C 98 -18.62 48.65 27.51
CA HIS C 98 -17.17 48.78 27.46
C HIS C 98 -16.53 48.35 28.76
N ARG C 99 -17.13 48.73 29.90
CA ARG C 99 -16.64 48.27 31.19
C ARG C 99 -16.77 46.76 31.32
N LEU C 100 -17.86 46.19 30.79
CA LEU C 100 -18.05 44.74 30.85
C LEU C 100 -16.98 44.01 30.04
N GLU C 101 -16.58 44.56 28.90
CA GLU C 101 -15.60 43.88 28.05
C GLU C 101 -14.22 43.81 28.68
N GLU C 102 -13.87 44.79 29.51
CA GLU C 102 -12.53 44.88 30.10
C GLU C 102 -12.51 44.51 31.57
N SER C 103 -13.41 43.60 31.99
CA SER C 103 -13.35 43.10 33.36
C SER C 103 -12.07 42.33 33.60
N PHE C 104 -11.64 41.52 32.62
CA PHE C 104 -10.37 40.81 32.68
C PHE C 104 -9.27 41.79 32.30
N LEU C 105 -8.90 42.64 33.25
CA LEU C 105 -7.86 43.63 33.04
C LEU C 105 -7.43 44.16 34.40
N VAL C 106 -6.14 44.37 34.58
CA VAL C 106 -5.63 44.93 35.83
C VAL C 106 -6.02 46.40 35.90
N GLU C 107 -5.85 47.01 37.07
CA GLU C 107 -6.31 48.38 37.27
C GLU C 107 -5.61 49.35 36.32
N GLU C 108 -4.30 49.16 36.12
CA GLU C 108 -3.56 50.06 35.24
C GLU C 108 -4.00 49.92 33.79
N ASP C 109 -4.29 48.69 33.35
CA ASP C 109 -4.66 48.47 31.96
C ASP C 109 -6.06 48.96 31.63
N LYS C 110 -6.95 49.00 32.63
CA LYS C 110 -8.31 49.46 32.40
C LYS C 110 -8.33 50.92 31.98
N LYS C 111 -9.12 51.22 30.96
CA LYS C 111 -9.34 52.60 30.53
C LYS C 111 -10.60 53.20 31.12
N HIS C 112 -11.33 52.45 31.95
CA HIS C 112 -12.50 52.98 32.64
C HIS C 112 -12.39 52.65 34.13
N GLU C 113 -13.45 52.91 34.89
CA GLU C 113 -13.46 52.56 36.29
C GLU C 113 -13.42 51.04 36.47
N ARG C 114 -12.72 50.60 37.51
CA ARG C 114 -12.57 49.17 37.75
C ARG C 114 -13.88 48.49 38.13
N HIS C 115 -14.88 49.27 38.52
CA HIS C 115 -16.18 48.71 38.89
C HIS C 115 -17.03 48.51 37.64
N PRO C 116 -17.47 47.29 37.35
CA PRO C 116 -18.01 47.00 36.01
C PRO C 116 -19.48 47.32 35.82
N ILE C 117 -20.27 47.34 36.88
CA ILE C 117 -21.72 47.48 36.77
C ILE C 117 -22.16 48.93 36.90
N PHE C 118 -21.74 49.61 37.98
CA PHE C 118 -22.15 50.98 38.23
C PHE C 118 -21.02 51.99 38.09
N GLY C 119 -19.76 51.56 38.27
CA GLY C 119 -18.63 52.44 38.12
C GLY C 119 -18.16 53.12 39.38
N ASN C 120 -18.90 53.00 40.49
CA ASN C 120 -18.48 53.59 41.75
C ASN C 120 -18.62 52.59 42.88
N ILE C 121 -17.74 52.72 43.87
CA ILE C 121 -17.61 51.72 44.93
C ILE C 121 -18.86 51.68 45.79
N VAL C 122 -19.47 52.83 46.05
CA VAL C 122 -20.66 52.87 46.90
C VAL C 122 -21.78 52.04 46.27
N ASP C 123 -22.07 52.28 44.99
CA ASP C 123 -23.12 51.54 44.31
C ASP C 123 -22.75 50.07 44.15
N GLU C 124 -21.48 49.77 43.91
CA GLU C 124 -21.06 48.37 43.78
C GLU C 124 -21.30 47.60 45.07
N VAL C 125 -20.88 48.17 46.20
CA VAL C 125 -21.07 47.51 47.48
C VAL C 125 -22.55 47.40 47.81
N ALA C 126 -23.33 48.46 47.53
CA ALA C 126 -24.76 48.40 47.81
C ALA C 126 -25.43 47.29 47.01
N TYR C 127 -25.10 47.19 45.71
CA TYR C 127 -25.70 46.17 44.86
C TYR C 127 -25.31 44.77 45.33
N HIS C 128 -24.03 44.57 45.66
CA HIS C 128 -23.60 43.24 46.07
C HIS C 128 -24.15 42.85 47.44
N GLU C 129 -24.43 43.84 48.30
CA GLU C 129 -25.08 43.54 49.56
C GLU C 129 -26.56 43.22 49.37
N LYS C 130 -27.22 43.94 48.47
CA LYS C 130 -28.64 43.67 48.22
C LYS C 130 -28.85 42.32 47.56
N TYR C 131 -28.04 42.01 46.55
CA TYR C 131 -28.12 40.74 45.82
C TYR C 131 -26.78 40.03 45.93
N PRO C 132 -26.62 39.15 46.94
CA PRO C 132 -25.35 38.41 47.05
C PRO C 132 -25.04 37.55 45.85
N THR C 133 -26.06 37.00 45.18
CA THR C 133 -25.89 36.17 44.00
C THR C 133 -26.77 36.69 42.89
N ILE C 134 -26.51 36.19 41.67
CA ILE C 134 -27.29 36.59 40.51
C ILE C 134 -28.72 36.05 40.61
N TYR C 135 -28.90 34.96 41.34
CA TYR C 135 -30.24 34.38 41.49
C TYR C 135 -31.14 35.28 42.33
N HIS C 136 -30.59 35.98 43.31
CA HIS C 136 -31.38 36.96 44.06
C HIS C 136 -31.90 38.05 43.14
N LEU C 137 -31.03 38.57 42.27
CA LEU C 137 -31.45 39.59 41.32
C LEU C 137 -32.47 39.06 40.34
N ARG C 138 -32.28 37.82 39.87
CA ARG C 138 -33.23 37.23 38.92
C ARG C 138 -34.60 37.06 39.56
N LYS C 139 -34.65 36.56 40.79
CA LYS C 139 -35.94 36.38 41.47
C LYS C 139 -36.59 37.73 41.75
N LYS C 140 -35.81 38.73 42.15
CA LYS C 140 -36.37 40.05 42.38
C LYS C 140 -36.95 40.64 41.09
N LEU C 141 -36.24 40.48 39.98
CA LEU C 141 -36.76 40.97 38.71
C LEU C 141 -38.02 40.23 38.29
N VAL C 142 -38.06 38.92 38.50
CA VAL C 142 -39.26 38.15 38.13
C VAL C 142 -40.46 38.57 38.95
N ASP C 143 -40.27 38.74 40.27
CA ASP C 143 -41.38 38.92 41.19
C ASP C 143 -41.82 40.37 41.32
N SER C 144 -40.88 41.30 41.51
CA SER C 144 -41.22 42.69 41.77
C SER C 144 -41.90 43.31 40.55
N THR C 145 -42.72 44.31 40.81
CA THR C 145 -43.53 44.96 39.77
C THR C 145 -43.13 46.39 39.49
N ASP C 146 -42.19 46.96 40.24
CA ASP C 146 -41.79 48.34 40.02
C ASP C 146 -40.72 48.43 38.94
N LYS C 147 -40.33 49.67 38.62
CA LYS C 147 -39.28 49.89 37.62
C LYS C 147 -37.95 49.38 38.13
N ALA C 148 -37.13 48.84 37.22
CA ALA C 148 -35.85 48.27 37.56
C ALA C 148 -34.77 48.89 36.69
N ASP C 149 -33.53 48.85 37.20
CA ASP C 149 -32.40 49.41 36.49
C ASP C 149 -32.12 48.62 35.22
N LEU C 150 -31.87 49.34 34.12
CA LEU C 150 -31.64 48.67 32.85
C LEU C 150 -30.38 47.83 32.89
N ARG C 151 -29.36 48.26 33.63
CA ARG C 151 -28.15 47.47 33.75
C ARG C 151 -28.44 46.13 34.44
N LEU C 152 -29.23 46.15 35.51
CA LEU C 152 -29.59 44.92 36.20
C LEU C 152 -30.45 44.02 35.31
N ILE C 153 -31.38 44.61 34.56
CA ILE C 153 -32.20 43.83 33.65
C ILE C 153 -31.33 43.13 32.60
N TYR C 154 -30.39 43.88 32.03
CA TYR C 154 -29.48 43.29 31.04
C TYR C 154 -28.63 42.20 31.68
N LEU C 155 -28.16 42.42 32.90
CA LEU C 155 -27.32 41.42 33.56
C LEU C 155 -28.07 40.11 33.75
N ALA C 156 -29.32 40.19 34.23
CA ALA C 156 -30.10 38.97 34.43
C ALA C 156 -30.40 38.29 33.10
N LEU C 157 -30.81 39.06 32.08
CA LEU C 157 -31.10 38.47 30.79
C LEU C 157 -29.85 37.84 30.17
N ALA C 158 -28.70 38.49 30.32
CA ALA C 158 -27.45 37.98 29.78
C ALA C 158 -27.04 36.69 30.48
N HIS C 159 -27.20 36.62 31.79
CA HIS C 159 -26.90 35.37 32.50
C HIS C 159 -27.79 34.25 32.00
N MET C 160 -29.10 34.53 31.86
CA MET C 160 -30.02 33.51 31.38
C MET C 160 -29.68 33.04 29.98
N ILE C 161 -29.33 33.98 29.09
CA ILE C 161 -29.04 33.65 27.70
C ILE C 161 -27.72 32.89 27.60
N LYS C 162 -26.70 33.33 28.35
CA LYS C 162 -25.41 32.66 28.31
C LYS C 162 -25.50 31.24 28.82
N PHE C 163 -26.23 31.02 29.92
CA PHE C 163 -26.39 29.69 30.49
C PHE C 163 -27.85 29.30 30.35
N ARG C 164 -28.17 28.54 29.29
CA ARG C 164 -29.55 28.25 28.94
C ARG C 164 -30.06 26.96 29.61
N GLY C 165 -29.41 25.85 29.36
CA GLY C 165 -29.86 24.56 29.82
C GLY C 165 -29.98 23.57 28.67
N HIS C 166 -30.17 22.31 29.06
CA HIS C 166 -30.21 21.24 28.07
C HIS C 166 -31.48 21.32 27.23
N PHE C 167 -31.38 20.86 25.99
CA PHE C 167 -32.50 20.82 25.06
C PHE C 167 -33.06 19.41 24.90
N LEU C 168 -32.90 18.57 25.92
CA LEU C 168 -33.35 17.18 25.83
C LEU C 168 -34.86 17.10 25.69
N ILE C 169 -35.59 17.92 26.43
CA ILE C 169 -37.04 17.90 26.41
C ILE C 169 -37.54 18.92 25.40
N GLU C 170 -38.24 18.44 24.38
CA GLU C 170 -38.81 19.31 23.36
C GLU C 170 -40.17 19.80 23.83
N GLY C 171 -40.92 20.45 22.94
CA GLY C 171 -42.21 20.96 23.35
C GLY C 171 -42.06 22.15 24.28
N ASP C 172 -43.06 22.31 25.16
CA ASP C 172 -43.07 23.41 26.12
C ASP C 172 -43.35 22.88 27.51
N LEU C 173 -42.82 23.57 28.51
CA LEU C 173 -42.96 23.19 29.91
C LEU C 173 -43.58 24.36 30.67
N ASN C 174 -44.53 24.06 31.54
CA ASN C 174 -45.11 25.08 32.41
C ASN C 174 -44.69 24.80 33.85
N PRO C 175 -43.87 25.66 34.46
CA PRO C 175 -43.40 25.36 35.83
C PRO C 175 -44.46 25.49 36.90
N ASP C 176 -45.67 25.94 36.56
CA ASP C 176 -46.71 26.08 37.57
C ASP C 176 -47.17 24.74 38.14
N ASN C 177 -46.94 23.65 37.41
CA ASN C 177 -47.22 22.30 37.91
C ASN C 177 -46.00 21.84 38.70
N SER C 178 -46.12 21.82 40.02
CA SER C 178 -45.01 21.47 40.90
C SER C 178 -45.32 20.23 41.73
N ASP C 179 -46.48 20.17 42.36
CA ASP C 179 -46.82 19.04 43.21
C ASP C 179 -47.05 17.80 42.36
N VAL C 180 -46.74 16.64 42.94
CA VAL C 180 -46.87 15.35 42.26
C VAL C 180 -48.12 14.61 42.71
N ASP C 181 -48.28 14.45 44.03
CA ASP C 181 -49.43 13.69 44.55
C ASP C 181 -50.74 14.39 44.23
N LYS C 182 -50.79 15.72 44.40
CA LYS C 182 -52.03 16.45 44.12
C LYS C 182 -52.40 16.35 42.65
N LEU C 183 -51.42 16.47 41.75
CA LEU C 183 -51.70 16.36 40.33
C LEU C 183 -52.10 14.94 39.95
N PHE C 184 -51.50 13.94 40.60
CA PHE C 184 -51.93 12.55 40.38
C PHE C 184 -53.36 12.35 40.82
N ILE C 185 -53.74 12.92 41.97
CA ILE C 185 -55.12 12.84 42.43
C ILE C 185 -56.07 13.52 41.45
N GLN C 186 -55.65 14.67 40.91
CA GLN C 186 -56.48 15.38 39.93
C GLN C 186 -56.67 14.55 38.67
N LEU C 187 -55.58 13.91 38.21
CA LEU C 187 -55.68 13.02 37.05
C LEU C 187 -56.59 11.83 37.34
N VAL C 188 -56.51 11.27 38.56
CA VAL C 188 -57.39 10.17 38.92
C VAL C 188 -58.84 10.62 38.94
N GLN C 189 -59.10 11.84 39.40
CA GLN C 189 -60.45 12.38 39.37
C GLN C 189 -60.96 12.50 37.94
N THR C 190 -60.13 13.00 37.03
CA THR C 190 -60.53 13.05 35.62
C THR C 190 -60.78 11.65 35.07
N TYR C 191 -59.93 10.68 35.43
CA TYR C 191 -60.10 9.31 34.99
C TYR C 191 -61.44 8.75 35.45
N ASN C 192 -61.79 8.98 36.72
CA ASN C 192 -63.06 8.51 37.24
C ASN C 192 -64.23 9.21 36.56
N GLN C 193 -64.11 10.51 36.34
CA GLN C 193 -65.20 11.26 35.70
C GLN C 193 -65.44 10.77 34.28
N LEU C 194 -64.38 10.53 33.52
CA LEU C 194 -64.54 10.08 32.13
C LEU C 194 -64.98 8.62 32.09
N PHE C 195 -64.16 7.72 32.63
CA PHE C 195 -64.48 6.28 32.64
C PHE C 195 -65.21 5.97 33.94
N GLU C 196 -66.51 6.28 33.96
CA GLU C 196 -67.33 6.10 35.13
C GLU C 196 -67.84 4.68 35.29
N GLU C 197 -67.56 3.80 34.33
CA GLU C 197 -68.01 2.41 34.44
C GLU C 197 -67.36 1.71 35.62
N ASN C 198 -66.05 1.90 35.81
CA ASN C 198 -65.32 1.26 36.89
C ASN C 198 -64.59 2.32 37.69
N PRO C 199 -64.69 2.30 39.02
CA PRO C 199 -63.99 3.30 39.83
C PRO C 199 -62.49 3.06 39.87
N ILE C 200 -61.75 4.13 40.09
CA ILE C 200 -60.30 4.08 40.27
C ILE C 200 -59.93 4.98 41.44
N ASN C 201 -59.37 4.39 42.49
CA ASN C 201 -59.02 5.13 43.70
C ASN C 201 -57.59 4.81 44.09
N ALA C 202 -56.86 5.85 44.51
CA ALA C 202 -55.46 5.72 44.92
C ALA C 202 -55.26 6.18 46.36
N SER C 203 -56.30 6.07 47.18
CA SER C 203 -56.21 6.49 48.57
C SER C 203 -55.24 5.59 49.34
N GLY C 204 -54.43 6.21 50.19
CA GLY C 204 -53.45 5.46 50.96
C GLY C 204 -52.25 4.97 50.16
N VAL C 205 -51.99 5.55 49.01
CA VAL C 205 -50.87 5.17 48.15
C VAL C 205 -49.91 6.33 48.07
N ASP C 206 -48.64 6.09 48.40
CA ASP C 206 -47.61 7.12 48.38
C ASP C 206 -47.19 7.37 46.92
N ALA C 207 -48.07 8.06 46.20
CA ALA C 207 -47.83 8.32 44.78
C ALA C 207 -46.60 9.19 44.58
N LYS C 208 -46.42 10.20 45.43
CA LYS C 208 -45.27 11.09 45.29
C LYS C 208 -43.96 10.32 45.45
N ALA C 209 -43.89 9.47 46.48
CA ALA C 209 -42.67 8.70 46.71
C ALA C 209 -42.45 7.66 45.63
N ILE C 210 -43.52 7.05 45.13
CA ILE C 210 -43.40 6.04 44.08
C ILE C 210 -42.90 6.67 42.79
N LEU C 211 -43.50 7.79 42.38
CA LEU C 211 -43.15 8.41 41.11
C LEU C 211 -41.82 9.15 41.17
N SER C 212 -41.50 9.77 42.30
CA SER C 212 -40.26 10.53 42.43
C SER C 212 -39.06 9.65 42.78
N ALA C 213 -39.24 8.33 42.78
CA ALA C 213 -38.17 7.42 43.11
C ALA C 213 -37.05 7.48 42.07
N ARG C 214 -35.83 7.25 42.52
CA ARG C 214 -34.66 7.28 41.64
C ARG C 214 -34.54 6.03 40.78
N LEU C 215 -35.43 5.06 40.93
CA LEU C 215 -35.39 3.85 40.13
C LEU C 215 -35.76 4.17 38.68
N SER C 216 -35.75 3.12 37.85
CA SER C 216 -36.06 3.27 36.43
C SER C 216 -37.53 3.66 36.24
N LYS C 217 -37.80 4.23 35.07
CA LYS C 217 -39.17 4.61 34.74
C LYS C 217 -40.07 3.39 34.65
N SER C 218 -39.58 2.30 34.05
CA SER C 218 -40.36 1.08 34.00
C SER C 218 -40.61 0.52 35.40
N ARG C 219 -39.61 0.57 36.27
CA ARG C 219 -39.80 0.12 37.65
C ARG C 219 -40.85 0.95 38.37
N ARG C 220 -40.81 2.28 38.17
CA ARG C 220 -41.81 3.15 38.79
C ARG C 220 -43.20 2.84 38.26
N LEU C 221 -43.32 2.58 36.95
CA LEU C 221 -44.62 2.22 36.38
C LEU C 221 -45.12 0.91 36.97
N GLU C 222 -44.24 -0.07 37.12
CA GLU C 222 -44.63 -1.34 37.72
C GLU C 222 -45.08 -1.16 39.16
N ASN C 223 -44.36 -0.36 39.93
CA ASN C 223 -44.74 -0.11 41.32
C ASN C 223 -46.09 0.59 41.40
N LEU C 224 -46.32 1.60 40.55
CA LEU C 224 -47.59 2.29 40.57
C LEU C 224 -48.74 1.38 40.17
N ILE C 225 -48.51 0.50 39.19
CA ILE C 225 -49.54 -0.45 38.78
C ILE C 225 -49.84 -1.42 39.92
N ALA C 226 -48.79 -1.95 40.56
CA ALA C 226 -48.98 -2.92 41.63
C ALA C 226 -49.72 -2.31 42.83
N GLN C 227 -49.35 -1.09 43.20
CA GLN C 227 -49.98 -0.41 44.32
C GLN C 227 -51.33 0.22 43.98
N LEU C 228 -51.91 -0.13 42.83
CA LEU C 228 -53.21 0.39 42.42
C LEU C 228 -54.12 -0.78 42.08
N PRO C 229 -55.24 -0.95 42.78
CA PRO C 229 -56.12 -2.08 42.48
C PRO C 229 -57.08 -1.78 41.33
N GLY C 230 -57.56 -2.87 40.72
CA GLY C 230 -58.55 -2.78 39.67
C GLY C 230 -58.01 -2.61 38.27
N GLU C 231 -56.71 -2.44 38.11
CA GLU C 231 -56.12 -2.29 36.79
C GLU C 231 -54.69 -2.82 36.80
N LYS C 232 -54.21 -3.21 35.62
CA LYS C 232 -52.87 -3.75 35.49
C LYS C 232 -52.09 -3.05 34.39
N LYS C 233 -50.91 -3.57 34.05
CA LYS C 233 -50.10 -2.98 32.99
C LYS C 233 -50.79 -3.14 31.63
N ASN C 234 -50.45 -2.24 30.71
CA ASN C 234 -50.97 -2.17 29.35
C ASN C 234 -52.45 -1.85 29.30
N GLY C 235 -53.06 -1.44 30.42
CA GLY C 235 -54.40 -0.93 30.41
C GLY C 235 -54.43 0.52 29.96
N LEU C 236 -55.63 1.10 29.98
CA LEU C 236 -55.74 2.52 29.66
C LEU C 236 -55.02 3.37 30.70
N PHE C 237 -55.27 3.09 31.98
CA PHE C 237 -54.59 3.81 33.05
C PHE C 237 -53.08 3.55 33.02
N GLY C 238 -52.69 2.30 32.77
CA GLY C 238 -51.27 1.99 32.68
C GLY C 238 -50.58 2.71 31.53
N ASN C 239 -51.25 2.78 30.38
CA ASN C 239 -50.68 3.50 29.25
C ASN C 239 -50.58 4.99 29.55
N LEU C 240 -51.60 5.57 30.19
CA LEU C 240 -51.54 6.98 30.56
C LEU C 240 -50.38 7.24 31.51
N ILE C 241 -50.20 6.37 32.52
CA ILE C 241 -49.12 6.55 33.47
C ILE C 241 -47.78 6.40 32.80
N ALA C 242 -47.63 5.43 31.89
CA ALA C 242 -46.38 5.25 31.17
C ALA C 242 -46.05 6.46 30.31
N LEU C 243 -47.05 7.01 29.62
CA LEU C 243 -46.84 8.20 28.83
C LEU C 243 -46.43 9.37 29.71
N SER C 244 -47.05 9.51 30.89
CA SER C 244 -46.69 10.58 31.81
C SER C 244 -45.25 10.42 32.30
N LEU C 245 -44.84 9.21 32.66
CA LEU C 245 -43.50 9.04 33.21
C LEU C 245 -42.41 9.02 32.13
N GLY C 246 -42.78 8.85 30.87
CA GLY C 246 -41.78 8.94 29.82
C GLY C 246 -41.78 7.78 28.85
N LEU C 247 -42.28 6.63 29.28
CA LEU C 247 -42.35 5.48 28.40
C LEU C 247 -43.33 5.74 27.26
N THR C 248 -43.10 5.06 26.13
CA THR C 248 -43.94 5.25 24.96
C THR C 248 -44.94 4.11 24.88
N PRO C 249 -46.21 4.34 25.20
CA PRO C 249 -47.19 3.26 25.17
C PRO C 249 -47.96 3.20 23.86
N ASN C 250 -48.28 1.97 23.46
CA ASN C 250 -49.14 1.75 22.30
C ASN C 250 -50.60 1.80 22.74
N PHE C 251 -51.37 2.70 22.14
CA PHE C 251 -52.77 2.90 22.50
C PHE C 251 -53.72 2.07 21.67
N LYS C 252 -53.20 1.18 20.81
CA LYS C 252 -54.08 0.34 20.00
C LYS C 252 -54.93 -0.58 20.86
N SER C 253 -54.32 -1.19 21.88
CA SER C 253 -55.08 -2.09 22.75
C SER C 253 -56.15 -1.36 23.55
N ASN C 254 -55.98 -0.06 23.79
CA ASN C 254 -56.94 0.69 24.59
C ASN C 254 -58.21 1.00 23.81
N PHE C 255 -58.13 1.13 22.49
CA PHE C 255 -59.29 1.55 21.71
C PHE C 255 -59.50 0.75 20.42
N ASP C 256 -58.70 -0.31 20.19
CA ASP C 256 -58.82 -1.13 18.99
C ASP C 256 -58.70 -0.29 17.72
N LEU C 257 -57.68 0.57 17.70
CA LEU C 257 -57.48 1.48 16.58
C LEU C 257 -56.85 0.82 15.36
N ALA C 258 -56.23 -0.34 15.54
CA ALA C 258 -55.57 -1.12 14.48
C ALA C 258 -54.36 -0.39 13.88
N GLU C 259 -53.86 0.65 14.52
CA GLU C 259 -52.63 1.32 14.13
C GLU C 259 -51.67 1.36 15.32
N ASP C 260 -50.46 1.85 15.07
CA ASP C 260 -49.46 1.92 16.14
C ASP C 260 -49.92 2.84 17.26
N ALA C 261 -50.30 4.07 16.93
CA ALA C 261 -50.85 5.02 17.90
C ALA C 261 -49.92 5.18 19.10
N LYS C 262 -48.62 5.29 18.83
CA LYS C 262 -47.62 5.43 19.88
C LYS C 262 -47.29 6.90 20.08
N LEU C 263 -47.34 7.35 21.33
CA LEU C 263 -47.09 8.74 21.68
C LEU C 263 -45.90 8.83 22.62
N GLN C 264 -45.03 9.81 22.37
CA GLN C 264 -43.97 10.17 23.29
C GLN C 264 -44.15 11.62 23.67
N LEU C 265 -44.20 11.89 24.98
CA LEU C 265 -44.57 13.21 25.44
C LEU C 265 -43.45 14.23 25.21
N SER C 266 -42.19 13.80 25.36
CA SER C 266 -41.08 14.72 25.18
C SER C 266 -40.82 15.05 23.72
N LYS C 267 -41.22 14.17 22.80
CA LYS C 267 -40.94 14.39 21.39
C LYS C 267 -41.79 15.54 20.83
N ASP C 268 -41.27 16.16 19.77
CA ASP C 268 -41.96 17.27 19.12
C ASP C 268 -43.15 16.85 18.27
N THR C 269 -43.28 15.56 17.95
CA THR C 269 -44.40 15.07 17.14
C THR C 269 -45.61 14.71 17.99
N TYR C 270 -45.54 14.90 19.30
CA TYR C 270 -46.65 14.55 20.17
C TYR C 270 -47.90 15.34 19.84
N ASP C 271 -47.75 16.61 19.42
CA ASP C 271 -48.91 17.42 19.09
C ASP C 271 -49.72 16.78 17.96
N ASP C 272 -49.05 16.45 16.85
CA ASP C 272 -49.75 15.85 15.72
C ASP C 272 -50.26 14.45 16.06
N ASP C 273 -49.47 13.68 16.82
CA ASP C 273 -49.91 12.33 17.19
C ASP C 273 -51.19 12.39 18.01
N LEU C 274 -51.21 13.25 19.04
CA LEU C 274 -52.40 13.40 19.86
C LEU C 274 -53.55 13.98 19.06
N ASP C 275 -53.26 14.88 18.11
CA ASP C 275 -54.33 15.44 17.29
C ASP C 275 -55.03 14.35 16.49
N ASN C 276 -54.26 13.50 15.81
CA ASN C 276 -54.89 12.43 15.02
C ASN C 276 -55.58 11.42 15.92
N LEU C 277 -54.97 11.09 17.07
CA LEU C 277 -55.59 10.15 17.99
C LEU C 277 -56.92 10.67 18.52
N LEU C 278 -56.97 11.95 18.88
CA LEU C 278 -58.21 12.53 19.37
C LEU C 278 -59.25 12.64 18.26
N ALA C 279 -58.81 12.93 17.03
CA ALA C 279 -59.74 12.94 15.91
C ALA C 279 -60.35 11.57 15.70
N GLN C 280 -59.55 10.51 15.86
CA GLN C 280 -60.07 9.15 15.65
C GLN C 280 -60.97 8.70 16.79
N ILE C 281 -60.63 9.05 18.04
CA ILE C 281 -61.29 8.45 19.19
C ILE C 281 -62.37 9.33 19.82
N GLY C 282 -62.37 10.62 19.55
CA GLY C 282 -63.29 11.54 20.19
C GLY C 282 -62.57 12.52 21.10
N ASP C 283 -63.24 13.65 21.36
CA ASP C 283 -62.63 14.75 22.10
C ASP C 283 -62.71 14.57 23.61
N GLN C 284 -63.46 13.58 24.11
CA GLN C 284 -63.64 13.44 25.55
C GLN C 284 -62.37 13.01 26.27
N TYR C 285 -61.40 12.43 25.55
CA TYR C 285 -60.14 12.00 26.16
C TYR C 285 -59.09 13.11 26.18
N ALA C 286 -59.39 14.27 25.58
CA ALA C 286 -58.44 15.38 25.60
C ALA C 286 -58.14 15.83 27.03
N ASP C 287 -59.15 15.79 27.90
CA ASP C 287 -58.92 16.14 29.30
C ASP C 287 -57.97 15.17 29.97
N LEU C 288 -58.14 13.87 29.70
CA LEU C 288 -57.22 12.87 30.27
C LEU C 288 -55.81 13.07 29.76
N PHE C 289 -55.66 13.33 28.46
CA PHE C 289 -54.33 13.51 27.89
C PHE C 289 -53.67 14.77 28.44
N LEU C 290 -54.44 15.85 28.61
CA LEU C 290 -53.88 17.08 29.19
C LEU C 290 -53.48 16.86 30.64
N ALA C 291 -54.28 16.10 31.40
CA ALA C 291 -53.90 15.77 32.77
C ALA C 291 -52.62 14.95 32.80
N ALA C 292 -52.49 14.00 31.87
CA ALA C 292 -51.26 13.22 31.78
C ALA C 292 -50.06 14.10 31.46
N LYS C 293 -50.24 15.06 30.54
CA LYS C 293 -49.16 15.98 30.20
C LYS C 293 -48.74 16.81 31.41
N ASN C 294 -49.72 17.32 32.16
CA ASN C 294 -49.41 18.10 33.36
C ASN C 294 -48.69 17.25 34.40
N LEU C 295 -49.14 15.99 34.57
CA LEU C 295 -48.48 15.10 35.52
C LEU C 295 -47.04 14.83 35.10
N SER C 296 -46.81 14.65 33.79
CA SER C 296 -45.45 14.44 33.30
C SER C 296 -44.58 15.65 33.58
N ASP C 297 -45.12 16.85 33.33
CA ASP C 297 -44.37 18.07 33.61
C ASP C 297 -44.02 18.17 35.09
N ALA C 298 -44.99 17.89 35.96
CA ALA C 298 -44.73 17.95 37.39
C ALA C 298 -43.67 16.93 37.81
N ILE C 299 -43.76 15.71 37.26
CA ILE C 299 -42.81 14.66 37.63
C ILE C 299 -41.39 15.06 37.22
N LEU C 300 -41.24 15.57 36.00
CA LEU C 300 -39.90 15.94 35.55
C LEU C 300 -39.39 17.20 36.26
N LEU C 301 -40.28 18.10 36.65
CA LEU C 301 -39.86 19.34 37.32
C LEU C 301 -39.45 19.08 38.77
N SER C 302 -40.18 18.21 39.47
CA SER C 302 -39.95 18.02 40.90
C SER C 302 -38.56 17.47 41.19
N ASP C 303 -37.88 16.92 40.19
CA ASP C 303 -36.54 16.40 40.40
C ASP C 303 -35.55 17.52 40.67
N ILE C 304 -35.76 18.70 40.08
CA ILE C 304 -34.81 19.80 40.15
C ILE C 304 -35.36 20.98 40.95
N LEU C 305 -36.62 21.34 40.75
CA LEU C 305 -37.17 22.54 41.38
C LEU C 305 -37.15 22.43 42.90
N ARG C 306 -37.90 21.47 43.45
CA ARG C 306 -37.96 21.23 44.90
C ARG C 306 -38.39 22.49 45.64
N VAL C 307 -39.34 23.24 45.07
CA VAL C 307 -39.82 24.46 45.70
C VAL C 307 -41.24 24.74 45.22
N ASN C 308 -42.08 25.22 46.13
CA ASN C 308 -43.43 25.63 45.78
C ASN C 308 -43.40 26.88 44.92
N THR C 309 -44.36 26.99 44.00
CA THR C 309 -44.37 28.10 43.05
C THR C 309 -45.66 28.92 43.11
N GLU C 310 -46.41 28.84 44.21
CA GLU C 310 -47.60 29.67 44.34
C GLU C 310 -47.27 31.10 44.77
N ILE C 311 -46.08 31.32 45.32
CA ILE C 311 -45.69 32.65 45.79
C ILE C 311 -44.65 33.30 44.90
N THR C 312 -44.12 32.60 43.90
CA THR C 312 -43.12 33.17 43.02
C THR C 312 -43.22 32.53 41.65
N LYS C 313 -42.75 33.27 40.64
CA LYS C 313 -42.72 32.79 39.27
C LYS C 313 -41.33 32.36 38.83
N ALA C 314 -40.38 32.25 39.77
CA ALA C 314 -39.01 31.85 39.49
C ALA C 314 -38.65 30.69 40.41
N PRO C 315 -39.09 29.47 40.08
CA PRO C 315 -38.81 28.33 40.97
C PRO C 315 -37.33 27.99 41.04
N LEU C 316 -36.62 28.02 39.91
CA LEU C 316 -35.19 27.72 39.94
C LEU C 316 -34.42 28.74 40.76
N SER C 317 -34.73 30.03 40.58
CA SER C 317 -34.08 31.06 41.37
C SER C 317 -34.41 30.93 42.85
N ALA C 318 -35.67 30.60 43.16
CA ALA C 318 -36.04 30.40 44.56
C ALA C 318 -35.29 29.23 45.17
N SER C 319 -35.13 28.14 44.42
CA SER C 319 -34.38 27.00 44.92
C SER C 319 -32.92 27.36 45.14
N MET C 320 -32.33 28.14 44.23
CA MET C 320 -30.94 28.57 44.41
C MET C 320 -30.80 29.46 45.63
N ILE C 321 -31.76 30.35 45.86
CA ILE C 321 -31.73 31.21 47.04
C ILE C 321 -31.87 30.39 48.31
N LYS C 322 -32.73 29.37 48.28
CA LYS C 322 -32.86 28.48 49.43
C LYS C 322 -31.57 27.75 49.72
N ARG C 323 -30.89 27.29 48.66
CA ARG C 323 -29.60 26.64 48.83
C ARG C 323 -28.57 27.61 49.43
N TYR C 324 -28.60 28.86 48.97
CA TYR C 324 -27.72 29.89 49.53
C TYR C 324 -27.98 30.09 51.02
N ASP C 325 -29.25 30.20 51.40
CA ASP C 325 -29.60 30.42 52.80
C ASP C 325 -29.20 29.22 53.66
N GLU C 326 -29.44 28.00 53.17
CA GLU C 326 -29.02 26.82 53.91
C GLU C 326 -27.51 26.76 54.06
N HIS C 327 -26.77 27.13 53.01
CA HIS C 327 -25.32 27.20 53.10
C HIS C 327 -24.90 28.19 54.18
N HIS C 328 -25.52 29.36 54.21
CA HIS C 328 -25.16 30.36 55.22
C HIS C 328 -25.44 29.86 56.63
N GLN C 329 -26.62 29.27 56.85
CA GLN C 329 -26.97 28.80 58.18
C GLN C 329 -26.05 27.67 58.63
N ASP C 330 -25.80 26.70 57.75
CA ASP C 330 -24.92 25.59 58.09
C ASP C 330 -23.50 26.08 58.34
N LEU C 331 -23.03 27.04 57.55
CA LEU C 331 -21.68 27.58 57.75
C LEU C 331 -21.57 28.25 59.12
N THR C 332 -22.56 29.06 59.49
CA THR C 332 -22.52 29.71 60.79
C THR C 332 -22.56 28.68 61.92
N LEU C 333 -23.44 27.68 61.80
CA LEU C 333 -23.52 26.66 62.84
C LEU C 333 -22.22 25.87 62.96
N LEU C 334 -21.62 25.50 61.84
CA LEU C 334 -20.36 24.77 61.86
C LEU C 334 -19.24 25.61 62.44
N LYS C 335 -19.20 26.90 62.10
CA LYS C 335 -18.19 27.80 62.66
C LYS C 335 -18.30 27.84 64.18
N ALA C 336 -19.53 28.06 64.69
CA ALA C 336 -19.72 28.12 66.13
C ALA C 336 -19.37 26.80 66.79
N LEU C 337 -19.80 25.68 66.19
CA LEU C 337 -19.53 24.37 66.78
C LEU C 337 -18.04 24.08 66.84
N VAL C 338 -17.31 24.39 65.77
CA VAL C 338 -15.87 24.16 65.79
C VAL C 338 -15.20 25.04 66.82
N ARG C 339 -15.55 26.33 66.85
CA ARG C 339 -14.92 27.24 67.81
C ARG C 339 -15.15 26.80 69.24
N GLN C 340 -16.35 26.31 69.55
CA GLN C 340 -16.62 25.89 70.92
C GLN C 340 -16.03 24.51 71.23
N GLN C 341 -16.41 23.50 70.45
CA GLN C 341 -16.04 22.13 70.77
C GLN C 341 -14.55 21.87 70.54
N LEU C 342 -14.03 22.27 69.38
CA LEU C 342 -12.67 21.92 68.98
C LEU C 342 -12.01 23.12 68.33
N PRO C 343 -11.28 23.93 69.10
CA PRO C 343 -10.54 25.06 68.53
C PRO C 343 -9.15 24.74 68.03
N GLU C 344 -8.75 23.47 68.03
CA GLU C 344 -7.42 23.08 67.58
C GLU C 344 -7.33 22.90 66.08
N LYS C 345 -8.46 22.93 65.37
CA LYS C 345 -8.47 22.74 63.92
C LYS C 345 -9.25 23.82 63.19
N TYR C 346 -9.66 24.89 63.89
CA TYR C 346 -10.37 25.96 63.22
C TYR C 346 -9.51 26.61 62.14
N LYS C 347 -8.24 26.85 62.45
CA LYS C 347 -7.35 27.48 61.48
C LYS C 347 -7.18 26.62 60.24
N GLU C 348 -6.93 25.32 60.44
CA GLU C 348 -6.71 24.45 59.28
C GLU C 348 -7.99 24.21 58.49
N ILE C 349 -9.16 24.25 59.14
CA ILE C 349 -10.40 24.01 58.42
C ILE C 349 -10.83 25.25 57.65
N PHE C 350 -10.78 26.43 58.28
CA PHE C 350 -11.38 27.63 57.71
C PHE C 350 -10.36 28.62 57.17
N PHE C 351 -9.06 28.30 57.20
CA PHE C 351 -8.03 29.22 56.74
C PHE C 351 -6.99 28.59 55.83
N ASP C 352 -6.78 27.28 55.91
CA ASP C 352 -5.73 26.61 55.14
C ASP C 352 -6.31 26.19 53.79
N GLN C 353 -5.82 26.81 52.72
CA GLN C 353 -6.27 26.50 51.38
C GLN C 353 -5.58 25.29 50.78
N SER C 354 -4.45 24.85 51.36
CA SER C 354 -3.75 23.69 50.84
C SER C 354 -4.54 22.42 51.11
N LYS C 355 -5.03 22.26 52.33
CA LYS C 355 -5.82 21.10 52.69
C LYS C 355 -7.29 21.33 52.37
N ASN C 356 -8.06 20.25 52.41
CA ASN C 356 -9.49 20.37 52.21
C ASN C 356 -10.14 20.99 53.44
N GLY C 357 -11.41 21.33 53.31
CA GLY C 357 -12.15 22.04 54.32
C GLY C 357 -12.91 23.17 53.67
N TYR C 358 -13.37 24.13 54.46
CA TYR C 358 -14.07 25.25 53.86
C TYR C 358 -13.12 26.13 53.07
N ALA C 359 -11.91 26.35 53.59
CA ALA C 359 -10.94 27.19 52.89
C ALA C 359 -10.57 26.60 51.54
N GLY C 360 -10.22 25.30 51.52
CA GLY C 360 -9.90 24.64 50.27
C GLY C 360 -11.10 24.40 49.39
N TYR C 361 -12.31 24.36 49.98
CA TYR C 361 -13.52 24.18 49.20
C TYR C 361 -13.89 25.44 48.43
N ILE C 362 -13.75 26.59 49.08
CA ILE C 362 -14.16 27.86 48.48
C ILE C 362 -12.98 28.49 47.74
N ASP C 363 -11.92 28.83 48.49
CA ASP C 363 -10.78 29.51 47.89
C ASP C 363 -9.91 28.55 47.08
N GLY C 364 -9.71 27.34 47.59
CA GLY C 364 -8.86 26.36 46.93
C GLY C 364 -9.59 25.62 45.82
N GLY C 365 -8.93 24.59 45.32
CA GLY C 365 -9.45 23.78 44.24
C GLY C 365 -10.15 22.50 44.66
N ALA C 366 -10.40 22.30 45.93
CA ALA C 366 -11.07 21.09 46.39
C ALA C 366 -12.51 21.05 45.89
N SER C 367 -12.98 19.84 45.57
CA SER C 367 -14.33 19.66 45.06
C SER C 367 -15.28 19.33 46.20
N GLN C 368 -16.56 19.21 45.87
CA GLN C 368 -17.57 18.90 46.88
C GLN C 368 -17.34 17.53 47.48
N GLU C 369 -17.00 16.54 46.65
CA GLU C 369 -16.75 15.19 47.16
C GLU C 369 -15.54 15.17 48.08
N GLU C 370 -14.47 15.86 47.70
CA GLU C 370 -13.28 15.92 48.56
C GLU C 370 -13.59 16.64 49.87
N PHE C 371 -14.36 17.72 49.81
CA PHE C 371 -14.75 18.43 51.02
C PHE C 371 -15.55 17.54 51.94
N TYR C 372 -16.51 16.79 51.38
CA TYR C 372 -17.30 15.88 52.20
C TYR C 372 -16.44 14.79 52.81
N LYS C 373 -15.49 14.25 52.03
CA LYS C 373 -14.61 13.21 52.55
C LYS C 373 -13.76 13.75 53.70
N PHE C 374 -13.28 14.98 53.58
CA PHE C 374 -12.45 15.56 54.62
C PHE C 374 -13.26 15.89 55.86
N ILE C 375 -14.49 16.36 55.69
CA ILE C 375 -15.28 16.87 56.81
C ILE C 375 -16.17 15.81 57.46
N LYS C 376 -16.30 14.64 56.85
CA LYS C 376 -17.13 13.59 57.46
C LYS C 376 -16.61 13.14 58.82
N PRO C 377 -15.33 12.77 58.99
CA PRO C 377 -14.88 12.37 60.34
C PRO C 377 -14.99 13.49 61.36
N ILE C 378 -14.68 14.73 60.96
CA ILE C 378 -14.76 15.85 61.88
C ILE C 378 -16.19 16.08 62.32
N LEU C 379 -17.14 15.99 61.39
CA LEU C 379 -18.54 16.15 61.74
C LEU C 379 -19.01 15.02 62.65
N GLU C 380 -18.58 13.79 62.37
CA GLU C 380 -18.99 12.67 63.21
C GLU C 380 -18.45 12.79 64.63
N LYS C 381 -17.18 13.16 64.77
CA LYS C 381 -16.55 13.30 66.09
C LYS C 381 -16.84 14.69 66.67
N MET C 382 -18.12 14.95 66.89
CA MET C 382 -18.57 16.22 67.43
C MET C 382 -19.91 16.00 68.12
N ASP C 383 -20.56 17.09 68.53
CA ASP C 383 -21.85 17.03 69.19
C ASP C 383 -22.81 18.00 68.51
N GLY C 384 -24.07 17.62 68.49
CA GLY C 384 -25.09 18.45 67.85
C GLY C 384 -24.89 18.63 66.36
N THR C 385 -24.41 17.59 65.68
CA THR C 385 -24.20 17.63 64.24
C THR C 385 -25.03 16.56 63.52
N GLU C 386 -26.15 16.16 64.14
CA GLU C 386 -27.00 15.15 63.52
C GLU C 386 -27.62 15.68 62.23
N GLU C 387 -28.15 16.91 62.26
CA GLU C 387 -28.75 17.47 61.06
C GLU C 387 -27.69 17.76 59.99
N LEU C 388 -26.49 18.16 60.42
CA LEU C 388 -25.41 18.38 59.46
C LEU C 388 -25.01 17.08 58.77
N LEU C 389 -24.92 15.99 59.55
CA LEU C 389 -24.61 14.69 58.96
C LEU C 389 -25.72 14.21 58.04
N VAL C 390 -26.98 14.47 58.41
CA VAL C 390 -28.10 14.08 57.55
C VAL C 390 -28.02 14.83 56.22
N LYS C 391 -27.74 16.14 56.27
CA LYS C 391 -27.60 16.92 55.05
C LYS C 391 -26.42 16.43 54.21
N LEU C 392 -25.31 16.08 54.87
CA LEU C 392 -24.16 15.56 54.14
C LEU C 392 -24.49 14.25 53.44
N ASN C 393 -25.19 13.36 54.13
CA ASN C 393 -25.57 12.09 53.53
C ASN C 393 -26.54 12.29 52.37
N ARG C 394 -27.45 13.25 52.51
CA ARG C 394 -28.39 13.59 51.44
C ARG C 394 -27.74 14.41 50.33
N GLU C 395 -26.46 14.75 50.48
CA GLU C 395 -25.72 15.54 49.49
C GLU C 395 -26.33 16.92 49.31
N ASP C 396 -26.64 17.57 50.43
CA ASP C 396 -27.24 18.91 50.42
C ASP C 396 -26.63 19.78 51.50
N LEU C 397 -25.33 19.62 51.75
CA LEU C 397 -24.64 20.37 52.80
C LEU C 397 -23.63 21.31 52.16
N LEU C 398 -23.80 22.61 52.42
CA LEU C 398 -22.88 23.65 51.95
C LEU C 398 -22.66 23.54 50.44
N ARG C 399 -23.76 23.74 49.71
CA ARG C 399 -23.76 23.60 48.26
C ARG C 399 -23.65 24.96 47.60
N LYS C 400 -22.73 25.08 46.64
CA LYS C 400 -22.65 26.29 45.84
C LYS C 400 -23.76 26.30 44.80
N GLN C 401 -24.14 27.50 44.37
CA GLN C 401 -25.20 27.64 43.39
C GLN C 401 -24.81 27.01 42.05
N ARG C 402 -23.57 27.21 41.62
CA ARG C 402 -23.08 26.66 40.37
C ARG C 402 -22.33 25.37 40.68
N THR C 403 -22.92 24.24 40.32
CA THR C 403 -22.35 22.94 40.61
C THR C 403 -22.43 22.04 39.38
N PHE C 404 -21.77 20.89 39.47
CA PHE C 404 -21.75 19.93 38.36
C PHE C 404 -23.09 19.26 38.15
N ASP C 405 -23.99 19.30 39.13
CA ASP C 405 -25.30 18.68 39.01
C ASP C 405 -26.33 19.60 38.36
N ASN C 406 -25.94 20.82 37.99
CA ASN C 406 -26.84 21.77 37.36
C ASN C 406 -27.12 21.43 35.89
N GLY C 407 -26.65 20.28 35.42
CA GLY C 407 -26.83 19.88 34.04
C GLY C 407 -28.19 19.31 33.72
N SER C 408 -29.07 19.18 34.70
CA SER C 408 -30.40 18.64 34.50
C SER C 408 -31.46 19.73 34.37
N ILE C 409 -31.05 20.99 34.33
CA ILE C 409 -31.98 22.10 34.22
C ILE C 409 -32.33 22.32 32.75
N PRO C 410 -33.59 22.18 32.36
CA PRO C 410 -33.96 22.45 30.97
C PRO C 410 -33.89 23.93 30.67
N HIS C 411 -33.78 24.25 29.38
CA HIS C 411 -33.78 25.65 28.97
C HIS C 411 -35.16 26.28 29.13
N GLN C 412 -36.20 25.48 29.33
CA GLN C 412 -37.55 26.04 29.50
C GLN C 412 -37.69 26.81 30.81
N ILE C 413 -36.98 26.41 31.86
CA ILE C 413 -37.04 27.17 33.12
C ILE C 413 -36.44 28.56 32.92
N HIS C 414 -35.28 28.62 32.29
CA HIS C 414 -34.66 29.92 32.02
C HIS C 414 -35.53 30.74 31.07
N LEU C 415 -36.15 30.09 30.09
CA LEU C 415 -37.06 30.79 29.19
C LEU C 415 -38.25 31.37 29.94
N GLY C 416 -38.81 30.61 30.88
CA GLY C 416 -39.92 31.12 31.66
C GLY C 416 -39.52 32.30 32.54
N GLU C 417 -38.35 32.22 33.17
CA GLU C 417 -37.88 33.34 33.98
C GLU C 417 -37.64 34.58 33.13
N LEU C 418 -37.02 34.40 31.95
CA LEU C 418 -36.78 35.53 31.06
C LEU C 418 -38.08 36.13 30.56
N HIS C 419 -39.05 35.28 30.22
CA HIS C 419 -40.36 35.77 29.79
C HIS C 419 -41.03 36.56 30.89
N ALA C 420 -40.96 36.07 32.13
CA ALA C 420 -41.56 36.80 33.25
C ALA C 420 -40.88 38.15 33.44
N ILE C 421 -39.56 38.19 33.34
CA ILE C 421 -38.83 39.46 33.49
C ILE C 421 -39.26 40.44 32.42
N LEU C 422 -39.31 39.97 31.16
CA LEU C 422 -39.69 40.84 30.06
C LEU C 422 -41.12 41.33 30.20
N ARG C 423 -42.03 40.45 30.61
CA ARG C 423 -43.42 40.86 30.81
C ARG C 423 -43.54 41.92 31.90
N ARG C 424 -42.81 41.74 33.01
CA ARG C 424 -42.88 42.71 34.09
C ARG C 424 -42.30 44.05 33.68
N GLN C 425 -41.19 44.04 32.95
CA GLN C 425 -40.43 45.26 32.69
C GLN C 425 -40.74 45.91 31.35
N GLU C 426 -41.73 45.39 30.61
CA GLU C 426 -42.02 45.94 29.29
C GLU C 426 -42.86 47.20 29.36
N ASP C 427 -43.46 47.51 30.51
CA ASP C 427 -44.29 48.70 30.61
C ASP C 427 -43.44 49.97 30.56
N PHE C 428 -42.36 50.00 31.34
CA PHE C 428 -41.54 51.21 31.42
C PHE C 428 -40.64 51.36 30.19
N TYR C 429 -40.11 50.26 29.66
CA TYR C 429 -39.23 50.32 28.50
C TYR C 429 -39.97 49.80 27.27
N PRO C 430 -40.36 50.67 26.34
CA PRO C 430 -41.06 50.20 25.14
C PRO C 430 -40.23 49.26 24.28
N PHE C 431 -38.91 49.44 24.23
CA PHE C 431 -38.10 48.59 23.36
C PHE C 431 -38.05 47.15 23.87
N LEU C 432 -38.19 46.96 25.19
CA LEU C 432 -38.29 45.60 25.71
C LEU C 432 -39.57 44.92 25.25
N LYS C 433 -40.67 45.67 25.20
CA LYS C 433 -41.92 45.14 24.66
C LYS C 433 -41.79 44.86 23.17
N ASP C 434 -41.07 45.72 22.44
CA ASP C 434 -40.94 45.54 21.00
C ASP C 434 -40.00 44.41 20.62
N ASN C 435 -39.07 44.02 21.50
CA ASN C 435 -38.06 43.02 21.17
C ASN C 435 -38.21 41.75 22.00
N ARG C 436 -39.36 41.55 22.63
CA ARG C 436 -39.56 40.37 23.46
C ARG C 436 -39.44 39.09 22.66
N GLU C 437 -40.07 39.04 21.49
CA GLU C 437 -40.05 37.84 20.66
C GLU C 437 -38.64 37.52 20.21
N LYS C 438 -37.87 38.53 19.80
CA LYS C 438 -36.52 38.27 19.33
C LYS C 438 -35.57 37.90 20.46
N ILE C 439 -35.77 38.46 21.66
CA ILE C 439 -34.96 38.04 22.80
C ILE C 439 -35.24 36.58 23.14
N GLU C 440 -36.52 36.20 23.15
CA GLU C 440 -36.86 34.80 23.41
C GLU C 440 -36.30 33.89 22.34
N LYS C 441 -36.32 34.34 21.08
CA LYS C 441 -35.71 33.56 20.00
C LYS C 441 -34.22 33.41 20.20
N ILE C 442 -33.54 34.47 20.67
CA ILE C 442 -32.12 34.37 20.98
C ILE C 442 -31.89 33.29 22.01
N LEU C 443 -32.70 33.28 23.07
CA LEU C 443 -32.50 32.28 24.12
C LEU C 443 -32.77 30.87 23.61
N THR C 444 -33.81 30.69 22.79
CA THR C 444 -34.30 29.36 22.42
C THR C 444 -34.02 28.99 20.97
N PHE C 445 -32.97 29.55 20.36
CA PHE C 445 -32.61 29.19 19.01
C PHE C 445 -31.36 28.32 19.02
N ARG C 446 -31.40 27.21 18.27
CA ARG C 446 -30.26 26.36 18.06
C ARG C 446 -30.24 25.91 16.61
N ILE C 447 -29.05 25.81 16.04
CA ILE C 447 -28.91 25.40 14.64
C ILE C 447 -29.22 23.91 14.54
N PRO C 448 -30.04 23.47 13.58
CA PRO C 448 -30.36 22.05 13.47
C PRO C 448 -29.11 21.24 13.15
N TYR C 449 -29.11 19.99 13.61
CA TYR C 449 -27.96 19.12 13.40
C TYR C 449 -27.75 18.77 11.94
N TYR C 450 -28.80 18.83 11.12
CA TYR C 450 -28.67 18.54 9.70
C TYR C 450 -28.25 19.75 8.88
N VAL C 451 -28.46 20.96 9.38
CA VAL C 451 -28.02 22.16 8.67
C VAL C 451 -26.51 22.27 8.69
N GLY C 452 -25.88 22.01 9.84
CA GLY C 452 -24.45 22.07 9.97
C GLY C 452 -23.94 23.49 10.08
N PRO C 453 -22.63 23.67 9.90
CA PRO C 453 -22.05 25.02 9.99
C PRO C 453 -22.59 25.93 8.89
N LEU C 454 -22.71 27.21 9.22
CA LEU C 454 -23.21 28.22 8.28
C LEU C 454 -22.04 28.88 7.56
N ALA C 455 -21.39 28.09 6.70
CA ALA C 455 -20.21 28.54 5.99
C ALA C 455 -20.60 29.24 4.69
N ARG C 456 -19.59 29.68 3.95
CA ARG C 456 -19.80 30.34 2.66
C ARG C 456 -18.79 29.81 1.64
N GLY C 457 -18.63 28.49 1.60
CA GLY C 457 -17.76 27.84 0.65
C GLY C 457 -16.31 27.72 1.07
N ASN C 458 -15.95 28.10 2.29
CA ASN C 458 -14.59 27.99 2.79
C ASN C 458 -14.52 27.04 3.97
N SER C 459 -15.26 25.93 3.90
CA SER C 459 -15.26 24.93 4.94
C SER C 459 -15.45 23.55 4.33
N ARG C 460 -14.67 22.59 4.82
CA ARG C 460 -14.76 21.22 4.34
C ARG C 460 -15.78 20.39 5.12
N PHE C 461 -16.36 20.94 6.17
CA PHE C 461 -17.37 20.25 6.97
C PHE C 461 -18.78 20.75 6.68
N ALA C 462 -18.95 21.70 5.77
CA ALA C 462 -20.23 22.34 5.55
C ALA C 462 -20.91 21.77 4.30
N TRP C 463 -22.24 21.74 4.34
CA TRP C 463 -23.04 21.32 3.21
C TRP C 463 -24.28 22.19 3.02
N MET C 464 -24.47 23.22 3.84
CA MET C 464 -25.69 24.01 3.78
C MET C 464 -25.71 24.88 2.53
N THR C 465 -26.90 24.99 1.94
CA THR C 465 -27.13 25.87 0.80
C THR C 465 -28.07 27.00 1.22
N ARG C 466 -27.84 28.18 0.67
CA ARG C 466 -28.56 29.38 1.04
C ARG C 466 -29.39 29.87 -0.14
N LYS C 467 -30.66 30.18 0.12
CA LYS C 467 -31.51 30.79 -0.89
C LYS C 467 -31.27 32.29 -1.02
N SER C 468 -30.45 32.87 -0.15
CA SER C 468 -30.07 34.28 -0.24
C SER C 468 -28.71 34.45 0.40
N GLU C 469 -28.01 35.52 0.03
CA GLU C 469 -26.63 35.72 0.43
C GLU C 469 -26.47 36.69 1.60
N GLU C 470 -27.57 37.09 2.23
CA GLU C 470 -27.47 37.98 3.38
C GLU C 470 -26.95 37.22 4.60
N THR C 471 -26.50 37.99 5.60
CA THR C 471 -25.98 37.41 6.83
C THR C 471 -27.07 36.63 7.57
N ILE C 472 -26.72 35.44 8.03
CA ILE C 472 -27.66 34.56 8.71
C ILE C 472 -27.70 34.93 10.19
N THR C 473 -28.90 35.22 10.69
CA THR C 473 -29.17 35.49 12.09
C THR C 473 -30.31 34.60 12.54
N PRO C 474 -30.46 34.38 13.85
CA PRO C 474 -31.57 33.53 14.31
C PRO C 474 -32.94 34.05 13.93
N TRP C 475 -33.06 35.33 13.59
CA TRP C 475 -34.34 35.92 13.22
C TRP C 475 -34.65 35.80 11.74
N ASN C 476 -33.72 35.32 10.92
CA ASN C 476 -33.99 35.08 9.51
C ASN C 476 -33.40 33.74 9.06
N PHE C 477 -33.21 32.82 10.00
CA PHE C 477 -32.64 31.51 9.66
C PHE C 477 -33.55 30.76 8.71
N GLU C 478 -34.87 30.78 8.96
CA GLU C 478 -35.80 30.10 8.08
C GLU C 478 -35.87 30.77 6.72
N GLU C 479 -35.76 32.10 6.68
CA GLU C 479 -35.86 32.84 5.43
C GLU C 479 -34.58 32.82 4.61
N VAL C 480 -33.46 32.40 5.18
CA VAL C 480 -32.18 32.37 4.48
C VAL C 480 -31.75 30.94 4.16
N VAL C 481 -31.71 30.06 5.16
CA VAL C 481 -31.18 28.72 4.98
C VAL C 481 -32.23 27.84 4.31
N ASP C 482 -31.80 27.10 3.29
CA ASP C 482 -32.66 26.13 2.60
C ASP C 482 -32.67 24.85 3.41
N LYS C 483 -33.68 24.70 4.26
CA LYS C 483 -33.68 23.61 5.23
C LYS C 483 -33.82 22.24 4.56
N GLY C 484 -34.74 22.12 3.60
CA GLY C 484 -34.94 20.84 2.95
C GLY C 484 -33.73 20.36 2.17
N ALA C 485 -33.15 21.26 1.37
CA ALA C 485 -31.96 20.92 0.60
C ALA C 485 -30.78 20.65 1.53
N SER C 486 -30.66 21.41 2.62
CA SER C 486 -29.59 21.17 3.57
C SER C 486 -29.70 19.79 4.21
N ALA C 487 -30.92 19.39 4.59
CA ALA C 487 -31.12 18.05 5.16
C ALA C 487 -30.83 16.97 4.13
N GLN C 488 -31.26 17.18 2.88
CA GLN C 488 -30.98 16.22 1.82
C GLN C 488 -29.48 16.06 1.63
N SER C 489 -28.74 17.17 1.59
CA SER C 489 -27.29 17.11 1.46
C SER C 489 -26.66 16.44 2.67
N PHE C 490 -27.20 16.69 3.87
CA PHE C 490 -26.67 16.08 5.07
C PHE C 490 -26.77 14.56 5.01
N ILE C 491 -27.91 14.04 4.57
CA ILE C 491 -28.05 12.59 4.46
C ILE C 491 -27.21 12.05 3.30
N GLU C 492 -27.23 12.74 2.16
CA GLU C 492 -26.60 12.22 0.96
C GLU C 492 -25.08 12.22 1.03
N ARG C 493 -24.48 13.19 1.72
CA ARG C 493 -23.03 13.28 1.74
C ARG C 493 -22.38 12.10 2.45
N MET C 494 -23.15 11.29 3.17
CA MET C 494 -22.63 10.16 3.92
C MET C 494 -23.01 8.80 3.33
N THR C 495 -24.08 8.72 2.54
CA THR C 495 -24.51 7.46 1.99
C THR C 495 -23.52 6.95 0.95
N ASN C 496 -23.51 5.64 0.76
CA ASN C 496 -22.53 4.97 -0.09
C ASN C 496 -22.88 5.08 -1.56
N PHE C 497 -21.86 5.03 -2.41
CA PHE C 497 -22.06 4.94 -3.84
C PHE C 497 -22.25 3.49 -4.27
N ASP C 498 -22.66 3.30 -5.51
CA ASP C 498 -22.79 1.96 -6.06
C ASP C 498 -21.43 1.34 -6.32
N LYS C 499 -21.24 0.09 -5.89
CA LYS C 499 -19.96 -0.56 -6.09
C LYS C 499 -19.72 -0.89 -7.56
N ASN C 500 -20.76 -1.28 -8.29
CA ASN C 500 -20.61 -1.55 -9.72
C ASN C 500 -20.58 -0.27 -10.53
N LEU C 501 -21.25 0.79 -10.06
CA LEU C 501 -21.30 2.07 -10.75
C LEU C 501 -20.91 3.15 -9.73
N PRO C 502 -19.60 3.37 -9.55
CA PRO C 502 -19.18 4.33 -8.52
C PRO C 502 -19.70 5.74 -8.73
N ASN C 503 -19.93 6.14 -9.98
CA ASN C 503 -20.26 7.53 -10.27
C ASN C 503 -21.60 7.95 -9.66
N GLU C 504 -22.58 7.05 -9.63
CA GLU C 504 -23.94 7.41 -9.21
C GLU C 504 -24.28 6.92 -7.82
N LYS C 505 -25.13 7.70 -7.15
CA LYS C 505 -25.62 7.40 -5.80
C LYS C 505 -26.57 6.21 -5.80
N VAL C 506 -26.55 5.46 -4.70
CA VAL C 506 -27.42 4.29 -4.55
C VAL C 506 -28.87 4.72 -4.33
N LEU C 507 -29.79 3.82 -4.65
CA LEU C 507 -31.22 4.01 -4.48
C LEU C 507 -31.64 3.70 -3.04
N PRO C 508 -32.76 4.29 -2.58
CA PRO C 508 -33.31 3.89 -1.28
C PRO C 508 -33.70 2.41 -1.28
N LYS C 509 -33.59 1.80 -0.10
CA LYS C 509 -33.86 0.37 0.02
C LYS C 509 -35.31 0.05 -0.32
N HIS C 510 -36.25 0.88 0.13
CA HIS C 510 -37.67 0.67 -0.10
C HIS C 510 -38.15 1.32 -1.40
N SER C 511 -37.25 1.66 -2.30
CA SER C 511 -37.66 2.25 -3.58
C SER C 511 -38.47 1.26 -4.39
N LEU C 512 -39.47 1.79 -5.11
CA LEU C 512 -40.33 0.94 -5.92
C LEU C 512 -39.56 0.28 -7.06
N LEU C 513 -38.64 1.02 -7.68
CA LEU C 513 -37.82 0.43 -8.73
C LEU C 513 -36.94 -0.68 -8.18
N TYR C 514 -36.39 -0.48 -6.98
CA TYR C 514 -35.59 -1.52 -6.34
C TYR C 514 -36.43 -2.76 -6.05
N GLU C 515 -37.64 -2.57 -5.54
CA GLU C 515 -38.51 -3.70 -5.25
C GLU C 515 -38.86 -4.47 -6.51
N TYR C 516 -39.20 -3.75 -7.59
CA TYR C 516 -39.46 -4.39 -8.87
C TYR C 516 -38.25 -5.15 -9.37
N PHE C 517 -37.07 -4.55 -9.25
CA PHE C 517 -35.85 -5.21 -9.72
C PHE C 517 -35.60 -6.51 -8.96
N THR C 518 -35.73 -6.47 -7.64
CA THR C 518 -35.51 -7.69 -6.85
C THR C 518 -36.57 -8.75 -7.16
N VAL C 519 -37.83 -8.34 -7.31
CA VAL C 519 -38.88 -9.31 -7.61
C VAL C 519 -38.61 -9.98 -8.96
N TYR C 520 -38.27 -9.19 -9.97
CA TYR C 520 -38.00 -9.77 -11.29
C TYR C 520 -36.74 -10.63 -11.27
N ASN C 521 -35.72 -10.22 -10.51
CA ASN C 521 -34.51 -11.03 -10.40
C ASN C 521 -34.80 -12.38 -9.78
N GLU C 522 -35.63 -12.42 -8.74
CA GLU C 522 -36.00 -13.70 -8.15
C GLU C 522 -36.91 -14.50 -9.08
N LEU C 523 -37.71 -13.82 -9.90
CA LEU C 523 -38.68 -14.52 -10.72
C LEU C 523 -38.04 -15.14 -11.96
N THR C 524 -37.03 -14.49 -12.54
CA THR C 524 -36.43 -14.98 -13.77
C THR C 524 -35.61 -16.25 -13.57
N LYS C 525 -35.29 -16.63 -12.35
CA LYS C 525 -34.48 -17.81 -12.08
C LYS C 525 -35.31 -18.95 -11.53
N VAL C 526 -36.54 -19.08 -12.02
CA VAL C 526 -37.44 -20.15 -11.62
C VAL C 526 -37.87 -20.92 -12.88
N LYS C 527 -38.10 -22.21 -12.70
CA LYS C 527 -38.50 -23.09 -13.79
C LYS C 527 -39.68 -23.95 -13.34
N TYR C 528 -40.69 -24.05 -14.19
CA TYR C 528 -41.89 -24.83 -13.90
C TYR C 528 -41.91 -26.08 -14.76
N VAL C 529 -42.50 -27.15 -14.23
CA VAL C 529 -42.62 -28.42 -14.91
C VAL C 529 -44.07 -28.87 -14.87
N THR C 530 -44.63 -29.19 -16.03
CA THR C 530 -46.00 -29.70 -16.12
C THR C 530 -46.01 -30.94 -17.01
N GLU C 531 -47.11 -31.68 -16.93
CA GLU C 531 -47.24 -32.91 -17.72
C GLU C 531 -47.19 -32.58 -19.21
N GLY C 532 -46.53 -33.47 -19.96
CA GLY C 532 -46.39 -33.30 -21.39
C GLY C 532 -45.24 -32.42 -21.83
N MET C 533 -44.38 -32.01 -20.92
CA MET C 533 -43.22 -31.18 -21.25
C MET C 533 -41.96 -32.03 -21.21
N ARG C 534 -41.17 -31.98 -22.29
CA ARG C 534 -39.94 -32.75 -22.35
C ARG C 534 -38.87 -32.17 -21.42
N LYS C 535 -38.73 -30.84 -21.43
CA LYS C 535 -37.74 -30.16 -20.60
C LYS C 535 -38.39 -28.94 -19.97
N PRO C 536 -37.91 -28.53 -18.80
CA PRO C 536 -38.53 -27.37 -18.12
C PRO C 536 -38.34 -26.09 -18.92
N ALA C 537 -39.31 -25.19 -18.79
CA ALA C 537 -39.27 -23.88 -19.41
C ALA C 537 -38.95 -22.83 -18.36
N PHE C 538 -38.72 -21.60 -18.83
CA PHE C 538 -38.20 -20.54 -17.97
C PHE C 538 -39.22 -19.45 -17.67
N LEU C 539 -40.51 -19.68 -17.93
CA LEU C 539 -41.58 -18.74 -17.59
C LEU C 539 -41.33 -17.36 -18.24
N SER C 540 -41.46 -17.34 -19.56
CA SER C 540 -41.04 -16.22 -20.39
C SER C 540 -41.80 -14.93 -20.07
N GLY C 541 -41.47 -13.86 -20.79
CA GLY C 541 -41.81 -12.52 -20.35
C GLY C 541 -43.29 -12.30 -20.10
N GLU C 542 -44.15 -12.83 -20.98
CA GLU C 542 -45.59 -12.67 -20.79
C GLU C 542 -46.05 -13.35 -19.51
N GLN C 543 -45.57 -14.57 -19.26
CA GLN C 543 -45.93 -15.27 -18.04
C GLN C 543 -45.41 -14.54 -16.80
N LYS C 544 -44.19 -14.00 -16.88
CA LYS C 544 -43.63 -13.24 -15.77
C LYS C 544 -44.46 -12.01 -15.48
N LYS C 545 -44.87 -11.29 -16.53
CA LYS C 545 -45.71 -10.11 -16.35
C LYS C 545 -47.05 -10.47 -15.73
N ALA C 546 -47.67 -11.55 -16.20
CA ALA C 546 -48.94 -11.99 -15.63
C ALA C 546 -48.78 -12.34 -14.16
N ILE C 547 -47.72 -13.08 -13.82
CA ILE C 547 -47.50 -13.47 -12.42
C ILE C 547 -47.28 -12.24 -11.55
N VAL C 548 -46.49 -11.29 -12.03
CA VAL C 548 -46.24 -10.08 -11.26
C VAL C 548 -47.53 -9.29 -11.05
N ASP C 549 -48.33 -9.14 -12.11
CA ASP C 549 -49.52 -8.32 -12.03
C ASP C 549 -50.67 -9.00 -11.29
N LEU C 550 -50.65 -10.32 -11.13
CA LEU C 550 -51.74 -11.02 -10.46
C LEU C 550 -51.38 -11.56 -9.08
N LEU C 551 -50.10 -11.63 -8.72
CA LEU C 551 -49.69 -12.18 -7.43
C LEU C 551 -49.05 -11.14 -6.53
N PHE C 552 -47.98 -10.48 -6.98
CA PHE C 552 -47.25 -9.57 -6.09
C PHE C 552 -48.05 -8.30 -5.80
N LYS C 553 -48.76 -7.79 -6.80
CA LYS C 553 -49.53 -6.56 -6.64
C LYS C 553 -50.88 -6.78 -5.96
N THR C 554 -51.15 -7.99 -5.47
CA THR C 554 -52.37 -8.28 -4.74
C THR C 554 -52.16 -8.85 -3.35
N ASN C 555 -51.01 -9.47 -3.08
CA ASN C 555 -50.72 -10.04 -1.78
C ASN C 555 -49.32 -9.64 -1.33
N ARG C 556 -49.14 -9.56 -0.01
CA ARG C 556 -47.86 -9.12 0.53
C ARG C 556 -46.74 -10.12 0.25
N LYS C 557 -46.99 -11.40 0.54
CA LYS C 557 -45.99 -12.45 0.36
C LYS C 557 -46.55 -13.53 -0.55
N VAL C 558 -45.75 -13.95 -1.54
CA VAL C 558 -46.17 -14.90 -2.55
C VAL C 558 -45.67 -16.29 -2.16
N THR C 559 -46.56 -17.28 -2.22
CA THR C 559 -46.24 -18.65 -1.89
C THR C 559 -46.44 -19.56 -3.10
N VAL C 560 -45.82 -20.73 -3.04
CA VAL C 560 -45.85 -21.65 -4.18
C VAL C 560 -47.27 -22.17 -4.42
N LYS C 561 -48.03 -22.41 -3.36
CA LYS C 561 -49.40 -22.87 -3.53
C LYS C 561 -50.26 -21.83 -4.24
N GLN C 562 -50.11 -20.55 -3.85
CA GLN C 562 -50.83 -19.49 -4.54
C GLN C 562 -50.36 -19.35 -5.98
N LEU C 563 -49.07 -19.52 -6.23
CA LEU C 563 -48.55 -19.47 -7.60
C LEU C 563 -49.16 -20.58 -8.45
N LYS C 564 -49.29 -21.78 -7.89
CA LYS C 564 -49.81 -22.91 -8.65
C LYS C 564 -51.31 -22.80 -8.86
N GLU C 565 -52.05 -22.28 -7.87
CA GLU C 565 -53.50 -22.26 -7.96
C GLU C 565 -54.02 -21.02 -8.69
N ASP C 566 -53.63 -19.83 -8.22
CA ASP C 566 -54.20 -18.59 -8.74
C ASP C 566 -53.79 -18.34 -10.19
N TYR C 567 -52.63 -18.84 -10.62
CA TYR C 567 -52.16 -18.61 -11.98
C TYR C 567 -52.08 -19.88 -12.80
N PHE C 568 -51.32 -20.89 -12.33
CA PHE C 568 -51.13 -22.09 -13.14
C PHE C 568 -52.42 -22.87 -13.32
N LYS C 569 -53.19 -23.04 -12.24
CA LYS C 569 -54.46 -23.74 -12.36
C LYS C 569 -55.52 -22.87 -13.02
N LYS C 570 -55.60 -21.59 -12.65
CA LYS C 570 -56.67 -20.73 -13.14
C LYS C 570 -56.45 -20.32 -14.59
N ILE C 571 -55.22 -19.97 -14.95
CA ILE C 571 -54.91 -19.41 -16.26
C ILE C 571 -54.22 -20.44 -17.16
N GLU C 572 -53.09 -20.98 -16.71
CA GLU C 572 -52.36 -21.94 -17.51
C GLU C 572 -53.13 -23.25 -17.71
N CYS C 573 -54.12 -23.52 -16.87
CA CYS C 573 -54.97 -24.71 -16.99
C CYS C 573 -54.15 -25.99 -16.96
N PHE C 574 -53.11 -26.01 -16.12
CA PHE C 574 -52.29 -27.20 -15.90
C PHE C 574 -52.40 -27.58 -14.43
N ASP C 575 -53.13 -28.67 -14.15
CA ASP C 575 -53.31 -29.11 -12.78
C ASP C 575 -52.00 -29.57 -12.16
N SER C 576 -51.19 -30.33 -12.92
CA SER C 576 -49.92 -30.84 -12.44
C SER C 576 -48.82 -29.82 -12.75
N VAL C 577 -48.25 -29.24 -11.70
CA VAL C 577 -47.20 -28.23 -11.83
C VAL C 577 -46.10 -28.57 -10.84
N GLU C 578 -44.85 -28.52 -11.31
CA GLU C 578 -43.68 -28.81 -10.46
C GLU C 578 -42.71 -27.63 -10.60
N ILE C 579 -42.77 -26.69 -9.66
CA ILE C 579 -41.83 -25.58 -9.65
C ILE C 579 -40.48 -26.06 -9.12
N SER C 580 -39.43 -25.32 -9.47
CA SER C 580 -38.08 -25.70 -9.07
C SER C 580 -37.24 -24.45 -8.89
N GLY C 581 -36.24 -24.54 -8.03
CA GLY C 581 -35.30 -23.46 -7.81
C GLY C 581 -35.69 -22.43 -6.78
N VAL C 582 -36.88 -22.53 -6.19
CA VAL C 582 -37.36 -21.57 -5.21
C VAL C 582 -37.93 -22.33 -4.01
N GLU C 583 -38.02 -21.61 -2.89
CA GLU C 583 -38.55 -22.18 -1.65
C GLU C 583 -40.08 -22.06 -1.66
N ASP C 584 -40.70 -22.35 -0.52
CA ASP C 584 -42.16 -22.28 -0.44
C ASP C 584 -42.66 -20.85 -0.61
N ARG C 585 -41.97 -19.87 -0.02
CA ARG C 585 -42.36 -18.48 -0.08
C ARG C 585 -41.22 -17.65 -0.66
N PHE C 586 -41.55 -16.77 -1.60
CA PHE C 586 -40.55 -15.92 -2.22
C PHE C 586 -39.97 -14.93 -1.22
N ASN C 587 -38.70 -14.57 -1.42
CA ASN C 587 -38.02 -13.69 -0.49
C ASN C 587 -38.39 -12.23 -0.72
N ALA C 588 -38.08 -11.71 -1.90
CA ALA C 588 -38.37 -10.31 -2.21
C ALA C 588 -39.82 -10.13 -2.61
N SER C 589 -40.40 -9.00 -2.19
CA SER C 589 -41.78 -8.70 -2.50
C SER C 589 -41.95 -7.19 -2.57
N LEU C 590 -43.03 -6.76 -3.22
CA LEU C 590 -43.33 -5.34 -3.39
C LEU C 590 -43.92 -4.80 -2.08
N GLY C 591 -43.05 -4.63 -1.09
CA GLY C 591 -43.49 -4.10 0.18
C GLY C 591 -43.95 -2.66 0.10
N THR C 592 -43.22 -1.83 -0.66
CA THR C 592 -43.57 -0.43 -0.78
C THR C 592 -44.87 -0.24 -1.57
N TYR C 593 -45.11 -1.09 -2.56
CA TYR C 593 -46.30 -0.95 -3.40
C TYR C 593 -47.57 -1.12 -2.57
N HIS C 594 -47.58 -2.09 -1.66
CA HIS C 594 -48.77 -2.33 -0.85
C HIS C 594 -48.99 -1.23 0.18
N ASP C 595 -47.91 -0.65 0.70
CA ASP C 595 -48.05 0.45 1.66
C ASP C 595 -48.70 1.67 1.02
N LEU C 596 -48.31 1.98 -0.22
CA LEU C 596 -48.89 3.13 -0.91
C LEU C 596 -50.31 2.84 -1.38
N LEU C 597 -50.61 1.57 -1.67
CA LEU C 597 -51.93 1.22 -2.17
C LEU C 597 -53.02 1.52 -1.14
N LYS C 598 -52.74 1.23 0.13
CA LYS C 598 -53.72 1.46 1.20
C LYS C 598 -53.81 2.92 1.62
N ILE C 599 -52.92 3.78 1.11
CA ILE C 599 -52.90 5.19 1.47
C ILE C 599 -53.44 6.06 0.34
N ILE C 600 -52.78 6.02 -0.83
CA ILE C 600 -53.23 6.84 -1.95
C ILE C 600 -54.49 6.28 -2.60
N LYS C 601 -54.75 4.98 -2.46
CA LYS C 601 -55.94 4.33 -3.00
C LYS C 601 -56.14 4.64 -4.48
N ASP C 602 -55.09 4.43 -5.27
CA ASP C 602 -55.17 4.66 -6.72
C ASP C 602 -54.29 3.61 -7.40
N LYS C 603 -54.92 2.50 -7.79
CA LYS C 603 -54.20 1.45 -8.50
C LYS C 603 -53.74 1.92 -9.87
N ASP C 604 -54.56 2.71 -10.56
CA ASP C 604 -54.17 3.24 -11.85
C ASP C 604 -52.95 4.15 -11.73
N PHE C 605 -52.93 5.01 -10.70
CA PHE C 605 -51.77 5.86 -10.47
C PHE C 605 -50.54 5.04 -10.11
N LEU C 606 -50.72 3.99 -9.31
CA LEU C 606 -49.58 3.18 -8.90
C LEU C 606 -49.01 2.37 -10.06
N ASP C 607 -49.87 1.98 -11.02
CA ASP C 607 -49.43 1.18 -12.16
C ASP C 607 -48.95 2.03 -13.33
N ASN C 608 -49.37 3.28 -13.41
CA ASN C 608 -49.02 4.14 -14.53
C ASN C 608 -47.52 4.39 -14.57
N GLU C 609 -47.01 4.61 -15.79
CA GLU C 609 -45.57 4.73 -15.99
C GLU C 609 -45.05 6.16 -15.83
N GLU C 610 -45.85 7.17 -16.18
CA GLU C 610 -45.32 8.53 -16.19
C GLU C 610 -45.20 9.13 -14.79
N ASN C 611 -45.75 8.48 -13.76
CA ASN C 611 -45.61 8.97 -12.39
C ASN C 611 -44.56 8.21 -11.60
N GLU C 612 -43.72 7.40 -12.26
CA GLU C 612 -42.67 6.70 -11.54
C GLU C 612 -41.68 7.68 -10.92
N ASP C 613 -41.44 8.81 -11.59
CA ASP C 613 -40.59 9.85 -11.02
C ASP C 613 -41.21 10.39 -9.74
N ILE C 614 -42.53 10.61 -9.75
CA ILE C 614 -43.22 11.11 -8.56
C ILE C 614 -43.12 10.10 -7.42
N LEU C 615 -43.32 8.82 -7.73
CA LEU C 615 -43.24 7.78 -6.69
C LEU C 615 -41.83 7.68 -6.12
N GLU C 616 -40.81 7.75 -6.98
CA GLU C 616 -39.43 7.71 -6.51
C GLU C 616 -39.12 8.93 -5.66
N ASP C 617 -39.63 10.10 -6.05
CA ASP C 617 -39.44 11.29 -5.23
C ASP C 617 -40.09 11.12 -3.86
N ILE C 618 -41.29 10.53 -3.82
CA ILE C 618 -41.99 10.33 -2.56
C ILE C 618 -41.18 9.42 -1.65
N VAL C 619 -40.74 8.27 -2.16
CA VAL C 619 -40.00 7.33 -1.33
C VAL C 619 -38.64 7.91 -0.93
N LEU C 620 -38.02 8.68 -1.83
CA LEU C 620 -36.75 9.32 -1.50
C LEU C 620 -36.94 10.34 -0.38
N THR C 621 -38.01 11.12 -0.43
CA THR C 621 -38.29 12.07 0.64
C THR C 621 -38.51 11.36 1.96
N LEU C 622 -39.30 10.28 1.94
CA LEU C 622 -39.59 9.56 3.16
C LEU C 622 -38.33 8.96 3.77
N THR C 623 -37.45 8.41 2.94
CA THR C 623 -36.20 7.85 3.44
C THR C 623 -35.25 8.94 3.93
N LEU C 624 -35.14 10.03 3.18
CA LEU C 624 -34.18 11.08 3.50
C LEU C 624 -34.55 11.79 4.80
N PHE C 625 -35.79 12.24 4.90
CA PHE C 625 -36.18 13.16 5.95
C PHE C 625 -36.74 12.41 7.15
N GLU C 626 -36.38 12.89 8.34
CA GLU C 626 -36.86 12.33 9.59
C GLU C 626 -37.85 13.23 10.30
N ASP C 627 -37.76 14.54 10.10
CA ASP C 627 -38.61 15.50 10.80
C ASP C 627 -39.88 15.76 10.03
N ARG C 628 -40.99 15.86 10.77
CA ARG C 628 -42.30 16.02 10.15
C ARG C 628 -42.40 17.32 9.38
N GLU C 629 -41.78 18.38 9.90
CA GLU C 629 -41.86 19.69 9.25
C GLU C 629 -41.21 19.64 7.87
N MET C 630 -40.00 19.06 7.76
CA MET C 630 -39.35 18.99 6.46
C MET C 630 -40.06 18.02 5.53
N ILE C 631 -40.61 16.92 6.08
CA ILE C 631 -41.38 16.02 5.23
C ILE C 631 -42.57 16.75 4.62
N GLU C 632 -43.30 17.51 5.45
CA GLU C 632 -44.46 18.24 4.97
C GLU C 632 -44.06 19.31 3.96
N GLU C 633 -42.98 20.05 4.23
CA GLU C 633 -42.59 21.12 3.32
C GLU C 633 -42.07 20.54 2.00
N ARG C 634 -41.52 19.33 2.01
CA ARG C 634 -41.09 18.69 0.78
C ARG C 634 -42.29 18.15 0.00
N LEU C 635 -43.33 17.68 0.69
CA LEU C 635 -44.51 17.17 0.02
C LEU C 635 -45.53 18.26 -0.30
N LYS C 636 -45.15 19.53 -0.18
CA LYS C 636 -46.09 20.61 -0.48
C LYS C 636 -46.38 20.67 -1.97
N THR C 637 -45.37 20.40 -2.81
CA THR C 637 -45.57 20.40 -4.25
C THR C 637 -46.56 19.33 -4.68
N TYR C 638 -46.70 18.27 -3.90
CA TYR C 638 -47.59 17.16 -4.22
C TYR C 638 -48.95 17.30 -3.55
N ALA C 639 -49.22 18.43 -2.90
CA ALA C 639 -50.52 18.65 -2.27
C ALA C 639 -51.65 18.59 -3.29
N HIS C 640 -51.42 19.10 -4.50
CA HIS C 640 -52.43 19.03 -5.54
C HIS C 640 -52.77 17.58 -5.90
N LEU C 641 -51.76 16.70 -5.90
CA LEU C 641 -51.96 15.32 -6.33
C LEU C 641 -52.91 14.57 -5.39
N PHE C 642 -52.79 14.77 -4.08
CA PHE C 642 -53.58 14.02 -3.12
C PHE C 642 -54.18 14.95 -2.06
N ASP C 643 -55.36 14.57 -1.59
CA ASP C 643 -56.10 15.34 -0.60
C ASP C 643 -55.35 15.38 0.75
N ASP C 644 -55.81 16.30 1.61
CA ASP C 644 -55.15 16.59 2.87
C ASP C 644 -54.96 15.35 3.75
N LYS C 645 -56.00 14.52 3.90
CA LYS C 645 -55.87 13.32 4.72
C LYS C 645 -54.76 12.41 4.21
N VAL C 646 -54.79 12.06 2.92
CA VAL C 646 -53.73 11.24 2.32
C VAL C 646 -52.37 11.89 2.54
N MET C 647 -52.29 13.22 2.40
CA MET C 647 -51.03 13.91 2.63
C MET C 647 -50.54 13.73 4.05
N LYS C 648 -51.45 13.83 5.03
CA LYS C 648 -51.09 13.64 6.42
C LYS C 648 -50.61 12.22 6.67
N GLN C 649 -51.30 11.24 6.07
CA GLN C 649 -50.87 9.84 6.22
C GLN C 649 -49.50 9.62 5.62
N LEU C 650 -49.22 10.22 4.46
CA LEU C 650 -47.90 10.11 3.85
C LEU C 650 -46.84 10.73 4.73
N LYS C 651 -47.13 11.87 5.34
CA LYS C 651 -46.20 12.48 6.28
C LYS C 651 -45.95 11.56 7.47
N ARG C 652 -47.00 10.92 7.97
CA ARG C 652 -46.85 10.00 9.10
C ARG C 652 -45.96 8.82 8.73
N ARG C 653 -46.16 8.26 7.53
CA ARG C 653 -45.39 7.10 7.11
C ARG C 653 -43.95 7.51 6.84
N ARG C 654 -43.01 6.70 7.33
CA ARG C 654 -41.58 6.98 7.16
C ARG C 654 -40.83 5.68 6.97
N TYR C 655 -39.89 5.70 6.02
CA TYR C 655 -39.06 4.54 5.71
C TYR C 655 -37.64 4.76 6.21
N THR C 656 -36.92 3.66 6.40
CA THR C 656 -35.52 3.69 6.77
C THR C 656 -34.76 2.68 5.92
N GLY C 657 -33.52 3.01 5.60
CA GLY C 657 -32.65 2.09 4.89
C GLY C 657 -32.28 2.56 3.49
N TRP C 658 -31.09 2.18 3.03
CA TRP C 658 -30.62 2.49 1.70
C TRP C 658 -30.12 1.22 1.03
N GLY C 659 -30.29 1.15 -0.30
CA GLY C 659 -29.94 -0.01 -1.06
C GLY C 659 -28.47 -0.03 -1.44
N ARG C 660 -28.14 -0.99 -2.30
CA ARG C 660 -26.77 -1.16 -2.78
C ARG C 660 -26.63 -1.01 -4.28
N LEU C 661 -27.71 -0.71 -5.00
CA LEU C 661 -27.68 -0.58 -6.45
C LEU C 661 -28.16 0.81 -6.85
N SER C 662 -27.49 1.40 -7.84
CA SER C 662 -27.81 2.73 -8.31
C SER C 662 -28.91 2.69 -9.36
N ARG C 663 -29.66 3.79 -9.45
CA ARG C 663 -30.73 3.89 -10.43
C ARG C 663 -30.18 3.83 -11.85
N LYS C 664 -29.01 4.44 -12.09
CA LYS C 664 -28.42 4.40 -13.42
C LYS C 664 -28.10 2.96 -13.82
N LEU C 665 -27.51 2.19 -12.91
CA LEU C 665 -27.22 0.79 -13.19
C LEU C 665 -28.51 0.00 -13.41
N ILE C 666 -29.53 0.26 -12.59
CA ILE C 666 -30.74 -0.55 -12.66
C ILE C 666 -31.52 -0.28 -13.95
N ASN C 667 -31.70 0.99 -14.32
CA ASN C 667 -32.59 1.33 -15.42
C ASN C 667 -32.02 2.31 -16.44
N GLY C 668 -31.01 3.09 -16.11
CA GLY C 668 -30.53 4.12 -17.01
C GLY C 668 -29.73 3.59 -18.18
N ILE C 669 -28.71 2.78 -17.90
CA ILE C 669 -27.86 2.26 -18.96
C ILE C 669 -28.65 1.27 -19.81
N ARG C 670 -28.41 1.31 -21.12
CA ARG C 670 -29.08 0.45 -22.07
C ARG C 670 -28.05 -0.23 -22.95
N ASP C 671 -28.37 -1.44 -23.39
CA ASP C 671 -27.47 -2.19 -24.26
C ASP C 671 -27.33 -1.48 -25.60
N LYS C 672 -26.11 -1.46 -26.14
CA LYS C 672 -25.85 -0.77 -27.40
C LYS C 672 -26.59 -1.46 -28.55
N GLN C 673 -26.69 -2.79 -28.52
CA GLN C 673 -27.25 -3.53 -29.64
C GLN C 673 -28.74 -3.23 -29.82
N SER C 674 -29.52 -3.31 -28.74
CA SER C 674 -30.96 -3.20 -28.84
C SER C 674 -31.58 -2.14 -27.93
N GLY C 675 -30.78 -1.39 -27.18
CA GLY C 675 -31.32 -0.34 -26.34
C GLY C 675 -32.24 -0.85 -25.24
N LYS C 676 -31.85 -1.93 -24.58
CA LYS C 676 -32.63 -2.52 -23.49
C LYS C 676 -31.93 -2.31 -22.17
N THR C 677 -32.68 -1.94 -21.15
CA THR C 677 -32.16 -1.76 -19.81
C THR C 677 -32.15 -3.09 -19.07
N ILE C 678 -31.52 -3.10 -17.89
CA ILE C 678 -31.48 -4.32 -17.08
C ILE C 678 -32.87 -4.73 -16.66
N LEU C 679 -33.71 -3.76 -16.26
CA LEU C 679 -35.08 -4.07 -15.86
C LEU C 679 -35.88 -4.64 -17.02
N ASP C 680 -35.74 -4.06 -18.22
CA ASP C 680 -36.44 -4.58 -19.38
C ASP C 680 -35.96 -5.99 -19.72
N PHE C 681 -34.64 -6.22 -19.65
CA PHE C 681 -34.10 -7.54 -19.90
C PHE C 681 -34.65 -8.56 -18.92
N LEU C 682 -34.74 -8.19 -17.64
CA LEU C 682 -35.33 -9.07 -16.65
C LEU C 682 -36.80 -9.32 -16.95
N LYS C 683 -37.50 -8.29 -17.42
CA LYS C 683 -38.92 -8.45 -17.77
C LYS C 683 -39.08 -9.47 -18.89
N SER C 684 -38.23 -9.40 -19.92
CA SER C 684 -38.31 -10.35 -21.01
C SER C 684 -36.98 -10.36 -21.76
N ASP C 685 -36.27 -11.49 -21.71
CA ASP C 685 -35.03 -11.68 -22.46
C ASP C 685 -35.12 -13.02 -23.20
N GLY C 686 -35.73 -12.99 -24.38
CA GLY C 686 -35.84 -14.20 -25.18
C GLY C 686 -36.51 -15.31 -24.38
N PHE C 687 -35.80 -16.43 -24.22
CA PHE C 687 -36.26 -17.52 -23.37
C PHE C 687 -35.14 -18.04 -22.46
N ALA C 688 -34.06 -17.27 -22.30
CA ALA C 688 -32.97 -17.70 -21.44
C ALA C 688 -33.20 -17.36 -19.97
N ASN C 689 -33.85 -16.22 -19.71
CA ASN C 689 -34.18 -15.78 -18.35
C ASN C 689 -32.92 -15.68 -17.48
N ARG C 690 -32.05 -14.75 -17.86
CA ARG C 690 -30.81 -14.49 -17.15
C ARG C 690 -31.05 -13.52 -16.00
N ASN C 691 -30.28 -13.69 -14.94
CA ASN C 691 -30.39 -12.84 -13.75
C ASN C 691 -29.38 -11.70 -13.83
N PHE C 692 -29.24 -10.96 -12.73
CA PHE C 692 -28.43 -9.75 -12.74
C PHE C 692 -26.95 -10.06 -12.95
N MET C 693 -26.43 -11.06 -12.23
CA MET C 693 -25.02 -11.40 -12.33
C MET C 693 -24.69 -11.93 -13.72
N GLN C 694 -25.53 -12.81 -14.26
CA GLN C 694 -25.31 -13.29 -15.63
C GLN C 694 -25.38 -12.14 -16.63
N LEU C 695 -26.33 -11.22 -16.43
CA LEU C 695 -26.48 -10.09 -17.34
C LEU C 695 -25.22 -9.22 -17.34
N ILE C 696 -24.69 -8.92 -16.16
CA ILE C 696 -23.52 -8.04 -16.10
C ILE C 696 -22.23 -8.78 -16.43
N HIS C 697 -22.20 -10.11 -16.36
CA HIS C 697 -21.02 -10.87 -16.70
C HIS C 697 -21.02 -11.40 -18.13
N ASP C 698 -22.13 -11.26 -18.85
CA ASP C 698 -22.20 -11.77 -20.22
C ASP C 698 -21.25 -11.00 -21.13
N ASP C 699 -20.46 -11.74 -21.91
CA ASP C 699 -19.49 -11.11 -22.81
C ASP C 699 -20.16 -10.53 -24.05
N SER C 700 -21.21 -11.18 -24.55
CA SER C 700 -21.86 -10.70 -25.77
C SER C 700 -22.48 -9.33 -25.58
N LEU C 701 -23.14 -9.11 -24.45
CA LEU C 701 -23.76 -7.83 -24.19
C LEU C 701 -22.70 -6.78 -23.84
N THR C 702 -23.10 -5.51 -23.96
CA THR C 702 -22.22 -4.39 -23.69
C THR C 702 -22.28 -3.93 -22.24
N PHE C 703 -23.03 -4.63 -21.38
CA PHE C 703 -23.12 -4.24 -19.98
C PHE C 703 -21.77 -4.31 -19.30
N LYS C 704 -21.00 -5.37 -19.55
CA LYS C 704 -19.68 -5.49 -18.96
C LYS C 704 -18.76 -4.37 -19.43
N GLU C 705 -18.80 -4.04 -20.72
CA GLU C 705 -17.98 -2.97 -21.25
C GLU C 705 -18.34 -1.62 -20.62
N ASP C 706 -19.65 -1.35 -20.48
CA ASP C 706 -20.08 -0.11 -19.88
C ASP C 706 -19.66 -0.02 -18.42
N ILE C 707 -19.77 -1.14 -17.68
CA ILE C 707 -19.37 -1.14 -16.29
C ILE C 707 -17.86 -0.93 -16.16
N GLN C 708 -17.07 -1.59 -17.01
CA GLN C 708 -15.62 -1.42 -16.95
C GLN C 708 -15.20 0.00 -17.32
N LYS C 709 -15.87 0.61 -18.30
CA LYS C 709 -15.55 1.97 -18.68
C LYS C 709 -15.81 2.94 -17.53
N ALA C 710 -16.95 2.78 -16.85
CA ALA C 710 -17.25 3.64 -15.71
C ALA C 710 -16.30 3.37 -14.54
N GLN C 711 -15.99 2.09 -14.30
CA GLN C 711 -15.09 1.76 -13.19
C GLN C 711 -13.69 2.31 -13.43
N VAL C 712 -13.21 2.24 -14.66
CA VAL C 712 -11.89 2.76 -14.98
C VAL C 712 -11.88 4.29 -14.86
N SER C 713 -12.99 4.92 -15.23
CA SER C 713 -13.10 6.37 -15.18
C SER C 713 -12.85 6.89 -13.77
N GLY C 714 -12.02 7.91 -13.67
CA GLY C 714 -11.59 8.47 -12.40
C GLY C 714 -10.27 7.91 -11.88
N GLN C 715 -9.90 6.70 -12.31
CA GLN C 715 -8.66 6.02 -11.92
C GLN C 715 -8.54 5.80 -10.42
N GLY C 716 -7.99 4.66 -10.03
CA GLY C 716 -7.65 4.42 -8.64
C GLY C 716 -6.91 5.59 -8.02
N ASP C 717 -7.17 5.86 -6.76
CA ASP C 717 -6.53 6.99 -6.09
C ASP C 717 -5.12 6.59 -5.65
N SER C 718 -4.49 7.43 -4.83
CA SER C 718 -3.17 7.13 -4.32
C SER C 718 -3.24 6.03 -3.26
N LEU C 719 -2.07 5.48 -2.93
CA LEU C 719 -2.02 4.46 -1.89
C LEU C 719 -2.47 5.02 -0.54
N HIS C 720 -2.09 6.26 -0.24
CA HIS C 720 -2.55 6.89 0.99
C HIS C 720 -4.07 7.03 1.03
N GLU C 721 -4.66 7.45 -0.09
CA GLU C 721 -6.12 7.55 -0.15
C GLU C 721 -6.78 6.20 -0.01
N HIS C 722 -6.19 5.16 -0.61
CA HIS C 722 -6.73 3.80 -0.48
C HIS C 722 -6.72 3.35 0.97
N ILE C 723 -5.59 3.54 1.66
CA ILE C 723 -5.50 3.12 3.05
C ILE C 723 -6.46 3.93 3.92
N ALA C 724 -6.61 5.23 3.63
CA ALA C 724 -7.55 6.05 4.38
C ALA C 724 -8.98 5.59 4.17
N ASN C 725 -9.34 5.25 2.93
CA ASN C 725 -10.68 4.76 2.64
C ASN C 725 -10.94 3.37 3.23
N LEU C 726 -9.88 2.62 3.51
CA LEU C 726 -10.06 1.33 4.15
C LEU C 726 -10.73 1.48 5.51
N ALA C 727 -11.47 0.46 5.92
CA ALA C 727 -12.22 0.49 7.16
C ALA C 727 -11.46 -0.30 8.22
N GLY C 728 -11.20 0.34 9.35
CA GLY C 728 -10.45 -0.30 10.43
C GLY C 728 -9.91 0.76 11.37
N SER C 729 -9.05 0.32 12.27
CA SER C 729 -8.48 1.25 13.21
C SER C 729 -7.36 2.08 12.55
N PRO C 730 -7.22 3.35 12.94
CA PRO C 730 -6.15 4.17 12.37
C PRO C 730 -4.76 3.62 12.62
N ALA C 731 -4.52 3.00 13.78
CA ALA C 731 -3.22 2.38 14.05
C ALA C 731 -2.95 1.26 13.05
N ILE C 732 -3.96 0.42 12.78
CA ILE C 732 -3.80 -0.64 11.81
C ILE C 732 -3.56 -0.07 10.42
N LYS C 733 -4.26 1.01 10.07
CA LYS C 733 -4.06 1.63 8.77
C LYS C 733 -2.63 2.17 8.62
N LYS C 734 -2.12 2.79 9.67
CA LYS C 734 -0.74 3.28 9.66
C LYS C 734 0.24 2.12 9.50
N GLY C 735 0.00 1.01 10.21
CA GLY C 735 0.83 -0.17 10.05
C GLY C 735 0.80 -0.72 8.65
N ILE C 736 -0.37 -0.71 8.01
CA ILE C 736 -0.50 -1.21 6.64
C ILE C 736 0.30 -0.34 5.68
N LEU C 737 0.19 0.99 5.83
CA LEU C 737 0.94 1.88 4.95
C LEU C 737 2.44 1.69 5.12
N GLN C 738 2.90 1.57 6.37
CA GLN C 738 4.32 1.34 6.62
C GLN C 738 4.77 0.01 6.04
N THR C 739 3.93 -1.03 6.15
CA THR C 739 4.27 -2.33 5.60
C THR C 739 4.40 -2.27 4.08
N VAL C 740 3.50 -1.55 3.42
CA VAL C 740 3.60 -1.40 1.96
C VAL C 740 4.91 -0.71 1.59
N LYS C 741 5.25 0.35 2.32
CA LYS C 741 6.49 1.07 2.02
C LYS C 741 7.72 0.20 2.24
N VAL C 742 7.75 -0.59 3.32
CA VAL C 742 8.92 -1.44 3.54
C VAL C 742 8.98 -2.56 2.51
N VAL C 743 7.84 -3.05 2.04
CA VAL C 743 7.84 -4.05 0.97
C VAL C 743 8.46 -3.46 -0.29
N ASP C 744 8.04 -2.24 -0.65
CA ASP C 744 8.61 -1.59 -1.83
C ASP C 744 10.11 -1.37 -1.67
N GLU C 745 10.54 -0.93 -0.49
CA GLU C 745 11.97 -0.71 -0.25
C GLU C 745 12.75 -2.01 -0.36
N LEU C 746 12.22 -3.10 0.19
CA LEU C 746 12.90 -4.39 0.10
C LEU C 746 12.99 -4.87 -1.34
N VAL C 747 11.91 -4.70 -2.11
CA VAL C 747 11.94 -5.08 -3.52
C VAL C 747 13.00 -4.28 -4.26
N LYS C 748 13.09 -2.98 -3.98
CA LYS C 748 14.14 -2.16 -4.59
C LYS C 748 15.53 -2.64 -4.19
N VAL C 749 15.69 -3.00 -2.92
CA VAL C 749 17.00 -3.41 -2.41
C VAL C 749 17.46 -4.70 -3.09
N MET C 750 16.57 -5.68 -3.19
CA MET C 750 16.97 -6.99 -3.68
C MET C 750 17.04 -7.04 -5.21
N GLY C 751 17.78 -6.11 -5.80
CA GLY C 751 18.01 -6.12 -7.23
C GLY C 751 16.79 -5.85 -8.08
N ARG C 752 15.76 -5.22 -7.51
CA ARG C 752 14.53 -4.91 -8.23
C ARG C 752 13.87 -6.16 -8.81
N HIS C 753 13.95 -7.26 -8.07
CA HIS C 753 13.31 -8.52 -8.45
C HIS C 753 12.26 -8.87 -7.41
N LYS C 754 11.06 -9.19 -7.88
CA LYS C 754 9.95 -9.46 -6.98
C LYS C 754 10.14 -10.82 -6.29
N PRO C 755 9.68 -10.94 -5.05
CA PRO C 755 9.83 -12.21 -4.33
C PRO C 755 8.87 -13.28 -4.86
N GLU C 756 9.19 -14.53 -4.55
CA GLU C 756 8.33 -15.63 -4.93
C GLU C 756 7.05 -15.66 -4.09
N ASN C 757 7.18 -15.45 -2.78
CA ASN C 757 6.04 -15.44 -1.88
C ASN C 757 6.19 -14.32 -0.87
N ILE C 758 5.04 -13.85 -0.37
CA ILE C 758 4.99 -12.85 0.69
C ILE C 758 4.06 -13.38 1.78
N VAL C 759 4.56 -13.42 3.01
CA VAL C 759 3.82 -13.93 4.16
C VAL C 759 3.59 -12.78 5.13
N ILE C 760 2.33 -12.57 5.51
CA ILE C 760 1.95 -11.50 6.41
C ILE C 760 1.16 -12.07 7.57
N GLU C 761 1.16 -11.32 8.67
CA GLU C 761 0.35 -11.65 9.84
C GLU C 761 0.13 -10.38 10.64
N MET C 762 -1.06 -10.25 11.23
CA MET C 762 -1.42 -9.07 12.01
C MET C 762 -2.00 -9.50 13.35
N ALA C 763 -1.64 -8.76 14.40
CA ALA C 763 -2.17 -9.03 15.72
C ALA C 763 -3.62 -8.58 15.82
N ARG C 764 -4.37 -9.25 16.70
CA ARG C 764 -5.78 -8.90 16.87
C ARG C 764 -5.95 -7.50 17.45
N GLU C 765 -5.15 -7.16 18.46
CA GLU C 765 -5.21 -5.84 19.08
C GLU C 765 -3.94 -5.54 19.87
N ASN C 775 -12.15 2.80 31.05
CA ASN C 775 -13.13 1.72 30.94
C ASN C 775 -13.79 1.44 32.29
N SER C 776 -13.10 1.80 33.37
CA SER C 776 -13.67 1.61 34.69
C SER C 776 -14.92 2.44 34.89
N ARG C 777 -14.91 3.68 34.41
CA ARG C 777 -16.09 4.54 34.50
C ARG C 777 -17.24 3.98 33.67
N GLU C 778 -16.96 3.44 32.49
CA GLU C 778 -18.00 2.82 31.68
C GLU C 778 -18.57 1.60 32.39
N ARG C 779 -17.71 0.80 33.02
CA ARG C 779 -18.19 -0.35 33.79
C ARG C 779 -19.07 0.11 34.95
N MET C 780 -18.67 1.20 35.62
CA MET C 780 -19.47 1.72 36.72
C MET C 780 -20.85 2.17 36.25
N LYS C 781 -20.90 2.89 35.13
CA LYS C 781 -22.21 3.33 34.64
C LYS C 781 -23.05 2.15 34.17
N ARG C 782 -22.42 1.13 33.58
CA ARG C 782 -23.15 -0.05 33.14
C ARG C 782 -23.73 -0.80 34.32
N ILE C 783 -22.95 -0.98 35.39
CA ILE C 783 -23.45 -1.69 36.56
C ILE C 783 -24.53 -0.87 37.26
N GLU C 784 -24.38 0.47 37.27
CA GLU C 784 -25.44 1.30 37.86
C GLU C 784 -26.75 1.14 37.09
N GLU C 785 -26.67 1.17 35.75
CA GLU C 785 -27.89 1.00 34.95
C GLU C 785 -28.50 -0.38 35.17
N GLY C 786 -27.66 -1.42 35.21
CA GLY C 786 -28.18 -2.76 35.43
C GLY C 786 -28.83 -2.92 36.80
N ILE C 787 -28.21 -2.36 37.84
CA ILE C 787 -28.77 -2.43 39.18
C ILE C 787 -30.09 -1.69 39.24
N LYS C 788 -30.16 -0.51 38.63
CA LYS C 788 -31.41 0.24 38.63
C LYS C 788 -32.50 -0.51 37.90
N GLU C 789 -32.17 -1.14 36.77
CA GLU C 789 -33.17 -1.88 36.01
C GLU C 789 -33.66 -3.11 36.78
N LEU C 790 -32.74 -3.83 37.43
CA LEU C 790 -33.10 -5.06 38.11
C LEU C 790 -33.69 -4.84 39.49
N GLY C 791 -33.56 -3.63 40.05
CA GLY C 791 -34.09 -3.36 41.37
C GLY C 791 -33.29 -3.92 42.52
N SER C 792 -32.08 -4.43 42.27
CA SER C 792 -31.26 -4.99 43.34
C SER C 792 -30.64 -3.88 44.19
N GLN C 793 -30.11 -4.28 45.34
CA GLN C 793 -29.49 -3.35 46.28
C GLN C 793 -28.09 -3.79 46.66
N ILE C 794 -27.42 -4.55 45.79
CA ILE C 794 -26.07 -5.03 46.08
C ILE C 794 -25.11 -3.85 46.20
N LEU C 795 -25.23 -2.87 45.31
CA LEU C 795 -24.38 -1.68 45.39
C LEU C 795 -24.63 -0.92 46.68
N LYS C 796 -25.89 -0.83 47.11
CA LYS C 796 -26.21 -0.17 48.38
C LYS C 796 -25.66 -0.96 49.56
N GLU C 797 -25.57 -2.28 49.45
CA GLU C 797 -25.03 -3.08 50.55
C GLU C 797 -23.57 -2.75 50.81
N HIS C 798 -22.78 -2.59 49.74
CA HIS C 798 -21.36 -2.27 49.86
C HIS C 798 -20.93 -1.53 48.59
N PRO C 799 -20.84 -0.21 48.64
CA PRO C 799 -20.39 0.55 47.46
C PRO C 799 -18.98 0.17 47.06
N VAL C 800 -18.73 0.21 45.75
CA VAL C 800 -17.45 -0.17 45.16
C VAL C 800 -16.98 0.95 44.24
N GLU C 801 -15.72 1.34 44.39
CA GLU C 801 -15.14 2.37 43.54
C GLU C 801 -14.75 1.81 42.18
N ASN C 802 -14.50 2.71 41.24
CA ASN C 802 -14.15 2.30 39.88
C ASN C 802 -12.83 1.54 39.85
N THR C 803 -11.85 1.99 40.63
CA THR C 803 -10.56 1.30 40.67
C THR C 803 -10.72 -0.12 41.21
N GLN C 804 -11.56 -0.29 42.24
CA GLN C 804 -11.85 -1.63 42.73
C GLN C 804 -12.60 -2.44 41.68
N LEU C 805 -13.54 -1.81 40.96
CA LEU C 805 -14.28 -2.51 39.91
C LEU C 805 -13.40 -2.88 38.73
N GLN C 806 -12.22 -2.28 38.61
CA GLN C 806 -11.32 -2.64 37.52
C GLN C 806 -10.85 -4.09 37.60
N ASN C 807 -10.91 -4.70 38.79
CA ASN C 807 -10.52 -6.10 38.92
C ASN C 807 -11.51 -7.00 38.18
N GLU C 808 -10.97 -7.99 37.47
CA GLU C 808 -11.81 -8.86 36.65
C GLU C 808 -12.76 -9.69 37.52
N LYS C 809 -12.24 -10.26 38.60
CA LYS C 809 -13.08 -11.09 39.47
C LYS C 809 -14.18 -10.26 40.12
N LEU C 810 -13.84 -9.08 40.62
CA LEU C 810 -14.85 -8.21 41.22
C LEU C 810 -15.90 -7.78 40.20
N TYR C 811 -15.45 -7.46 38.97
CA TYR C 811 -16.40 -7.09 37.93
C TYR C 811 -17.35 -8.22 37.61
N LEU C 812 -16.83 -9.45 37.50
CA LEU C 812 -17.70 -10.60 37.23
C LEU C 812 -18.68 -10.81 38.37
N TYR C 813 -18.21 -10.71 39.62
CA TYR C 813 -19.08 -10.89 40.77
C TYR C 813 -20.19 -9.85 40.79
N TYR C 814 -19.84 -8.60 40.48
CA TYR C 814 -20.85 -7.53 40.51
C TYR C 814 -21.83 -7.67 39.35
N LEU C 815 -21.34 -8.08 38.18
CA LEU C 815 -22.24 -8.30 37.04
C LEU C 815 -23.21 -9.44 37.31
N GLN C 816 -22.75 -10.50 37.96
CA GLN C 816 -23.60 -11.63 38.29
C GLN C 816 -24.55 -11.34 39.45
N ASN C 817 -24.64 -10.11 39.93
CA ASN C 817 -25.53 -9.74 41.04
C ASN C 817 -25.17 -10.51 42.31
N GLY C 818 -23.90 -10.89 42.44
CA GLY C 818 -23.45 -11.59 43.63
C GLY C 818 -23.98 -13.00 43.77
N ARG C 819 -24.35 -13.65 42.66
CA ARG C 819 -24.89 -15.00 42.68
C ARG C 819 -24.15 -15.87 41.68
N ASP C 820 -24.09 -17.16 41.98
CA ASP C 820 -23.43 -18.11 41.10
C ASP C 820 -24.20 -18.24 39.79
N MET C 821 -23.46 -18.34 38.68
CA MET C 821 -24.08 -18.39 37.37
C MET C 821 -24.64 -19.78 37.03
N TYR C 822 -24.24 -20.82 37.75
CA TYR C 822 -24.67 -22.18 37.42
C TYR C 822 -25.58 -22.80 38.46
N VAL C 823 -25.56 -22.32 39.70
CA VAL C 823 -26.45 -22.82 40.74
C VAL C 823 -27.15 -21.63 41.40
N ASP C 824 -28.28 -21.90 42.03
CA ASP C 824 -29.09 -20.86 42.67
C ASP C 824 -28.60 -20.63 44.10
N GLN C 825 -27.40 -20.07 44.19
CA GLN C 825 -26.79 -19.74 45.47
C GLN C 825 -26.19 -18.34 45.40
N GLU C 826 -25.93 -17.77 46.57
CA GLU C 826 -25.38 -16.43 46.70
C GLU C 826 -23.92 -16.53 47.12
N LEU C 827 -23.04 -15.84 46.39
CA LEU C 827 -21.63 -15.79 46.71
C LEU C 827 -21.32 -14.62 47.63
N ASP C 828 -20.15 -14.68 48.26
CA ASP C 828 -19.71 -13.67 49.21
C ASP C 828 -18.63 -12.82 48.58
N ILE C 829 -18.78 -11.50 48.66
CA ILE C 829 -17.77 -10.60 48.13
C ILE C 829 -16.47 -10.73 48.90
N ASN C 830 -16.55 -10.80 50.24
CA ASN C 830 -15.35 -10.89 51.06
C ASN C 830 -14.63 -12.23 50.84
N ARG C 831 -15.35 -13.27 50.45
CA ARG C 831 -14.78 -14.58 50.22
C ARG C 831 -14.29 -14.76 48.78
N LEU C 832 -13.96 -13.67 48.10
CA LEU C 832 -13.46 -13.76 46.73
C LEU C 832 -12.02 -14.28 46.73
N SER C 833 -11.44 -14.33 45.53
CA SER C 833 -10.11 -14.88 45.30
C SER C 833 -10.01 -16.33 45.73
N ASP C 834 -11.14 -17.03 45.79
CA ASP C 834 -11.19 -18.44 46.15
C ASP C 834 -11.96 -19.30 45.17
N TYR C 835 -12.76 -18.71 44.29
CA TYR C 835 -13.51 -19.45 43.29
C TYR C 835 -12.73 -19.45 41.98
N ASP C 836 -13.37 -19.93 40.92
CA ASP C 836 -12.74 -20.05 39.61
C ASP C 836 -13.62 -19.39 38.55
N VAL C 837 -12.98 -18.85 37.52
CA VAL C 837 -13.67 -18.24 36.40
C VAL C 837 -13.60 -19.21 35.23
N ASP C 838 -14.77 -19.60 34.71
CA ASP C 838 -14.86 -20.56 33.64
C ASP C 838 -15.53 -19.92 32.43
N ALA C 839 -14.89 -20.02 31.28
CA ALA C 839 -15.47 -19.51 30.05
C ALA C 839 -16.68 -20.33 29.65
N ILE C 840 -17.66 -19.68 29.02
CA ILE C 840 -18.85 -20.38 28.54
C ILE C 840 -18.46 -21.39 27.47
N VAL C 841 -17.60 -20.99 26.54
CA VAL C 841 -17.09 -21.90 25.53
C VAL C 841 -15.68 -22.30 25.95
N PRO C 842 -15.32 -23.59 25.85
CA PRO C 842 -14.01 -24.03 26.36
C PRO C 842 -12.85 -23.29 25.69
N GLN C 843 -11.80 -23.05 26.47
CA GLN C 843 -10.65 -22.32 25.97
C GLN C 843 -9.93 -23.06 24.86
N SER C 844 -10.07 -24.39 24.82
CA SER C 844 -9.42 -25.16 23.76
C SER C 844 -10.02 -24.85 22.40
N PHE C 845 -11.34 -24.63 22.35
CA PHE C 845 -12.01 -24.45 21.07
C PHE C 845 -11.66 -23.11 20.44
N LEU C 846 -11.72 -22.03 21.22
CA LEU C 846 -11.45 -20.70 20.70
C LEU C 846 -10.68 -19.91 21.75
N LYS C 847 -10.13 -18.78 21.32
CA LYS C 847 -9.38 -17.88 22.19
C LYS C 847 -10.19 -16.61 22.39
N ASP C 848 -10.76 -16.44 23.57
CA ASP C 848 -11.57 -15.27 23.89
C ASP C 848 -11.63 -15.11 25.40
N ASP C 849 -11.08 -14.01 25.91
CA ASP C 849 -11.04 -13.74 27.34
C ASP C 849 -11.90 -12.54 27.73
N SER C 850 -12.86 -12.18 26.88
CA SER C 850 -13.71 -11.03 27.16
C SER C 850 -14.77 -11.36 28.21
N ILE C 851 -15.38 -10.31 28.76
CA ILE C 851 -16.48 -10.49 29.70
C ILE C 851 -17.66 -11.15 29.04
N ASP C 852 -17.80 -10.98 27.71
CA ASP C 852 -18.88 -11.61 26.98
C ASP C 852 -18.81 -13.13 27.02
N ASN C 853 -17.63 -13.69 27.32
CA ASN C 853 -17.45 -15.13 27.39
C ASN C 853 -17.03 -15.64 28.75
N LYS C 854 -16.50 -14.79 29.63
CA LYS C 854 -16.05 -15.22 30.94
C LYS C 854 -17.20 -15.21 31.94
N VAL C 855 -17.28 -16.26 32.74
CA VAL C 855 -18.32 -16.42 33.75
C VAL C 855 -17.66 -16.86 35.06
N LEU C 856 -18.01 -16.20 36.15
CA LEU C 856 -17.47 -16.52 37.47
C LEU C 856 -18.46 -17.38 38.24
N THR C 857 -17.98 -18.52 38.75
CA THR C 857 -18.80 -19.44 39.51
C THR C 857 -18.00 -19.94 40.72
N ARG C 858 -18.73 -20.40 41.73
CA ARG C 858 -18.08 -20.91 42.94
C ARG C 858 -17.20 -22.10 42.64
N SER C 859 -17.70 -23.06 41.86
CA SER C 859 -16.94 -24.23 41.47
C SER C 859 -17.08 -24.43 39.96
N ASP C 860 -15.95 -24.59 39.28
CA ASP C 860 -15.98 -24.79 37.83
C ASP C 860 -16.57 -26.15 37.44
N LYS C 861 -16.69 -27.08 38.38
CA LYS C 861 -17.26 -28.39 38.10
C LYS C 861 -18.77 -28.37 37.96
N ASN C 862 -19.42 -27.25 38.31
CA ASN C 862 -20.88 -27.20 38.24
C ASN C 862 -21.38 -27.31 36.80
N ARG C 863 -20.59 -26.87 35.83
CA ARG C 863 -20.98 -26.97 34.43
C ARG C 863 -21.02 -28.41 33.94
N GLY C 864 -20.38 -29.32 34.65
CA GLY C 864 -20.34 -30.72 34.24
C GLY C 864 -19.13 -31.00 33.36
N LYS C 865 -19.36 -31.39 32.12
CA LYS C 865 -18.27 -31.63 31.19
C LYS C 865 -17.56 -30.33 30.86
N SER C 866 -16.24 -30.38 30.82
CA SER C 866 -15.41 -29.20 30.55
C SER C 866 -15.04 -29.06 29.09
N ASP C 867 -15.56 -29.92 28.22
CA ASP C 867 -15.23 -29.91 26.79
C ASP C 867 -16.40 -29.45 25.91
N ASN C 868 -17.39 -28.79 26.50
CA ASN C 868 -18.57 -28.37 25.73
C ASN C 868 -19.28 -27.26 26.49
N VAL C 869 -20.47 -26.89 26.00
CA VAL C 869 -21.34 -25.89 26.61
C VAL C 869 -21.81 -26.44 27.95
N PRO C 870 -22.15 -25.59 28.94
CA PRO C 870 -22.65 -26.13 30.21
C PRO C 870 -23.81 -27.11 30.07
N SER C 871 -24.07 -27.84 31.15
CA SER C 871 -25.01 -28.95 31.12
C SER C 871 -26.44 -28.47 30.88
N GLU C 872 -27.22 -29.33 30.23
CA GLU C 872 -28.62 -29.02 29.97
C GLU C 872 -29.41 -28.82 31.25
N GLU C 873 -29.06 -29.58 32.30
CA GLU C 873 -29.74 -29.40 33.58
C GLU C 873 -29.49 -28.02 34.16
N VAL C 874 -28.25 -27.56 34.12
CA VAL C 874 -27.92 -26.22 34.62
C VAL C 874 -28.60 -25.15 33.76
N VAL C 875 -28.61 -25.36 32.45
CA VAL C 875 -29.26 -24.41 31.56
C VAL C 875 -30.75 -24.30 31.89
N LYS C 876 -31.41 -25.44 32.07
CA LYS C 876 -32.83 -25.42 32.42
C LYS C 876 -33.06 -24.81 33.79
N LYS C 877 -32.13 -25.02 34.72
CA LYS C 877 -32.29 -24.47 36.06
C LYS C 877 -32.19 -22.95 36.06
N MET C 878 -31.22 -22.39 35.34
CA MET C 878 -30.94 -20.96 35.45
C MET C 878 -31.25 -20.18 34.18
N LYS C 879 -32.06 -20.74 33.27
CA LYS C 879 -32.49 -19.98 32.11
C LYS C 879 -33.28 -18.73 32.50
N ASN C 880 -34.16 -18.88 33.50
CA ASN C 880 -34.94 -17.72 33.95
C ASN C 880 -34.03 -16.63 34.51
N TYR C 881 -33.05 -17.01 35.33
CA TYR C 881 -32.14 -16.02 35.90
C TYR C 881 -31.31 -15.35 34.83
N TRP C 882 -30.83 -16.13 33.86
CA TRP C 882 -30.06 -15.53 32.76
C TRP C 882 -30.92 -14.60 31.92
N ARG C 883 -32.19 -14.96 31.70
CA ARG C 883 -33.09 -14.07 30.97
C ARG C 883 -33.32 -12.77 31.74
N GLN C 884 -33.48 -12.87 33.07
CA GLN C 884 -33.64 -11.66 33.88
C GLN C 884 -32.40 -10.78 33.81
N LEU C 885 -31.21 -11.38 33.87
CA LEU C 885 -29.98 -10.61 33.77
C LEU C 885 -29.87 -9.95 32.40
N LEU C 886 -30.23 -10.66 31.33
CA LEU C 886 -30.19 -10.09 30.00
C LEU C 886 -31.16 -8.91 29.88
N ASN C 887 -32.36 -9.05 30.42
CA ASN C 887 -33.30 -7.93 30.44
C ASN C 887 -32.79 -6.78 31.30
N ALA C 888 -31.92 -7.07 32.27
CA ALA C 888 -31.30 -6.06 33.10
C ALA C 888 -30.05 -5.47 32.47
N LYS C 889 -29.69 -5.90 31.25
CA LYS C 889 -28.53 -5.41 30.52
C LYS C 889 -27.21 -5.71 31.21
N LEU C 890 -27.21 -6.63 32.18
CA LEU C 890 -25.96 -7.04 32.80
C LEU C 890 -25.16 -7.98 31.89
N ILE C 891 -25.84 -8.79 31.09
CA ILE C 891 -25.20 -9.66 30.12
C ILE C 891 -25.73 -9.30 28.74
N THR C 892 -25.00 -9.74 27.72
CA THR C 892 -25.31 -9.41 26.33
C THR C 892 -26.10 -10.54 25.66
N GLN C 893 -26.66 -10.22 24.50
CA GLN C 893 -27.41 -11.22 23.74
C GLN C 893 -26.50 -12.35 23.30
N ARG C 894 -25.27 -12.04 22.87
CA ARG C 894 -24.32 -13.07 22.49
C ARG C 894 -23.98 -13.98 23.68
N LYS C 895 -23.78 -13.38 24.86
CA LYS C 895 -23.48 -14.17 26.04
C LYS C 895 -24.65 -15.08 26.40
N PHE C 896 -25.87 -14.56 26.32
CA PHE C 896 -27.04 -15.37 26.61
C PHE C 896 -27.17 -16.53 25.62
N ASP C 897 -26.97 -16.26 24.33
CA ASP C 897 -27.07 -17.31 23.33
C ASP C 897 -26.01 -18.38 23.53
N ASN C 898 -24.79 -17.98 23.87
CA ASN C 898 -23.73 -18.96 24.16
C ASN C 898 -24.06 -19.77 25.40
N LEU C 899 -24.59 -19.12 26.43
CA LEU C 899 -24.92 -19.82 27.68
C LEU C 899 -26.04 -20.85 27.46
N THR C 900 -27.07 -20.48 26.69
CA THR C 900 -28.22 -21.37 26.49
C THR C 900 -28.09 -22.22 25.24
N LYS C 901 -26.87 -22.55 24.82
CA LYS C 901 -26.69 -23.37 23.63
C LYS C 901 -27.06 -24.82 23.87
N ALA C 902 -27.01 -25.28 25.13
CA ALA C 902 -27.29 -26.67 25.43
C ALA C 902 -28.71 -27.05 25.04
N GLU C 903 -29.68 -26.18 25.34
CA GLU C 903 -31.06 -26.46 24.94
C GLU C 903 -31.21 -26.52 23.43
N ARG C 904 -30.53 -25.63 22.72
CA ARG C 904 -30.55 -25.65 21.26
C ARG C 904 -29.85 -26.88 20.68
N GLY C 905 -28.95 -27.51 21.45
CA GLY C 905 -28.27 -28.69 20.97
C GLY C 905 -26.83 -28.79 21.39
N GLY C 906 -26.30 -27.73 21.99
CA GLY C 906 -24.92 -27.71 22.39
C GLY C 906 -23.97 -27.52 21.23
N LEU C 907 -22.71 -27.86 21.46
CA LEU C 907 -21.66 -27.74 20.45
C LEU C 907 -21.58 -29.05 19.67
N SER C 908 -22.06 -29.02 18.42
CA SER C 908 -22.02 -30.20 17.56
C SER C 908 -20.60 -30.39 17.02
N GLU C 909 -20.37 -31.60 16.48
CA GLU C 909 -19.05 -31.93 15.96
C GLU C 909 -18.64 -31.00 14.82
N LEU C 910 -19.62 -30.59 14.00
CA LEU C 910 -19.33 -29.61 12.96
C LEU C 910 -18.90 -28.28 13.57
N ASP C 911 -19.53 -27.88 14.68
CA ASP C 911 -19.12 -26.66 15.36
C ASP C 911 -17.72 -26.77 15.92
N LYS C 912 -17.37 -27.92 16.51
CA LYS C 912 -16.02 -28.11 17.02
C LYS C 912 -15.00 -28.05 15.89
N ALA C 913 -15.31 -28.69 14.76
CA ALA C 913 -14.42 -28.66 13.62
C ALA C 913 -14.24 -27.24 13.09
N GLY C 914 -15.33 -26.48 12.99
CA GLY C 914 -15.23 -25.11 12.53
C GLY C 914 -14.42 -24.25 13.49
N PHE C 915 -14.61 -24.46 14.79
CA PHE C 915 -13.86 -23.69 15.79
C PHE C 915 -12.37 -23.98 15.68
N ILE C 916 -12.00 -25.25 15.49
CA ILE C 916 -10.59 -25.56 15.39
C ILE C 916 -10.01 -25.16 14.03
N LYS C 917 -10.86 -25.10 12.99
CA LYS C 917 -10.36 -24.69 11.68
C LYS C 917 -10.10 -23.20 11.62
N ARG C 918 -11.03 -22.39 12.16
CA ARG C 918 -10.87 -20.95 12.08
C ARG C 918 -9.74 -20.43 12.96
N GLN C 919 -9.16 -21.27 13.81
CA GLN C 919 -8.02 -20.87 14.63
C GLN C 919 -6.74 -20.76 13.81
N LEU C 920 -6.56 -21.65 12.83
CA LEU C 920 -5.36 -21.68 12.00
C LEU C 920 -5.52 -20.91 10.70
N VAL C 921 -6.70 -20.36 10.41
CA VAL C 921 -6.96 -19.69 9.14
C VAL C 921 -7.45 -18.27 9.44
N GLU C 922 -6.85 -17.29 8.76
CA GLU C 922 -7.25 -15.90 8.93
C GLU C 922 -8.45 -15.59 8.04
N THR C 923 -9.48 -14.97 8.64
CA THR C 923 -10.70 -14.63 7.92
C THR C 923 -11.07 -13.16 8.07
N ARG C 924 -10.16 -12.32 8.52
CA ARG C 924 -10.50 -10.92 8.80
C ARG C 924 -10.49 -10.08 7.53
N GLN C 925 -11.49 -9.20 7.41
CA GLN C 925 -11.61 -8.35 6.24
C GLN C 925 -10.42 -7.41 6.11
N ILE C 926 -9.85 -6.96 7.22
CA ILE C 926 -8.69 -6.07 7.15
C ILE C 926 -7.49 -6.81 6.56
N THR C 927 -7.26 -8.06 6.99
CA THR C 927 -6.17 -8.84 6.41
C THR C 927 -6.42 -9.14 4.94
N LYS C 928 -7.68 -9.42 4.58
CA LYS C 928 -8.00 -9.61 3.17
C LYS C 928 -7.71 -8.36 2.35
N HIS C 929 -8.04 -7.18 2.89
CA HIS C 929 -7.73 -5.93 2.19
C HIS C 929 -6.23 -5.73 2.04
N VAL C 930 -5.46 -6.03 3.08
CA VAL C 930 -4.01 -5.89 3.00
C VAL C 930 -3.46 -6.81 1.92
N ALA C 931 -3.92 -8.06 1.90
CA ALA C 931 -3.47 -9.01 0.89
C ALA C 931 -3.85 -8.55 -0.50
N GLN C 932 -5.06 -8.01 -0.67
CA GLN C 932 -5.49 -7.51 -1.96
C GLN C 932 -4.61 -6.36 -2.43
N ILE C 933 -4.30 -5.43 -1.54
CA ILE C 933 -3.46 -4.29 -1.90
C ILE C 933 -2.07 -4.78 -2.32
N LEU C 934 -1.49 -5.70 -1.53
CA LEU C 934 -0.17 -6.21 -1.87
C LEU C 934 -0.18 -6.95 -3.21
N ASP C 935 -1.20 -7.77 -3.43
CA ASP C 935 -1.29 -8.50 -4.70
C ASP C 935 -1.44 -7.55 -5.88
N SER C 936 -2.28 -6.53 -5.74
CA SER C 936 -2.48 -5.58 -6.83
C SER C 936 -1.19 -4.83 -7.13
N ARG C 937 -0.46 -4.42 -6.09
CA ARG C 937 0.80 -3.71 -6.33
C ARG C 937 1.84 -4.63 -6.95
N MET C 938 1.98 -5.85 -6.44
CA MET C 938 3.07 -6.72 -6.87
C MET C 938 2.83 -7.27 -8.27
N ASN C 939 1.62 -7.75 -8.55
CA ASN C 939 1.33 -8.41 -9.81
C ASN C 939 0.54 -7.45 -10.70
N THR C 940 1.13 -7.10 -11.85
CA THR C 940 0.48 -6.19 -12.77
C THR C 940 0.63 -6.61 -14.23
N LYS C 941 1.07 -7.84 -14.51
CA LYS C 941 1.25 -8.32 -15.86
C LYS C 941 0.14 -9.32 -16.19
N TYR C 942 -0.47 -9.16 -17.34
CA TYR C 942 -1.57 -9.99 -17.78
C TYR C 942 -1.08 -11.06 -18.76
N ASP C 943 -2.01 -11.89 -19.20
CA ASP C 943 -1.71 -13.01 -20.09
C ASP C 943 -2.38 -12.79 -21.44
N GLU C 944 -2.32 -13.80 -22.30
CA GLU C 944 -2.85 -13.67 -23.66
C GLU C 944 -4.36 -13.41 -23.65
N ASN C 945 -5.07 -13.90 -22.64
CA ASN C 945 -6.51 -13.72 -22.53
C ASN C 945 -6.88 -12.68 -21.46
N ASP C 946 -6.02 -11.67 -21.26
CA ASP C 946 -6.28 -10.61 -20.28
C ASP C 946 -6.52 -11.18 -18.90
N LYS C 947 -5.74 -12.19 -18.52
CA LYS C 947 -5.83 -12.82 -17.21
C LYS C 947 -4.55 -12.55 -16.43
N LEU C 948 -4.70 -12.12 -15.19
CA LEU C 948 -3.55 -11.73 -14.36
C LEU C 948 -2.68 -12.93 -14.01
N ILE C 949 -1.37 -12.75 -14.15
CA ILE C 949 -0.41 -13.80 -13.83
C ILE C 949 0.04 -13.61 -12.38
N ARG C 950 -0.08 -14.65 -11.58
CA ARG C 950 0.32 -14.61 -10.17
C ARG C 950 1.83 -14.75 -10.06
N GLU C 951 2.53 -13.65 -10.35
CA GLU C 951 3.99 -13.66 -10.21
C GLU C 951 4.40 -13.83 -8.75
N VAL C 952 3.71 -13.16 -7.84
CA VAL C 952 4.00 -13.23 -6.41
C VAL C 952 2.77 -13.73 -5.68
N LYS C 953 2.97 -14.65 -4.75
CA LYS C 953 1.88 -15.21 -3.96
C LYS C 953 1.90 -14.59 -2.57
N VAL C 954 0.74 -14.10 -2.13
CA VAL C 954 0.60 -13.47 -0.82
C VAL C 954 -0.13 -14.43 0.08
N ILE C 955 0.48 -14.76 1.23
CA ILE C 955 -0.05 -15.74 2.16
C ILE C 955 -0.33 -15.04 3.48
N THR C 956 -1.46 -15.37 4.09
CA THR C 956 -1.86 -14.81 5.36
C THR C 956 -1.96 -15.94 6.39
N LEU C 957 -1.27 -15.76 7.51
CA LEU C 957 -1.27 -16.74 8.58
C LEU C 957 -1.68 -16.07 9.89
N LYS C 958 -2.18 -16.87 10.81
CA LYS C 958 -2.48 -16.40 12.15
C LYS C 958 -1.27 -16.62 13.05
N SER C 959 -1.25 -15.88 14.16
CA SER C 959 -0.13 -15.97 15.08
C SER C 959 -0.05 -17.32 15.79
N LYS C 960 -1.11 -18.13 15.73
CA LYS C 960 -1.11 -19.42 16.42
C LYS C 960 -0.03 -20.34 15.86
N LEU C 961 0.16 -20.34 14.54
CA LEU C 961 1.16 -21.23 13.95
C LEU C 961 2.56 -20.90 14.45
N VAL C 962 2.92 -19.62 14.44
CA VAL C 962 4.25 -19.22 14.88
C VAL C 962 4.42 -19.44 16.38
N SER C 963 3.38 -19.14 17.18
CA SER C 963 3.48 -19.36 18.62
C SER C 963 3.66 -20.84 18.93
N ASP C 964 2.90 -21.71 18.26
CA ASP C 964 3.03 -23.14 18.47
C ASP C 964 4.40 -23.64 18.02
N PHE C 965 4.91 -23.11 16.91
CA PHE C 965 6.25 -23.48 16.45
C PHE C 965 7.29 -23.12 17.51
N ARG C 966 7.21 -21.91 18.06
CA ARG C 966 8.16 -21.49 19.09
C ARG C 966 8.06 -22.37 20.32
N LYS C 967 6.84 -22.66 20.78
CA LYS C 967 6.67 -23.48 21.97
C LYS C 967 7.15 -24.91 21.75
N ASP C 968 6.88 -25.47 20.57
CA ASP C 968 7.21 -26.87 20.33
C ASP C 968 8.70 -27.08 20.13
N PHE C 969 9.36 -26.18 19.40
CA PHE C 969 10.74 -26.39 19.00
C PHE C 969 11.70 -25.47 19.73
N GLN C 970 11.34 -25.04 20.93
CA GLN C 970 12.20 -24.28 21.83
C GLN C 970 12.74 -23.02 21.15
N PHE C 971 11.82 -22.16 20.72
CA PHE C 971 12.17 -20.86 20.19
C PHE C 971 11.43 -19.80 20.99
N TYR C 972 11.49 -19.93 22.32
CA TYR C 972 10.67 -19.11 23.21
C TYR C 972 10.97 -17.64 23.04
N LYS C 973 9.92 -16.83 23.11
CA LYS C 973 10.01 -15.39 22.90
C LYS C 973 9.72 -14.66 24.21
N VAL C 974 10.60 -13.75 24.59
CA VAL C 974 10.41 -12.86 25.72
C VAL C 974 10.38 -11.44 25.19
N ARG C 975 9.29 -10.72 25.47
CA ARG C 975 9.10 -9.40 24.90
C ARG C 975 9.85 -8.31 25.64
N GLU C 976 10.36 -8.59 26.84
CA GLU C 976 11.01 -7.58 27.65
C GLU C 976 12.51 -7.49 27.43
N ILE C 977 13.08 -8.39 26.62
CA ILE C 977 14.53 -8.36 26.40
C ILE C 977 14.90 -7.21 25.47
N ASN C 978 14.39 -7.24 24.25
CA ASN C 978 14.67 -6.20 23.26
C ASN C 978 13.54 -6.22 22.23
N ASN C 979 13.74 -5.50 21.13
CA ASN C 979 12.75 -5.41 20.07
C ASN C 979 13.02 -6.35 18.91
N TYR C 980 13.95 -7.29 19.09
CA TYR C 980 14.26 -8.23 18.02
C TYR C 980 13.14 -9.24 17.79
N HIS C 981 12.16 -9.32 18.71
CA HIS C 981 11.11 -10.32 18.58
C HIS C 981 10.20 -10.03 17.41
N HIS C 982 10.06 -8.75 17.01
CA HIS C 982 9.28 -8.42 15.82
C HIS C 982 9.93 -9.02 14.57
N ALA C 983 11.23 -8.81 14.41
CA ALA C 983 11.94 -9.39 13.28
C ALA C 983 11.93 -10.91 13.32
N HIS C 984 12.09 -11.48 14.52
CA HIS C 984 12.05 -12.93 14.65
C HIS C 984 10.68 -13.48 14.28
N ASP C 985 9.61 -12.78 14.68
CA ASP C 985 8.26 -13.19 14.29
C ASP C 985 8.08 -13.12 12.78
N ALA C 986 8.60 -12.07 12.15
CA ALA C 986 8.50 -11.97 10.70
C ALA C 986 9.24 -13.11 10.01
N TYR C 987 10.46 -13.41 10.47
CA TYR C 987 11.22 -14.49 9.87
C TYR C 987 10.53 -15.84 10.05
N LEU C 988 10.03 -16.10 11.26
CA LEU C 988 9.34 -17.36 11.52
C LEU C 988 8.05 -17.45 10.70
N ASN C 989 7.35 -16.34 10.55
CA ASN C 989 6.15 -16.33 9.72
C ASN C 989 6.50 -16.70 8.28
N ALA C 990 7.56 -16.12 7.74
CA ALA C 990 7.98 -16.45 6.38
C ALA C 990 8.31 -17.92 6.26
N VAL C 991 9.09 -18.45 7.22
CA VAL C 991 9.54 -19.84 7.15
C VAL C 991 8.35 -20.78 7.22
N VAL C 992 7.45 -20.55 8.18
CA VAL C 992 6.31 -21.43 8.37
C VAL C 992 5.37 -21.36 7.17
N GLY C 993 5.11 -20.16 6.66
CA GLY C 993 4.22 -20.03 5.51
C GLY C 993 4.78 -20.72 4.27
N THR C 994 6.06 -20.50 3.99
CA THR C 994 6.68 -21.14 2.83
C THR C 994 6.66 -22.65 2.98
N ALA C 995 7.01 -23.16 4.17
CA ALA C 995 7.00 -24.61 4.37
C ALA C 995 5.60 -25.18 4.21
N LEU C 996 4.59 -24.49 4.74
CA LEU C 996 3.21 -24.98 4.64
C LEU C 996 2.75 -25.02 3.19
N ILE C 997 3.00 -23.94 2.44
CA ILE C 997 2.54 -23.94 1.05
C ILE C 997 3.34 -24.91 0.19
N LYS C 998 4.57 -25.22 0.59
CA LYS C 998 5.33 -26.23 -0.15
C LYS C 998 4.85 -27.64 0.18
N LYS C 999 4.52 -27.90 1.45
CA LYS C 999 4.11 -29.24 1.85
C LYS C 999 2.70 -29.56 1.38
N TYR C 1000 1.78 -28.61 1.51
CA TYR C 1000 0.38 -28.80 1.14
C TYR C 1000 0.02 -27.81 0.04
N PRO C 1001 0.17 -28.19 -1.24
CA PRO C 1001 -0.28 -27.30 -2.32
C PRO C 1001 -1.79 -27.21 -2.47
N LYS C 1002 -2.54 -28.09 -1.81
CA LYS C 1002 -4.00 -28.08 -1.91
C LYS C 1002 -4.65 -27.02 -1.04
N LEU C 1003 -3.89 -26.38 -0.16
CA LEU C 1003 -4.41 -25.39 0.79
C LEU C 1003 -4.21 -23.96 0.31
N GLU C 1004 -3.90 -23.76 -0.97
CA GLU C 1004 -3.69 -22.41 -1.49
C GLU C 1004 -4.95 -21.56 -1.38
N SER C 1005 -6.13 -22.18 -1.50
CA SER C 1005 -7.36 -21.41 -1.52
C SER C 1005 -7.60 -20.71 -0.18
N GLU C 1006 -7.36 -21.40 0.93
CA GLU C 1006 -7.66 -20.83 2.23
C GLU C 1006 -6.51 -20.03 2.83
N PHE C 1007 -5.33 -20.05 2.22
CA PHE C 1007 -4.19 -19.28 2.71
C PHE C 1007 -3.76 -18.21 1.71
N VAL C 1008 -3.41 -18.61 0.49
CA VAL C 1008 -2.93 -17.68 -0.51
C VAL C 1008 -4.08 -16.87 -1.09
N TYR C 1009 -3.91 -15.56 -1.17
CA TYR C 1009 -4.91 -14.70 -1.79
C TYR C 1009 -5.06 -15.04 -3.26
N GLY C 1010 -6.30 -15.14 -3.72
CA GLY C 1010 -6.58 -15.47 -5.10
C GLY C 1010 -8.06 -15.47 -5.44
N LYS C 1030 -16.80 -36.68 6.28
CA LYS C 1030 -15.85 -35.64 5.94
C LYS C 1030 -15.61 -34.71 7.12
N ALA C 1031 -16.67 -34.43 7.87
CA ALA C 1031 -16.54 -33.53 9.02
C ALA C 1031 -15.56 -34.08 10.05
N THR C 1032 -15.65 -35.38 10.35
CA THR C 1032 -14.67 -35.99 11.24
C THR C 1032 -13.29 -36.01 10.59
N ALA C 1033 -13.22 -36.33 9.31
CA ALA C 1033 -11.95 -36.32 8.58
C ALA C 1033 -11.39 -34.92 8.48
N LYS C 1034 -12.26 -33.92 8.33
CA LYS C 1034 -11.79 -32.53 8.26
C LYS C 1034 -11.27 -32.06 9.61
N TYR C 1035 -11.78 -32.63 10.70
CA TYR C 1035 -11.33 -32.25 12.04
C TYR C 1035 -9.86 -32.63 12.26
N PHE C 1036 -9.55 -33.92 12.14
CA PHE C 1036 -8.21 -34.38 12.49
C PHE C 1036 -7.14 -33.85 11.54
N PHE C 1037 -7.51 -33.49 10.32
CA PHE C 1037 -6.51 -32.99 9.37
C PHE C 1037 -6.05 -31.60 9.77
N TYR C 1038 -6.97 -30.74 10.19
CA TYR C 1038 -6.61 -29.38 10.58
C TYR C 1038 -5.88 -29.37 11.91
N SER C 1039 -6.21 -30.31 12.79
CA SER C 1039 -5.54 -30.40 14.09
C SER C 1039 -4.09 -30.79 13.93
N ASN C 1040 -3.79 -31.65 12.95
CA ASN C 1040 -2.44 -32.15 12.70
C ASN C 1040 -1.86 -31.57 11.41
N ILE C 1041 -2.12 -30.29 11.16
CA ILE C 1041 -1.59 -29.64 9.96
C ILE C 1041 -0.11 -29.29 10.09
N MET C 1042 0.38 -29.09 11.32
CA MET C 1042 1.77 -28.72 11.55
C MET C 1042 2.59 -29.90 12.06
N ASN C 1043 2.17 -31.13 11.77
CA ASN C 1043 2.87 -32.31 12.24
C ASN C 1043 4.11 -32.64 11.42
N PHE C 1044 4.20 -32.17 10.17
CA PHE C 1044 5.34 -32.52 9.34
C PHE C 1044 6.63 -31.88 9.84
N PHE C 1045 6.55 -30.90 10.74
CA PHE C 1045 7.75 -30.40 11.40
C PHE C 1045 8.22 -31.37 12.48
N LYS C 1046 7.29 -32.01 13.17
CA LYS C 1046 7.62 -32.88 14.29
C LYS C 1046 8.30 -34.15 13.82
N THR C 1047 9.08 -34.75 14.73
CA THR C 1047 9.82 -35.97 14.46
C THR C 1047 9.12 -37.20 15.02
N GLU C 1048 8.86 -37.20 16.33
CA GLU C 1048 8.22 -38.32 17.02
C GLU C 1048 6.80 -37.92 17.37
N ILE C 1049 5.83 -38.55 16.71
CA ILE C 1049 4.42 -38.27 16.95
C ILE C 1049 3.69 -39.53 17.41
N ILE C 1056 4.12 -45.04 18.93
CA ILE C 1056 4.71 -43.74 18.66
C ILE C 1056 5.21 -43.67 17.21
N ARG C 1057 4.52 -42.88 16.40
CA ARG C 1057 4.90 -42.74 15.00
C ARG C 1057 6.20 -41.95 14.86
N LYS C 1058 7.05 -42.39 13.94
CA LYS C 1058 8.35 -41.75 13.69
C LYS C 1058 8.36 -41.27 12.24
N ARG C 1059 8.14 -39.97 12.04
CA ARG C 1059 8.15 -39.40 10.71
C ARG C 1059 9.58 -39.36 10.18
N PRO C 1060 9.76 -39.46 8.86
CA PRO C 1060 11.11 -39.40 8.30
C PRO C 1060 11.78 -38.06 8.56
N LEU C 1061 13.11 -38.09 8.64
CA LEU C 1061 13.88 -36.89 8.91
C LEU C 1061 13.71 -35.87 7.78
N ILE C 1062 13.70 -36.34 6.54
CA ILE C 1062 13.54 -35.48 5.37
C ILE C 1062 12.07 -35.51 4.95
N GLU C 1063 11.46 -34.34 4.84
CA GLU C 1063 10.09 -34.24 4.39
C GLU C 1063 10.04 -33.96 2.89
N THR C 1064 8.96 -34.40 2.26
CA THR C 1064 8.77 -34.21 0.83
C THR C 1064 7.34 -33.76 0.57
N ASN C 1065 7.16 -33.06 -0.56
CA ASN C 1065 5.84 -32.56 -0.90
C ASN C 1065 4.86 -33.68 -1.18
N GLY C 1066 5.29 -34.72 -1.90
CA GLY C 1066 4.37 -35.73 -2.35
C GLY C 1066 3.96 -35.46 -3.78
N GLU C 1067 4.10 -36.45 -4.66
CA GLU C 1067 3.90 -36.37 -6.10
C GLU C 1067 4.94 -35.49 -6.78
N THR C 1068 5.88 -34.90 -6.03
CA THR C 1068 6.95 -34.10 -6.60
C THR C 1068 8.21 -34.34 -5.78
N GLY C 1069 9.36 -34.10 -6.41
CA GLY C 1069 10.63 -34.27 -5.73
C GLY C 1069 11.11 -33.01 -5.05
N GLU C 1070 10.24 -32.40 -4.24
CA GLU C 1070 10.55 -31.16 -3.54
C GLU C 1070 10.70 -31.44 -2.05
N ILE C 1071 11.77 -30.94 -1.45
CA ILE C 1071 12.00 -31.07 -0.03
C ILE C 1071 11.45 -29.81 0.64
N VAL C 1072 10.55 -30.01 1.60
CA VAL C 1072 9.90 -28.90 2.28
C VAL C 1072 10.44 -28.68 3.68
N TRP C 1073 11.13 -29.66 4.26
CA TRP C 1073 11.73 -29.50 5.57
C TRP C 1073 12.84 -30.53 5.71
N ASP C 1074 13.75 -30.27 6.65
CA ASP C 1074 14.86 -31.17 6.92
C ASP C 1074 15.22 -30.97 8.38
N LYS C 1075 14.73 -31.86 9.24
CA LYS C 1075 14.95 -31.72 10.68
C LYS C 1075 16.42 -31.79 11.07
N GLY C 1076 17.26 -32.36 10.21
CA GLY C 1076 18.67 -32.45 10.53
C GLY C 1076 19.36 -31.09 10.55
N ARG C 1077 19.01 -30.21 9.62
CA ARG C 1077 19.72 -28.95 9.46
C ARG C 1077 18.85 -27.70 9.39
N ASP C 1078 17.56 -27.82 9.04
CA ASP C 1078 16.73 -26.62 8.92
C ASP C 1078 16.46 -26.00 10.29
N PHE C 1079 16.28 -26.83 11.31
CA PHE C 1079 16.14 -26.30 12.68
C PHE C 1079 17.41 -25.59 13.11
N ALA C 1080 18.57 -26.15 12.77
CA ALA C 1080 19.84 -25.48 13.07
C ALA C 1080 19.94 -24.15 12.35
N THR C 1081 19.47 -24.08 11.10
CA THR C 1081 19.47 -22.83 10.36
C THR C 1081 18.58 -21.79 11.02
N VAL C 1082 17.40 -22.21 11.47
CA VAL C 1082 16.49 -21.29 12.15
C VAL C 1082 17.12 -20.80 13.45
N ARG C 1083 17.75 -21.70 14.20
CA ARG C 1083 18.42 -21.32 15.44
C ARG C 1083 19.55 -20.33 15.18
N LYS C 1084 20.32 -20.55 14.11
CA LYS C 1084 21.39 -19.63 13.75
C LYS C 1084 20.84 -18.25 13.40
N VAL C 1085 19.74 -18.22 12.64
CA VAL C 1085 19.15 -16.94 12.26
C VAL C 1085 18.63 -16.20 13.50
N LEU C 1086 17.97 -16.92 14.41
CA LEU C 1086 17.43 -16.29 15.60
C LEU C 1086 18.50 -15.80 16.57
N SER C 1087 19.76 -16.20 16.38
CA SER C 1087 20.84 -15.82 17.28
C SER C 1087 21.78 -14.78 16.68
N MET C 1088 21.43 -14.20 15.55
CA MET C 1088 22.28 -13.18 14.94
C MET C 1088 22.22 -11.89 15.77
N PRO C 1089 23.37 -11.31 16.12
CA PRO C 1089 23.36 -10.10 16.95
C PRO C 1089 23.03 -8.82 16.19
N GLN C 1090 22.77 -8.90 14.89
CA GLN C 1090 22.50 -7.73 14.07
C GLN C 1090 21.10 -7.83 13.51
N VAL C 1091 20.22 -6.92 13.96
CA VAL C 1091 18.87 -6.79 13.44
C VAL C 1091 18.59 -5.31 13.26
N ASN C 1092 18.10 -4.92 12.09
CA ASN C 1092 17.91 -3.51 11.76
C ASN C 1092 16.64 -3.01 12.43
N ILE C 1093 16.79 -2.45 13.63
CA ILE C 1093 15.69 -1.85 14.37
C ILE C 1093 15.71 -0.35 14.10
N VAL C 1094 14.60 0.18 13.59
CA VAL C 1094 14.51 1.57 13.18
C VAL C 1094 13.29 2.20 13.83
N LYS C 1095 13.49 3.35 14.48
CA LYS C 1095 12.40 4.12 15.05
C LYS C 1095 12.05 5.24 14.07
N LYS C 1096 10.80 5.26 13.62
CA LYS C 1096 10.38 6.21 12.60
C LYS C 1096 10.36 7.62 13.17
N THR C 1097 11.17 8.51 12.60
CA THR C 1097 11.21 9.89 13.04
C THR C 1097 9.93 10.61 12.61
N GLU C 1098 9.33 11.34 13.54
CA GLU C 1098 8.08 12.04 13.29
C GLU C 1098 8.16 13.46 13.82
N VAL C 1099 7.64 14.41 13.04
CA VAL C 1099 7.52 15.79 13.48
C VAL C 1099 6.27 15.90 14.33
N GLN C 1100 6.43 16.36 15.56
CA GLN C 1100 5.32 16.41 16.51
C GLN C 1100 4.29 17.44 16.05
N THR C 1101 3.01 17.04 16.12
CA THR C 1101 1.90 17.92 15.78
C THR C 1101 0.79 17.74 16.81
N GLY C 1102 -0.03 18.78 16.95
CA GLY C 1102 -1.15 18.71 17.88
C GLY C 1102 -1.35 19.98 18.69
N GLY C 1103 -1.64 19.81 19.97
CA GLY C 1103 -1.87 20.96 20.83
C GLY C 1103 -0.61 21.79 21.02
N PHE C 1104 -0.81 23.10 21.17
CA PHE C 1104 0.31 24.01 21.35
C PHE C 1104 1.06 23.71 22.64
N SER C 1105 0.33 23.47 23.72
CA SER C 1105 0.92 23.23 25.03
C SER C 1105 -0.13 22.58 25.91
N LYS C 1106 0.16 22.49 27.20
CA LYS C 1106 -0.81 21.98 28.16
C LYS C 1106 -1.97 22.97 28.29
N GLU C 1107 -3.19 22.44 28.34
CA GLU C 1107 -4.38 23.27 28.36
C GLU C 1107 -4.61 23.95 29.70
N SER C 1108 -3.91 23.54 30.76
CA SER C 1108 -4.09 24.16 32.05
C SER C 1108 -3.61 25.60 32.04
N ILE C 1109 -4.37 26.48 32.71
CA ILE C 1109 -4.04 27.89 32.80
C ILE C 1109 -3.49 28.13 34.21
N LEU C 1110 -2.22 28.47 34.28
CA LEU C 1110 -1.56 28.68 35.57
C LEU C 1110 -1.79 30.10 36.07
N PRO C 1111 -1.70 30.32 37.38
CA PRO C 1111 -1.78 31.68 37.91
C PRO C 1111 -0.54 32.48 37.55
N LYS C 1112 -0.62 33.78 37.83
CA LYS C 1112 0.47 34.69 37.52
C LYS C 1112 1.70 34.38 38.34
N ARG C 1113 2.86 34.40 37.69
CA ARG C 1113 4.13 34.21 38.38
C ARG C 1113 5.23 34.84 37.53
N ASN C 1114 6.33 35.17 38.19
CA ASN C 1114 7.47 35.84 37.54
C ASN C 1114 8.33 34.77 36.89
N SER C 1115 8.04 34.47 35.62
CA SER C 1115 8.81 33.48 34.88
C SER C 1115 8.63 33.73 33.39
N ASP C 1116 9.62 33.32 32.62
CA ASP C 1116 9.56 33.44 31.17
C ASP C 1116 8.98 32.20 30.49
N LYS C 1117 8.71 31.14 31.25
CA LYS C 1117 8.15 29.93 30.67
C LYS C 1117 6.67 30.06 30.36
N LEU C 1118 5.97 30.99 31.01
CA LEU C 1118 4.55 31.16 30.75
C LEU C 1118 4.31 31.71 29.35
N ILE C 1119 3.18 31.31 28.77
CA ILE C 1119 2.79 31.73 27.43
C ILE C 1119 1.52 32.55 27.56
N ALA C 1120 1.51 33.74 26.95
CA ALA C 1120 0.35 34.61 27.04
C ALA C 1120 -0.87 33.97 26.38
N ARG C 1121 -2.01 34.06 27.06
CA ARG C 1121 -3.25 33.53 26.50
C ARG C 1121 -3.79 34.42 25.39
N LYS C 1122 -3.51 35.72 25.46
CA LYS C 1122 -3.86 36.66 24.40
C LYS C 1122 -2.65 37.53 24.12
N LYS C 1123 -2.72 38.29 23.03
CA LYS C 1123 -1.57 39.10 22.63
C LYS C 1123 -1.28 40.19 23.67
N ASP C 1124 -2.32 40.81 24.20
CA ASP C 1124 -2.16 41.94 25.12
C ASP C 1124 -2.13 41.52 26.59
N TRP C 1125 -2.29 40.24 26.89
CA TRP C 1125 -2.31 39.77 28.28
C TRP C 1125 -0.91 39.34 28.68
N ASP C 1126 -0.28 40.12 29.55
CA ASP C 1126 1.06 39.76 30.02
C ASP C 1126 0.98 38.54 30.92
N PRO C 1127 1.80 37.52 30.68
CA PRO C 1127 1.76 36.34 31.57
C PRO C 1127 2.04 36.66 33.03
N LYS C 1128 2.97 37.58 33.31
CA LYS C 1128 3.32 37.88 34.69
C LYS C 1128 2.20 38.60 35.44
N LYS C 1129 1.17 39.06 34.75
CA LYS C 1129 0.05 39.72 35.39
C LYS C 1129 -1.28 39.00 35.21
N TYR C 1130 -1.39 38.08 34.25
CA TYR C 1130 -2.64 37.40 33.99
C TYR C 1130 -2.55 35.88 34.00
N GLY C 1131 -1.37 35.30 34.21
CA GLY C 1131 -1.21 33.87 34.07
C GLY C 1131 -1.12 33.45 32.63
N GLY C 1132 -1.00 32.15 32.41
CA GLY C 1132 -0.91 31.64 31.07
C GLY C 1132 -0.55 30.16 31.06
N PHE C 1133 -0.34 29.64 29.86
CA PHE C 1133 0.00 28.24 29.67
C PHE C 1133 1.49 28.01 29.96
N ASP C 1134 1.90 26.75 29.85
CA ASP C 1134 3.29 26.37 30.02
C ASP C 1134 3.48 25.00 29.37
N SER C 1135 4.73 24.53 29.38
CA SER C 1135 5.11 23.25 28.78
C SER C 1135 4.71 23.16 27.33
N PRO C 1136 5.27 23.98 26.44
CA PRO C 1136 4.92 23.88 25.02
C PRO C 1136 5.46 22.60 24.41
N THR C 1137 4.75 22.12 23.39
CA THR C 1137 5.16 20.93 22.65
C THR C 1137 6.08 21.33 21.52
N VAL C 1138 7.26 20.71 21.46
CA VAL C 1138 8.27 21.03 20.46
C VAL C 1138 7.99 20.21 19.21
N ALA C 1139 7.91 20.89 18.05
CA ALA C 1139 7.69 20.19 16.80
C ALA C 1139 8.96 19.46 16.35
N TYR C 1140 10.04 20.20 16.14
CA TYR C 1140 11.30 19.61 15.74
C TYR C 1140 12.44 20.53 16.17
N SER C 1141 13.55 19.92 16.58
CA SER C 1141 14.73 20.68 16.95
C SER C 1141 15.48 21.15 15.70
N VAL C 1142 16.16 22.28 15.82
CA VAL C 1142 16.94 22.85 14.74
C VAL C 1142 18.35 23.11 15.24
N LEU C 1143 19.34 22.61 14.50
CA LEU C 1143 20.74 22.82 14.83
C LEU C 1143 21.19 24.14 14.21
N VAL C 1144 21.54 25.11 15.05
CA VAL C 1144 21.89 26.45 14.61
C VAL C 1144 23.30 26.77 15.10
N VAL C 1145 24.14 27.26 14.19
CA VAL C 1145 25.49 27.73 14.53
C VAL C 1145 25.50 29.22 14.29
N ALA C 1146 25.63 29.99 15.37
CA ALA C 1146 25.60 31.45 15.27
C ALA C 1146 26.45 32.02 16.40
N LYS C 1147 26.27 33.30 16.69
CA LYS C 1147 26.98 33.98 17.77
C LYS C 1147 25.99 34.72 18.65
N VAL C 1148 26.19 34.63 19.96
CA VAL C 1148 25.35 35.29 20.94
C VAL C 1148 26.19 36.29 21.73
N GLU C 1149 25.51 37.21 22.41
CA GLU C 1149 26.17 38.23 23.21
C GLU C 1149 26.15 37.80 24.68
N LYS C 1150 27.34 37.66 25.26
CA LYS C 1150 27.49 37.25 26.65
C LYS C 1150 28.39 38.24 27.38
N GLY C 1151 27.94 38.67 28.56
CA GLY C 1151 28.69 39.61 29.37
C GLY C 1151 28.40 41.06 29.04
N LYS C 1152 28.87 41.93 29.93
CA LYS C 1152 28.68 43.37 29.75
C LYS C 1152 29.44 43.91 28.55
N SER C 1153 30.50 43.21 28.12
CA SER C 1153 31.25 43.65 26.95
C SER C 1153 30.47 43.44 25.65
N LYS C 1154 29.39 42.67 25.69
CA LYS C 1154 28.55 42.40 24.52
C LYS C 1154 29.37 41.79 23.39
N LYS C 1155 30.32 40.93 23.73
CA LYS C 1155 31.12 40.26 22.72
C LYS C 1155 30.31 39.14 22.06
N LEU C 1156 30.73 38.78 20.85
CA LEU C 1156 30.07 37.75 20.06
C LEU C 1156 30.81 36.43 20.27
N LYS C 1157 30.19 35.51 21.00
CA LYS C 1157 30.75 34.18 21.24
C LYS C 1157 30.07 33.19 20.31
N SER C 1158 30.87 32.51 19.48
CA SER C 1158 30.32 31.50 18.58
C SER C 1158 29.71 30.37 19.37
N VAL C 1159 28.50 29.98 19.00
CA VAL C 1159 27.75 28.95 19.70
C VAL C 1159 27.10 28.01 18.69
N LYS C 1160 27.14 26.72 18.99
CA LYS C 1160 26.41 25.71 18.24
C LYS C 1160 25.50 25.00 19.23
N GLU C 1161 24.20 25.01 18.95
CA GLU C 1161 23.22 24.51 19.91
C GLU C 1161 21.96 24.05 19.19
N LEU C 1162 21.15 23.30 19.91
CA LEU C 1162 19.86 22.82 19.42
C LEU C 1162 18.77 23.72 19.94
N LEU C 1163 17.88 24.16 19.03
CA LEU C 1163 16.76 25.02 19.37
C LEU C 1163 15.47 24.26 19.09
N GLY C 1164 14.54 24.31 20.04
CA GLY C 1164 13.28 23.62 19.89
C GLY C 1164 12.19 24.53 19.35
N ILE C 1165 11.78 24.28 18.11
CA ILE C 1165 10.72 25.04 17.47
C ILE C 1165 9.39 24.42 17.88
N THR C 1166 8.65 25.11 18.75
CA THR C 1166 7.39 24.59 19.23
C THR C 1166 6.34 24.62 18.13
N ILE C 1167 5.20 23.99 18.40
CA ILE C 1167 4.14 23.88 17.41
C ILE C 1167 3.57 25.25 17.07
N MET C 1168 3.48 26.14 18.06
CA MET C 1168 2.90 27.45 17.83
C MET C 1168 3.72 28.28 16.86
N GLU C 1169 5.05 28.21 16.97
CA GLU C 1169 5.94 29.05 16.18
C GLU C 1169 6.52 28.34 14.97
N ARG C 1170 6.00 27.15 14.63
CA ARG C 1170 6.54 26.42 13.48
C ARG C 1170 6.29 27.17 12.18
N SER C 1171 5.09 27.73 12.01
CA SER C 1171 4.78 28.48 10.80
C SER C 1171 5.62 29.74 10.70
N SER C 1172 5.81 30.43 11.82
CA SER C 1172 6.65 31.62 11.82
C SER C 1172 8.10 31.30 11.49
N PHE C 1173 8.60 30.17 12.02
CA PHE C 1173 9.97 29.76 11.69
C PHE C 1173 10.09 29.41 10.21
N GLU C 1174 9.10 28.71 9.67
CA GLU C 1174 9.15 28.34 8.25
C GLU C 1174 9.07 29.58 7.36
N LYS C 1175 8.29 30.58 7.75
CA LYS C 1175 8.14 31.77 6.92
C LYS C 1175 9.44 32.53 6.78
N ASN C 1176 10.19 32.69 7.87
CA ASN C 1176 11.44 33.44 7.86
C ASN C 1176 12.37 32.88 8.93
N PRO C 1177 13.12 31.83 8.61
CA PRO C 1177 14.06 31.27 9.59
C PRO C 1177 15.10 32.28 10.06
N ILE C 1178 15.57 33.13 9.15
CA ILE C 1178 16.61 34.10 9.50
C ILE C 1178 16.08 35.07 10.55
N ASP C 1179 14.91 35.66 10.30
CA ASP C 1179 14.32 36.61 11.25
C ASP C 1179 13.95 35.93 12.55
N PHE C 1180 13.41 34.70 12.47
CA PHE C 1180 13.02 33.98 13.67
C PHE C 1180 14.23 33.70 14.56
N LEU C 1181 15.34 33.28 13.95
CA LEU C 1181 16.55 33.01 14.72
C LEU C 1181 17.16 34.28 15.27
N GLU C 1182 17.17 35.36 14.48
CA GLU C 1182 17.74 36.61 14.95
C GLU C 1182 16.93 37.20 16.10
N ALA C 1183 15.61 37.00 16.10
CA ALA C 1183 14.78 37.51 17.19
C ALA C 1183 15.14 36.85 18.51
N LYS C 1184 15.45 35.55 18.47
CA LYS C 1184 15.76 34.82 19.71
C LYS C 1184 17.06 35.27 20.34
N GLY C 1185 17.91 35.99 19.60
CA GLY C 1185 19.16 36.51 20.12
C GLY C 1185 20.39 36.10 19.32
N TYR C 1186 20.29 35.09 18.48
CA TYR C 1186 21.44 34.68 17.69
C TYR C 1186 21.73 35.69 16.59
N LYS C 1187 23.01 35.83 16.27
CA LYS C 1187 23.47 36.74 15.23
C LYS C 1187 24.37 35.99 14.26
N GLU C 1188 24.27 36.35 12.98
CA GLU C 1188 25.09 35.76 11.92
C GLU C 1188 24.89 34.25 11.85
N VAL C 1189 23.65 33.85 11.62
CA VAL C 1189 23.28 32.45 11.52
C VAL C 1189 23.67 31.94 10.13
N LYS C 1190 23.67 30.62 9.95
CA LYS C 1190 24.06 29.99 8.70
C LYS C 1190 22.89 29.17 8.17
N LYS C 1191 22.31 29.61 7.06
CA LYS C 1191 21.19 28.87 6.47
C LYS C 1191 21.63 27.49 6.02
N ASP C 1192 22.82 27.37 5.45
CA ASP C 1192 23.32 26.07 5.03
C ASP C 1192 23.55 25.14 6.22
N LEU C 1193 24.06 25.69 7.33
CA LEU C 1193 24.31 24.89 8.52
C LEU C 1193 23.05 24.61 9.32
N ILE C 1194 21.95 25.29 9.05
CA ILE C 1194 20.69 24.98 9.72
C ILE C 1194 20.26 23.57 9.34
N ILE C 1195 19.99 22.75 10.34
CA ILE C 1195 19.60 21.36 10.14
C ILE C 1195 18.33 21.10 10.93
N LYS C 1196 17.32 20.56 10.25
CA LYS C 1196 16.06 20.22 10.89
C LYS C 1196 16.14 18.82 11.47
N LEU C 1197 15.87 18.69 12.76
CA LEU C 1197 15.96 17.42 13.47
C LEU C 1197 14.62 17.05 14.09
N PRO C 1198 13.87 16.14 13.49
CA PRO C 1198 12.61 15.71 14.11
C PRO C 1198 12.87 14.81 15.32
N LYS C 1199 11.80 14.35 15.96
CA LYS C 1199 11.95 13.46 17.09
C LYS C 1199 12.54 12.12 16.66
N TYR C 1200 13.15 11.44 17.63
CA TYR C 1200 13.77 10.12 17.41
C TYR C 1200 14.92 10.17 16.40
N SER C 1201 15.65 11.28 16.36
CA SER C 1201 16.83 11.37 15.52
C SER C 1201 17.99 10.60 16.15
N LEU C 1202 18.64 9.76 15.36
CA LEU C 1202 19.66 8.85 15.88
C LEU C 1202 21.04 9.48 15.80
N PHE C 1203 21.80 9.38 16.88
CA PHE C 1203 23.18 9.86 16.96
C PHE C 1203 24.08 8.74 17.45
N GLU C 1204 25.21 8.55 16.77
CA GLU C 1204 26.21 7.55 17.14
C GLU C 1204 27.38 8.27 17.78
N LEU C 1205 27.59 8.04 19.08
CA LEU C 1205 28.60 8.81 19.81
C LEU C 1205 29.96 8.12 19.87
N GLU C 1206 30.02 6.95 20.51
CA GLU C 1206 31.27 6.22 20.65
C GLU C 1206 30.97 4.87 21.26
N ASN C 1207 31.83 3.89 20.97
CA ASN C 1207 31.67 2.52 21.48
C ASN C 1207 30.30 1.95 21.12
N GLY C 1208 29.74 2.37 20.00
CA GLY C 1208 28.42 1.90 19.60
C GLY C 1208 27.27 2.49 20.39
N ARG C 1209 27.50 3.55 21.16
CA ARG C 1209 26.45 4.15 21.97
C ARG C 1209 25.58 5.06 21.10
N LYS C 1210 24.29 4.75 21.03
CA LYS C 1210 23.35 5.52 20.23
C LYS C 1210 22.32 6.18 21.14
N ARG C 1211 21.93 7.41 20.79
CA ARG C 1211 20.90 8.15 21.51
C ARG C 1211 19.90 8.70 20.51
N MET C 1212 18.63 8.73 20.89
CA MET C 1212 17.57 9.28 20.07
C MET C 1212 17.10 10.60 20.67
N LEU C 1213 16.96 11.61 19.83
CA LEU C 1213 16.58 12.95 20.26
C LEU C 1213 15.14 12.94 20.74
N ALA C 1214 14.95 13.00 22.06
CA ALA C 1214 13.59 13.05 22.60
C ALA C 1214 12.97 14.44 22.39
N SER C 1215 13.76 15.49 22.59
CA SER C 1215 13.30 16.86 22.42
C SER C 1215 14.53 17.75 22.27
N ALA C 1216 14.31 19.06 22.39
CA ALA C 1216 15.43 20.00 22.29
C ALA C 1216 16.42 19.87 23.43
N GLY C 1217 16.01 19.29 24.55
CA GLY C 1217 16.89 19.17 25.70
C GLY C 1217 16.81 17.84 26.42
N GLU C 1218 16.41 16.79 25.71
CA GLU C 1218 16.34 15.46 26.28
C GLU C 1218 16.71 14.44 25.21
N LEU C 1219 17.15 13.27 25.66
CA LEU C 1219 17.54 12.18 24.78
C LEU C 1219 16.85 10.90 25.22
N GLN C 1220 17.06 9.84 24.44
CA GLN C 1220 16.51 8.53 24.73
C GLN C 1220 17.58 7.48 24.42
N LYS C 1221 17.42 6.32 25.05
CA LYS C 1221 18.30 5.20 24.76
C LYS C 1221 18.08 4.72 23.34
N GLY C 1222 19.15 4.32 22.66
CA GLY C 1222 19.03 3.92 21.28
C GLY C 1222 19.80 2.66 20.90
N ASN C 1223 20.03 1.79 21.87
CA ASN C 1223 20.74 0.55 21.66
C ASN C 1223 19.91 -0.62 22.15
N GLU C 1224 20.08 -1.77 21.50
CA GLU C 1224 19.35 -2.99 21.82
C GLU C 1224 20.34 -4.06 22.30
N LEU C 1225 19.96 -4.77 23.35
CA LEU C 1225 20.79 -5.82 23.92
C LEU C 1225 20.49 -7.14 23.21
N ALA C 1226 21.53 -7.75 22.64
CA ALA C 1226 21.40 -9.01 21.93
C ALA C 1226 21.77 -10.14 22.89
N LEU C 1227 20.83 -10.46 23.78
CA LEU C 1227 21.05 -11.53 24.73
C LEU C 1227 21.06 -12.87 24.01
N PRO C 1228 21.93 -13.80 24.42
CA PRO C 1228 21.96 -15.11 23.76
C PRO C 1228 20.65 -15.87 23.92
N SER C 1229 20.36 -16.71 22.90
CA SER C 1229 19.15 -17.49 22.91
C SER C 1229 19.10 -18.47 24.07
N LYS C 1230 20.28 -18.95 24.52
CA LYS C 1230 20.31 -19.82 25.69
C LYS C 1230 19.79 -19.10 26.92
N TYR C 1231 20.23 -17.87 27.13
CA TYR C 1231 19.75 -17.07 28.26
C TYR C 1231 18.27 -16.75 28.12
N VAL C 1232 17.83 -16.44 26.90
CA VAL C 1232 16.41 -16.15 26.68
C VAL C 1232 15.55 -17.36 27.02
N ASN C 1233 15.97 -18.54 26.56
CA ASN C 1233 15.21 -19.76 26.82
C ASN C 1233 15.21 -20.09 28.31
N PHE C 1234 16.35 -19.91 28.98
CA PHE C 1234 16.40 -20.16 30.42
C PHE C 1234 15.49 -19.22 31.17
N LEU C 1235 15.48 -17.94 30.80
CA LEU C 1235 14.58 -16.99 31.45
C LEU C 1235 13.12 -17.36 31.24
N TYR C 1236 12.76 -17.76 30.03
CA TYR C 1236 11.39 -18.17 29.75
C TYR C 1236 11.01 -19.37 30.61
N LEU C 1237 11.84 -20.40 30.62
CA LEU C 1237 11.50 -21.63 31.34
C LEU C 1237 11.44 -21.41 32.84
N ALA C 1238 12.33 -20.57 33.38
CA ALA C 1238 12.33 -20.31 34.81
C ALA C 1238 11.17 -19.41 35.22
N SER C 1239 10.83 -18.43 34.38
CA SER C 1239 9.75 -17.50 34.71
C SER C 1239 8.37 -18.09 34.48
N HIS C 1240 8.28 -19.20 33.73
CA HIS C 1240 7.00 -19.88 33.50
C HIS C 1240 6.03 -18.96 32.75
N TYR C 1241 6.47 -18.47 31.60
CA TYR C 1241 5.65 -17.60 30.79
C TYR C 1241 4.37 -18.33 30.38
N GLU C 1242 3.23 -17.66 30.52
CA GLU C 1242 1.91 -18.24 30.26
C GLU C 1242 1.70 -19.53 31.06
N LYS C 1243 2.19 -19.54 32.29
CA LYS C 1243 2.08 -20.68 33.20
C LYS C 1243 2.61 -21.97 32.55
N PRO C 1248 2.84 -34.10 31.89
CA PRO C 1248 3.45 -34.27 33.21
C PRO C 1248 4.95 -34.47 33.14
N GLU C 1249 5.38 -35.43 32.31
CA GLU C 1249 6.82 -35.68 32.16
C GLU C 1249 7.52 -34.53 31.46
N ASP C 1250 6.84 -33.85 30.53
CA ASP C 1250 7.44 -32.71 29.84
C ASP C 1250 7.73 -31.57 30.81
N ASN C 1251 6.79 -31.27 31.72
CA ASN C 1251 7.03 -30.24 32.71
C ASN C 1251 8.05 -30.67 33.76
N GLU C 1252 8.17 -31.97 34.01
CA GLU C 1252 9.09 -32.45 35.04
C GLU C 1252 10.54 -32.14 34.66
N GLN C 1253 10.90 -32.31 33.39
CA GLN C 1253 12.28 -32.06 32.97
C GLN C 1253 12.61 -30.59 32.85
N LYS C 1254 11.60 -29.71 32.73
CA LYS C 1254 11.88 -28.28 32.60
C LYS C 1254 12.44 -27.71 33.91
N GLN C 1255 11.82 -28.05 35.04
CA GLN C 1255 12.34 -27.56 36.32
C GLN C 1255 13.70 -28.18 36.64
N LEU C 1256 13.91 -29.45 36.25
CA LEU C 1256 15.22 -30.05 36.43
C LEU C 1256 16.27 -29.33 35.59
N PHE C 1257 15.92 -28.96 34.35
CA PHE C 1257 16.84 -28.22 33.51
C PHE C 1257 17.17 -26.86 34.11
N VAL C 1258 16.16 -26.17 34.64
CA VAL C 1258 16.40 -24.88 35.28
C VAL C 1258 17.32 -25.04 36.51
N GLU C 1259 17.06 -26.06 37.32
CA GLU C 1259 17.88 -26.30 38.50
C GLU C 1259 19.32 -26.60 38.10
N GLN C 1260 19.51 -27.37 37.02
CA GLN C 1260 20.86 -27.64 36.54
C GLN C 1260 21.53 -26.37 36.06
N HIS C 1261 20.78 -25.49 35.39
CA HIS C 1261 21.32 -24.24 34.85
C HIS C 1261 21.06 -23.05 35.76
N LYS C 1262 21.03 -23.29 37.07
CA LYS C 1262 20.85 -22.20 38.04
C LYS C 1262 21.89 -21.10 37.87
N HIS C 1263 23.10 -21.44 37.44
CA HIS C 1263 24.19 -20.46 37.38
C HIS C 1263 24.09 -19.53 36.18
N TYR C 1264 22.95 -19.53 35.47
CA TYR C 1264 22.76 -18.62 34.36
C TYR C 1264 22.35 -17.23 34.82
N LEU C 1265 21.81 -17.11 36.03
CA LEU C 1265 21.36 -15.81 36.52
C LEU C 1265 22.53 -14.86 36.69
N ASP C 1266 23.65 -15.36 37.21
CA ASP C 1266 24.85 -14.53 37.37
C ASP C 1266 25.37 -14.06 36.02
N GLU C 1267 25.37 -14.94 35.02
CA GLU C 1267 25.82 -14.56 33.69
C GLU C 1267 24.90 -13.53 33.06
N ILE C 1268 23.58 -13.68 33.25
CA ILE C 1268 22.64 -12.69 32.74
C ILE C 1268 22.88 -11.33 33.40
N ILE C 1269 23.10 -11.34 34.71
CA ILE C 1269 23.37 -10.08 35.42
C ILE C 1269 24.66 -9.46 34.93
N GLU C 1270 25.69 -10.28 34.68
CA GLU C 1270 26.95 -9.77 34.15
C GLU C 1270 26.76 -9.15 32.78
N GLN C 1271 25.97 -9.79 31.92
CA GLN C 1271 25.69 -9.23 30.59
C GLN C 1271 24.97 -7.90 30.72
N ILE C 1272 23.97 -7.82 31.60
CA ILE C 1272 23.25 -6.57 31.80
C ILE C 1272 24.19 -5.48 32.29
N SER C 1273 25.07 -5.82 33.25
CA SER C 1273 25.99 -4.84 33.81
C SER C 1273 26.98 -4.34 32.76
N GLU C 1274 27.54 -5.23 31.96
CA GLU C 1274 28.51 -4.79 30.96
C GLU C 1274 27.84 -3.96 29.87
N PHE C 1275 26.63 -4.34 29.45
CA PHE C 1275 25.92 -3.53 28.46
C PHE C 1275 25.59 -2.16 29.02
N SER C 1276 25.17 -2.10 30.29
CA SER C 1276 24.87 -0.81 30.91
C SER C 1276 26.12 0.05 31.02
N LYS C 1277 27.25 -0.55 31.39
CA LYS C 1277 28.49 0.21 31.51
C LYS C 1277 28.93 0.74 30.15
N ARG C 1278 28.73 -0.03 29.09
CA ARG C 1278 29.15 0.40 27.77
C ARG C 1278 28.21 1.44 27.16
N VAL C 1279 26.91 1.34 27.43
CA VAL C 1279 25.94 2.16 26.70
C VAL C 1279 25.05 2.99 27.62
N ILE C 1280 24.36 2.33 28.56
CA ILE C 1280 23.36 3.02 29.38
C ILE C 1280 24.01 4.11 30.22
N LEU C 1281 25.14 3.78 30.86
CA LEU C 1281 25.90 4.74 31.66
C LEU C 1281 25.05 5.35 32.78
N ALA C 1282 24.36 4.49 33.52
CA ALA C 1282 23.60 4.89 34.70
C ALA C 1282 24.26 4.23 35.91
N ASP C 1283 25.25 4.93 36.47
CA ASP C 1283 26.08 4.33 37.51
C ASP C 1283 25.29 4.05 38.77
N ALA C 1284 24.54 5.02 39.26
CA ALA C 1284 23.79 4.84 40.50
C ALA C 1284 22.71 3.78 40.34
N ASN C 1285 21.99 3.80 39.22
CA ASN C 1285 20.94 2.80 38.99
C ASN C 1285 21.53 1.40 38.88
N LEU C 1286 22.67 1.27 38.17
CA LEU C 1286 23.31 -0.03 38.06
C LEU C 1286 23.78 -0.53 39.42
N ASP C 1287 24.36 0.36 40.23
CA ASP C 1287 24.80 -0.05 41.56
C ASP C 1287 23.64 -0.49 42.43
N LYS C 1288 22.52 0.24 42.37
CA LYS C 1288 21.33 -0.15 43.13
C LYS C 1288 20.80 -1.50 42.66
N VAL C 1289 20.79 -1.73 41.36
CA VAL C 1289 20.32 -3.01 40.82
C VAL C 1289 21.21 -4.15 41.29
N LEU C 1290 22.52 -3.95 41.24
CA LEU C 1290 23.45 -4.98 41.68
C LEU C 1290 23.30 -5.26 43.17
N SER C 1291 23.13 -4.22 43.98
CA SER C 1291 22.93 -4.42 45.41
C SER C 1291 21.65 -5.19 45.68
N ALA C 1292 20.56 -4.85 44.98
CA ALA C 1292 19.31 -5.57 45.17
C ALA C 1292 19.45 -7.04 44.78
N TYR C 1293 20.12 -7.30 43.66
CA TYR C 1293 20.31 -8.68 43.22
C TYR C 1293 21.15 -9.46 44.22
N ASN C 1294 22.19 -8.83 44.77
CA ASN C 1294 23.01 -9.49 45.77
C ASN C 1294 22.21 -9.78 47.03
N LYS C 1295 21.38 -8.84 47.47
CA LYS C 1295 20.59 -9.07 48.67
C LYS C 1295 19.48 -10.09 48.47
N HIS C 1296 19.02 -10.28 47.23
CA HIS C 1296 17.96 -11.25 46.95
C HIS C 1296 18.49 -12.51 46.28
N ARG C 1297 19.67 -12.99 46.69
CA ARG C 1297 20.25 -14.18 46.09
C ARG C 1297 19.71 -15.47 46.68
N ASP C 1298 19.04 -15.41 47.83
CA ASP C 1298 18.54 -16.62 48.49
C ASP C 1298 17.11 -16.98 48.07
N LYS C 1299 16.44 -16.13 47.29
CA LYS C 1299 15.08 -16.42 46.89
C LYS C 1299 15.06 -17.54 45.85
N PRO C 1300 13.89 -18.18 45.66
CA PRO C 1300 13.81 -19.27 44.69
C PRO C 1300 14.12 -18.79 43.28
N ILE C 1301 14.55 -19.75 42.45
CA ILE C 1301 14.98 -19.45 41.09
C ILE C 1301 13.83 -18.87 40.28
N ARG C 1302 12.61 -19.37 40.49
CA ARG C 1302 11.45 -18.87 39.76
C ARG C 1302 11.24 -17.39 40.03
N GLU C 1303 11.21 -17.00 41.30
CA GLU C 1303 11.03 -15.59 41.65
C GLU C 1303 12.21 -14.75 41.16
N GLN C 1304 13.43 -15.27 41.30
CA GLN C 1304 14.60 -14.54 40.88
C GLN C 1304 14.58 -14.24 39.39
N ALA C 1305 14.24 -15.24 38.57
CA ALA C 1305 14.16 -15.02 37.13
C ALA C 1305 13.02 -14.09 36.77
N GLU C 1306 11.86 -14.26 37.42
CA GLU C 1306 10.73 -13.39 37.13
C GLU C 1306 11.05 -11.93 37.44
N ASN C 1307 11.88 -11.68 38.46
CA ASN C 1307 12.28 -10.32 38.77
C ASN C 1307 13.45 -9.84 37.92
N ILE C 1308 14.30 -10.76 37.46
CA ILE C 1308 15.37 -10.39 36.54
C ILE C 1308 14.81 -9.97 35.20
N ILE C 1309 13.65 -10.50 34.81
CA ILE C 1309 13.00 -10.05 33.59
C ILE C 1309 12.73 -8.55 33.65
N HIS C 1310 12.42 -8.04 34.85
CA HIS C 1310 12.16 -6.61 35.00
C HIS C 1310 13.41 -5.77 34.81
N LEU C 1311 14.58 -6.34 35.09
CA LEU C 1311 15.82 -5.56 35.06
C LEU C 1311 16.16 -5.06 33.67
N PHE C 1312 15.59 -5.66 32.62
CA PHE C 1312 15.87 -5.23 31.26
C PHE C 1312 15.27 -3.88 30.92
N THR C 1313 14.41 -3.33 31.79
CA THR C 1313 13.96 -1.96 31.58
C THR C 1313 15.10 -0.97 31.70
N LEU C 1314 16.12 -1.30 32.50
CA LEU C 1314 17.31 -0.46 32.59
C LEU C 1314 18.04 -0.40 31.25
N THR C 1315 18.15 -1.53 30.57
CA THR C 1315 18.82 -1.63 29.28
C THR C 1315 17.76 -1.91 28.23
N ASN C 1316 17.12 -0.85 27.74
CA ASN C 1316 16.08 -0.96 26.74
C ASN C 1316 16.26 0.17 25.73
N LEU C 1317 15.42 0.17 24.71
CA LEU C 1317 15.42 1.22 23.69
C LEU C 1317 14.22 2.11 23.93
N GLY C 1318 14.46 3.43 23.99
CA GLY C 1318 13.38 4.37 24.20
C GLY C 1318 13.55 5.23 25.43
N ALA C 1319 12.47 5.87 25.85
CA ALA C 1319 12.51 6.76 27.00
C ALA C 1319 12.80 5.94 28.27
N PRO C 1320 13.63 6.46 29.18
CA PRO C 1320 13.89 5.75 30.43
C PRO C 1320 12.62 5.57 31.24
N ALA C 1321 12.52 4.42 31.90
CA ALA C 1321 11.35 4.08 32.70
C ALA C 1321 11.78 3.50 34.02
N ALA C 1322 10.92 3.63 35.02
CA ALA C 1322 11.19 3.11 36.36
C ALA C 1322 10.72 1.66 36.47
N PHE C 1323 11.56 0.82 37.05
CA PHE C 1323 11.21 -0.59 37.22
C PHE C 1323 11.34 -0.99 38.68
N LYS C 1324 11.15 -2.28 38.98
CA LYS C 1324 11.17 -2.77 40.35
C LYS C 1324 11.83 -4.14 40.39
N TYR C 1325 12.68 -4.35 41.40
CA TYR C 1325 13.30 -5.64 41.66
C TYR C 1325 12.94 -6.03 43.09
N PHE C 1326 11.95 -6.92 43.22
CA PHE C 1326 11.42 -7.36 44.51
C PHE C 1326 10.88 -6.11 45.21
N ASP C 1327 11.30 -5.82 46.44
CA ASP C 1327 10.80 -4.64 47.14
C ASP C 1327 11.45 -3.36 46.61
N THR C 1328 12.73 -3.43 46.25
CA THR C 1328 13.46 -2.25 45.82
C THR C 1328 12.92 -1.73 44.50
N THR C 1329 12.74 -0.41 44.42
CA THR C 1329 12.32 0.26 43.19
C THR C 1329 13.42 1.19 42.71
N ILE C 1330 13.55 1.28 41.39
CA ILE C 1330 14.58 2.07 40.75
C ILE C 1330 13.92 3.10 39.86
N ASP C 1331 14.28 4.37 40.05
CA ASP C 1331 13.68 5.46 39.30
C ASP C 1331 14.37 5.63 37.94
N ARG C 1332 13.86 6.55 37.14
CA ARG C 1332 14.41 6.80 35.82
C ARG C 1332 15.75 7.52 35.90
N LYS C 1333 16.60 7.25 34.93
CA LYS C 1333 17.83 8.02 34.70
C LYS C 1333 17.64 8.72 33.37
N ARG C 1334 17.34 10.01 33.43
CA ARG C 1334 16.99 10.79 32.24
C ARG C 1334 18.20 11.56 31.75
N TYR C 1335 18.42 11.53 30.44
CA TYR C 1335 19.53 12.25 29.81
C TYR C 1335 19.00 13.62 29.40
N THR C 1336 19.01 14.55 30.34
CA THR C 1336 18.45 15.88 30.13
C THR C 1336 19.42 16.85 29.49
N SER C 1337 20.50 16.36 28.89
CA SER C 1337 21.47 17.21 28.21
C SER C 1337 21.65 16.72 26.77
N THR C 1338 21.67 17.66 25.84
CA THR C 1338 21.89 17.34 24.42
C THR C 1338 23.15 18.02 23.89
N LYS C 1339 24.09 18.31 24.78
CA LYS C 1339 25.34 18.96 24.36
C LYS C 1339 26.26 17.98 23.66
N GLU C 1340 26.30 16.73 24.13
CA GLU C 1340 27.24 15.75 23.60
C GLU C 1340 26.87 15.29 22.20
N VAL C 1341 25.59 15.40 21.81
CA VAL C 1341 25.17 14.96 20.49
C VAL C 1341 25.54 15.93 19.39
N LEU C 1342 26.05 17.11 19.74
CA LEU C 1342 26.43 18.10 18.74
C LEU C 1342 27.77 17.82 18.10
N ASP C 1343 28.53 16.85 18.62
CA ASP C 1343 29.79 16.42 18.02
C ASP C 1343 29.77 14.95 17.64
N ALA C 1344 28.60 14.32 17.67
CA ALA C 1344 28.46 12.91 17.33
C ALA C 1344 28.18 12.78 15.83
N THR C 1345 27.76 11.59 15.41
CA THR C 1345 27.43 11.34 14.01
C THR C 1345 25.92 11.18 13.89
N LEU C 1346 25.29 12.01 13.06
CA LEU C 1346 23.86 11.94 12.84
C LEU C 1346 23.56 10.99 11.71
N ILE C 1347 22.67 10.02 11.96
CA ILE C 1347 22.37 8.96 11.01
C ILE C 1347 20.95 9.17 10.50
N HIS C 1348 20.81 9.24 9.17
CA HIS C 1348 19.51 9.27 8.51
C HIS C 1348 19.24 7.88 7.98
N GLN C 1349 18.19 7.23 8.50
CA GLN C 1349 17.88 5.86 8.17
C GLN C 1349 16.58 5.77 7.37
N SER C 1350 16.59 4.94 6.33
CA SER C 1350 15.41 4.75 5.51
C SER C 1350 14.39 3.91 6.29
N ILE C 1351 13.31 3.54 5.63
CA ILE C 1351 12.25 2.79 6.31
C ILE C 1351 12.72 1.40 6.73
N THR C 1352 13.81 0.90 6.16
CA THR C 1352 14.37 -0.39 6.53
C THR C 1352 15.68 -0.28 7.28
N GLY C 1353 16.33 0.88 7.26
CA GLY C 1353 17.59 1.08 7.93
C GLY C 1353 18.80 0.61 7.17
N LEU C 1354 18.62 -0.04 6.02
CA LEU C 1354 19.75 -0.51 5.23
C LEU C 1354 20.42 0.65 4.49
N TYR C 1355 19.67 1.70 4.18
CA TYR C 1355 20.21 2.88 3.52
C TYR C 1355 20.43 3.96 4.57
N GLU C 1356 21.65 4.49 4.65
CA GLU C 1356 22.02 5.44 5.68
C GLU C 1356 22.78 6.61 5.08
N THR C 1357 22.81 7.71 5.83
CA THR C 1357 23.55 8.92 5.46
C THR C 1357 24.14 9.47 6.76
N ARG C 1358 25.39 9.12 7.03
CA ARG C 1358 26.06 9.52 8.27
C ARG C 1358 26.66 10.89 8.10
N ILE C 1359 26.17 11.87 8.86
CA ILE C 1359 26.66 13.24 8.82
C ILE C 1359 27.43 13.50 10.11
N ASP C 1360 28.72 13.77 10.00
CA ASP C 1360 29.53 14.05 11.17
C ASP C 1360 29.34 15.51 11.56
N LEU C 1361 28.88 15.73 12.80
CA LEU C 1361 28.58 17.07 13.27
C LEU C 1361 29.78 17.77 13.90
N SER C 1362 30.90 17.06 14.07
CA SER C 1362 32.10 17.71 14.61
C SER C 1362 32.71 18.67 13.61
N GLN C 1363 32.52 18.42 12.31
CA GLN C 1363 33.07 19.31 11.30
C GLN C 1363 32.39 20.67 11.33
N LEU C 1364 31.08 20.70 11.61
CA LEU C 1364 30.32 21.93 11.65
C LEU C 1364 30.80 22.86 12.76
P 2DA E 50 49.46 -8.59 -57.93
OP1 2DA E 50 48.15 -8.31 -58.55
OP2 2DA E 50 50.69 -8.37 -58.72
O5' 2DA E 50 49.65 -7.74 -56.58
C5' 2DA E 50 49.50 -6.32 -56.60
C4' 2DA E 50 48.03 -5.92 -56.56
O4' 2DA E 50 47.29 -6.89 -55.79
C3' 2DA E 50 47.74 -4.60 -55.91
C2' 2DA E 50 46.30 -4.76 -55.47
C1' 2DA E 50 46.24 -6.25 -55.09
N9 2DA E 50 46.43 -6.50 -53.67
C8 2DA E 50 47.35 -7.34 -53.09
N7 2DA E 50 47.31 -7.36 -51.78
C5 2DA E 50 46.29 -6.46 -51.48
C6 2DA E 50 45.75 -6.03 -50.25
N6 2DA E 50 46.17 -6.46 -49.07
N1 2DA E 50 44.74 -5.13 -50.31
C2 2DA E 50 44.31 -4.70 -51.49
N3 2DA E 50 44.74 -5.03 -52.71
C4 2DA E 50 45.74 -5.93 -52.63
N THR F 24 69.24 -5.46 -73.48
CA THR F 24 69.02 -4.82 -74.77
C THR F 24 67.57 -4.43 -74.95
N TRP F 25 66.68 -5.05 -74.16
CA TRP F 25 65.26 -4.77 -74.27
C TRP F 25 64.94 -3.34 -73.84
N LEU F 26 65.65 -2.83 -72.83
CA LEU F 26 65.38 -1.48 -72.33
C LEU F 26 65.69 -0.43 -73.38
N SER F 27 66.78 -0.61 -74.13
CA SER F 27 67.20 0.40 -75.10
C SER F 27 66.18 0.54 -76.22
N ASP F 28 65.61 -0.57 -76.69
CA ASP F 28 64.76 -0.53 -77.87
C ASP F 28 63.43 0.17 -77.61
N PHE F 29 62.90 0.06 -76.39
CA PHE F 29 61.58 0.60 -76.05
C PHE F 29 61.69 1.52 -74.85
N PRO F 30 62.21 2.74 -75.04
CA PRO F 30 62.30 3.68 -73.91
C PRO F 30 60.94 4.15 -73.40
N GLN F 31 59.89 4.03 -74.20
CA GLN F 31 58.57 4.54 -73.84
C GLN F 31 57.72 3.51 -73.11
N ALA F 32 58.25 2.32 -72.85
CA ALA F 32 57.48 1.25 -72.22
C ALA F 32 57.99 0.85 -70.85
N TRP F 33 59.27 1.07 -70.56
CA TRP F 33 59.85 0.66 -69.30
C TRP F 33 59.75 1.79 -68.28
N ALA F 34 59.45 1.43 -67.03
CA ALA F 34 59.25 2.43 -66.00
C ALA F 34 60.56 3.07 -65.55
N GLU F 35 61.67 2.35 -65.66
CA GLU F 35 62.97 2.88 -65.24
C GLU F 35 63.49 3.96 -66.17
N THR F 36 62.92 4.11 -67.37
CA THR F 36 63.38 5.12 -68.32
C THR F 36 62.22 6.00 -68.79
N GLY F 37 61.03 5.41 -68.91
CA GLY F 37 59.88 6.13 -69.43
C GLY F 37 59.23 7.09 -68.47
N GLY F 38 59.63 7.09 -67.20
CA GLY F 38 59.05 8.00 -66.24
C GLY F 38 57.65 7.59 -65.82
N MET F 39 56.85 8.59 -65.44
CA MET F 39 55.50 8.34 -64.95
C MET F 39 54.58 7.98 -66.10
N GLY F 40 53.60 7.12 -65.81
CA GLY F 40 52.65 6.70 -66.82
C GLY F 40 51.38 7.53 -66.83
N LEU F 41 50.68 7.46 -67.95
CA LEU F 41 49.42 8.20 -68.12
C LEU F 41 48.64 7.56 -69.25
N ALA F 42 47.43 7.08 -68.96
CA ALA F 42 46.60 6.44 -69.96
C ALA F 42 46.11 7.48 -70.96
N VAL F 43 46.66 7.45 -72.18
CA VAL F 43 46.32 8.42 -73.19
C VAL F 43 45.07 8.03 -73.99
N ARG F 44 44.44 6.90 -73.66
CA ARG F 44 43.23 6.46 -74.34
C ARG F 44 41.98 6.62 -73.49
N GLN F 45 42.03 6.20 -72.22
CA GLN F 45 40.87 6.35 -71.35
C GLN F 45 40.64 7.81 -70.99
N ALA F 46 39.38 8.22 -71.02
CA ALA F 46 38.99 9.56 -70.64
C ALA F 46 39.00 9.70 -69.12
N PRO F 47 39.05 10.92 -68.60
CA PRO F 47 38.89 11.11 -67.15
C PRO F 47 37.55 10.54 -66.69
N LEU F 48 37.59 9.85 -65.55
CA LEU F 48 36.45 9.10 -65.04
C LEU F 48 35.88 9.79 -63.82
N ILE F 49 34.56 9.99 -63.83
CA ILE F 49 33.85 10.60 -62.71
C ILE F 49 33.49 9.49 -61.72
N ILE F 50 33.81 9.70 -60.45
CA ILE F 50 33.48 8.75 -59.39
C ILE F 50 32.08 9.09 -58.89
N PRO F 51 31.07 8.28 -59.17
CA PRO F 51 29.70 8.61 -58.77
C PRO F 51 29.48 8.38 -57.28
N LEU F 52 28.42 9.00 -56.76
CA LEU F 52 28.04 8.88 -55.37
C LEU F 52 26.55 8.58 -55.28
N LYS F 53 26.16 8.02 -54.13
CA LYS F 53 24.76 7.71 -53.90
C LYS F 53 23.93 8.99 -53.76
N ALA F 54 22.63 8.86 -54.02
CA ALA F 54 21.74 10.02 -53.95
C ALA F 54 21.68 10.59 -52.54
N THR F 55 21.60 9.73 -51.53
CA THR F 55 21.56 10.15 -50.13
C THR F 55 22.97 10.04 -49.55
N SER F 56 23.79 11.04 -49.86
CA SER F 56 25.18 11.07 -49.43
C SER F 56 25.57 12.49 -49.05
N THR F 57 26.40 12.61 -48.03
CA THR F 57 26.88 13.89 -47.55
C THR F 57 28.38 13.83 -47.30
N PRO F 58 29.10 14.94 -47.47
CA PRO F 58 30.54 14.94 -47.18
C PRO F 58 30.80 14.63 -45.71
N VAL F 59 31.87 13.87 -45.48
CA VAL F 59 32.29 13.47 -44.13
C VAL F 59 33.75 13.85 -43.96
N SER F 60 34.05 14.53 -42.85
CA SER F 60 35.42 14.95 -42.53
C SER F 60 35.91 14.16 -41.33
N ILE F 61 36.97 13.38 -41.52
CA ILE F 61 37.56 12.59 -40.46
C ILE F 61 39.00 13.05 -40.28
N LYS F 62 39.38 13.35 -39.03
CA LYS F 62 40.73 13.78 -38.74
C LYS F 62 41.73 12.66 -39.00
N GLN F 63 42.95 13.05 -39.36
CA GLN F 63 44.00 12.09 -39.68
C GLN F 63 44.36 11.28 -38.44
N TYR F 64 44.25 9.97 -38.52
CA TYR F 64 44.51 9.10 -37.37
C TYR F 64 45.98 9.18 -36.97
N PRO F 65 46.28 9.00 -35.69
CA PRO F 65 47.67 9.05 -35.24
C PRO F 65 48.51 7.97 -35.93
N MET F 66 49.73 8.36 -36.30
CA MET F 66 50.67 7.48 -36.99
C MET F 66 52.02 7.56 -36.31
N SER F 67 52.67 6.40 -36.15
CA SER F 67 53.95 6.34 -35.47
C SER F 67 55.01 7.12 -36.24
N GLN F 68 56.06 7.53 -35.51
CA GLN F 68 57.13 8.30 -36.13
C GLN F 68 57.90 7.49 -37.16
N GLU F 69 57.97 6.17 -36.99
CA GLU F 69 58.65 5.34 -37.98
C GLU F 69 57.81 5.18 -39.24
N ALA F 70 56.49 5.06 -39.08
CA ALA F 70 55.61 4.93 -40.24
C ALA F 70 55.47 6.25 -40.99
N ARG F 71 55.56 7.38 -40.27
CA ARG F 71 55.48 8.68 -40.93
C ARG F 71 56.64 8.89 -41.89
N LEU F 72 57.85 8.50 -41.49
CA LEU F 72 59.00 8.66 -42.35
C LEU F 72 58.97 7.73 -43.55
N GLY F 73 58.22 6.64 -43.48
CA GLY F 73 58.11 5.74 -44.62
C GLY F 73 57.39 6.36 -45.80
N ILE F 74 56.28 7.04 -45.54
CA ILE F 74 55.49 7.64 -46.62
C ILE F 74 56.11 8.94 -47.12
N LYS F 75 56.83 9.66 -46.26
CA LYS F 75 57.30 11.01 -46.58
C LYS F 75 58.05 11.11 -47.90
N PRO F 76 59.00 10.23 -48.24
CA PRO F 76 59.62 10.31 -49.57
C PRO F 76 58.62 10.15 -50.71
N HIS F 77 57.60 9.30 -50.52
CA HIS F 77 56.60 9.11 -51.56
C HIS F 77 55.81 10.39 -51.81
N ILE F 78 55.42 11.10 -50.74
CA ILE F 78 54.68 12.35 -50.90
C ILE F 78 55.50 13.36 -51.69
N GLN F 79 56.81 13.44 -51.39
CA GLN F 79 57.68 14.38 -52.10
C GLN F 79 57.73 14.06 -53.59
N ARG F 80 57.84 12.79 -53.94
CA ARG F 80 57.88 12.39 -55.35
C ARG F 80 56.49 12.43 -55.99
N LEU F 81 55.44 12.11 -55.22
CA LEU F 81 54.09 12.20 -55.76
C LEU F 81 53.69 13.63 -56.06
N LEU F 82 54.22 14.59 -55.29
CA LEU F 82 53.91 16.00 -55.56
C LEU F 82 54.52 16.47 -56.87
N ASP F 83 55.75 16.03 -57.16
CA ASP F 83 56.42 16.48 -58.38
C ASP F 83 55.69 16.00 -59.63
N GLN F 84 55.19 14.76 -59.63
CA GLN F 84 54.52 14.20 -60.79
C GLN F 84 53.15 14.81 -61.03
N GLY F 85 52.64 15.61 -60.10
CA GLY F 85 51.32 16.19 -60.23
C GLY F 85 50.18 15.30 -59.79
N ILE F 86 50.46 14.09 -59.32
CA ILE F 86 49.42 13.21 -58.82
C ILE F 86 48.74 13.82 -57.61
N LEU F 87 49.53 14.35 -56.68
CA LEU F 87 49.01 14.99 -55.47
C LEU F 87 49.08 16.50 -55.62
N VAL F 88 47.92 17.16 -55.56
CA VAL F 88 47.86 18.61 -55.69
C VAL F 88 47.14 19.18 -54.46
N PRO F 89 47.59 20.31 -53.92
CA PRO F 89 46.89 20.91 -52.78
C PRO F 89 45.47 21.33 -53.15
N CYS F 90 44.55 21.16 -52.20
CA CYS F 90 43.16 21.50 -52.43
C CYS F 90 42.49 21.75 -51.09
N GLN F 91 41.33 22.39 -51.15
CA GLN F 91 40.47 22.62 -49.98
C GLN F 91 39.12 21.98 -50.25
N SER F 92 38.81 20.90 -49.54
CA SER F 92 37.59 20.12 -49.77
C SER F 92 36.99 19.73 -48.43
N PRO F 93 35.67 19.52 -48.38
CA PRO F 93 35.06 19.03 -47.14
C PRO F 93 35.30 17.56 -46.86
N TRP F 94 35.72 16.80 -47.87
CA TRP F 94 36.05 15.39 -47.67
C TRP F 94 37.49 15.25 -47.17
N ASN F 95 37.67 14.37 -46.18
CA ASN F 95 38.99 14.15 -45.62
C ASN F 95 39.03 12.76 -45.00
N THR F 96 40.04 11.97 -45.37
CA THR F 96 40.21 10.63 -44.85
C THR F 96 41.60 10.47 -44.28
N PRO F 97 41.76 9.66 -43.23
CA PRO F 97 43.08 9.52 -42.59
C PRO F 97 44.00 8.64 -43.43
N LEU F 98 45.18 9.17 -43.75
CA LEU F 98 46.19 8.37 -44.42
C LEU F 98 46.70 7.27 -43.50
N LEU F 99 47.13 6.16 -44.10
CA LEU F 99 47.62 5.04 -43.33
C LEU F 99 48.63 4.25 -44.16
N PRO F 100 49.82 4.01 -43.65
CA PRO F 100 50.81 3.22 -44.40
C PRO F 100 50.60 1.72 -44.22
N VAL F 101 50.84 0.98 -45.30
CA VAL F 101 50.86 -0.48 -45.28
C VAL F 101 52.21 -0.90 -45.82
N LYS F 102 53.04 -1.50 -44.97
CA LYS F 102 54.33 -2.00 -45.41
C LYS F 102 54.17 -3.23 -46.29
N LYS F 103 55.04 -3.35 -47.29
CA LYS F 103 55.01 -4.50 -48.16
C LYS F 103 55.41 -5.75 -47.38
N PRO F 104 54.94 -6.93 -47.82
CA PRO F 104 55.39 -8.18 -47.18
C PRO F 104 56.90 -8.29 -47.09
N GLY F 105 57.60 -7.56 -47.96
CA GLY F 105 59.05 -7.53 -47.95
C GLY F 105 59.55 -6.13 -47.66
N THR F 106 60.71 -6.07 -47.02
CA THR F 106 61.40 -4.83 -46.65
C THR F 106 60.46 -3.91 -45.86
N ASN F 107 60.70 -2.60 -45.92
CA ASN F 107 59.89 -1.58 -45.27
C ASN F 107 59.52 -0.45 -46.22
N ASP F 108 59.12 -0.79 -47.45
CA ASP F 108 58.82 0.24 -48.44
C ASP F 108 57.69 1.16 -48.00
N TYR F 109 56.73 0.66 -47.22
CA TYR F 109 55.63 1.47 -46.67
C TYR F 109 54.84 2.15 -47.79
N ARG F 110 54.16 1.31 -48.58
CA ARG F 110 53.33 1.82 -49.67
C ARG F 110 52.23 2.72 -49.12
N PRO F 111 51.84 3.75 -49.86
CA PRO F 111 50.80 4.68 -49.37
C PRO F 111 49.40 4.14 -49.66
N VAL F 112 48.55 4.14 -48.64
CA VAL F 112 47.17 3.69 -48.74
C VAL F 112 46.29 4.77 -48.14
N GLN F 113 45.23 5.14 -48.86
CA GLN F 113 44.41 6.27 -48.44
C GLN F 113 43.51 5.90 -47.25
N ASP F 114 43.12 4.63 -47.15
CA ASP F 114 42.23 4.15 -46.08
C ASP F 114 40.82 4.76 -46.19
N LEU F 115 40.27 4.75 -47.40
CA LEU F 115 38.94 5.29 -47.66
C LEU F 115 37.87 4.36 -47.10
N ARG F 116 37.81 4.29 -45.77
CA ARG F 116 36.79 3.46 -45.13
C ARG F 116 35.41 4.08 -45.28
N GLU F 117 35.27 5.37 -44.95
CA GLU F 117 33.97 6.02 -45.02
C GLU F 117 33.51 6.21 -46.47
N VAL F 118 34.44 6.54 -47.37
CA VAL F 118 34.08 6.78 -48.77
C VAL F 118 33.58 5.51 -49.42
N ASN F 119 34.15 4.35 -49.07
CA ASN F 119 33.73 3.10 -49.69
C ASN F 119 32.27 2.79 -49.40
N LYS F 120 31.84 3.01 -48.16
CA LYS F 120 30.43 2.82 -47.82
C LYS F 120 29.54 3.85 -48.49
N ARG F 121 30.08 5.02 -48.83
CA ARG F 121 29.30 6.09 -49.45
C ARG F 121 29.31 6.04 -50.97
N VAL F 122 30.39 5.53 -51.56
CA VAL F 122 30.48 5.46 -53.02
C VAL F 122 29.59 4.34 -53.53
N GLU F 123 29.12 4.50 -54.77
CA GLU F 123 28.23 3.53 -55.38
C GLU F 123 28.98 2.22 -55.67
N ASP F 124 28.21 1.17 -55.93
CA ASP F 124 28.75 -0.16 -56.16
C ASP F 124 28.58 -0.55 -57.62
N ILE F 125 29.64 -1.10 -58.20
CA ILE F 125 29.61 -1.61 -59.58
C ILE F 125 29.92 -3.10 -59.53
N HIS F 126 29.49 -3.80 -60.57
CA HIS F 126 29.69 -5.25 -60.64
C HIS F 126 31.16 -5.56 -60.87
N PRO F 127 31.83 -6.28 -59.97
CA PRO F 127 33.24 -6.61 -60.20
C PRO F 127 33.43 -7.49 -61.42
N THR F 128 34.53 -7.23 -62.15
CA THR F 128 34.90 -8.05 -63.30
C THR F 128 36.35 -8.51 -63.21
N VAL F 129 36.96 -8.44 -62.03
CA VAL F 129 38.33 -8.88 -61.84
C VAL F 129 38.39 -10.39 -61.99
N PRO F 130 39.46 -10.95 -62.54
CA PRO F 130 39.54 -12.41 -62.71
C PRO F 130 40.03 -13.09 -61.45
N ASN F 131 39.40 -14.21 -61.12
CA ASN F 131 39.83 -14.90 -59.90
C ASN F 131 41.01 -15.82 -60.21
N PRO F 132 41.96 -15.92 -59.28
CA PRO F 132 43.23 -16.62 -59.59
C PRO F 132 43.06 -18.07 -60.01
N TYR F 133 41.97 -18.72 -59.63
CA TYR F 133 41.76 -20.11 -60.01
C TYR F 133 41.64 -20.27 -61.53
N ASN F 134 40.98 -19.31 -62.19
CA ASN F 134 40.60 -19.49 -63.59
C ASN F 134 41.61 -18.91 -64.58
N LEU F 135 42.54 -18.06 -64.14
CA LEU F 135 43.54 -17.54 -65.07
C LEU F 135 44.43 -18.66 -65.60
N LEU F 136 45.00 -19.46 -64.71
CA LEU F 136 45.94 -20.51 -65.12
C LEU F 136 45.26 -21.62 -65.90
N SER F 137 43.93 -21.73 -65.82
CA SER F 137 43.23 -22.72 -66.62
C SER F 137 43.26 -22.39 -68.11
N GLY F 138 43.33 -21.11 -68.45
CA GLY F 138 43.38 -20.71 -69.85
C GLY F 138 44.70 -20.97 -70.52
N LEU F 139 45.77 -21.13 -69.74
CA LEU F 139 47.09 -21.39 -70.32
C LEU F 139 47.14 -22.81 -70.87
N PRO F 140 47.44 -22.98 -72.16
CA PRO F 140 47.52 -24.33 -72.72
C PRO F 140 48.93 -24.87 -72.65
N PRO F 141 49.09 -26.19 -72.54
CA PRO F 141 50.45 -26.76 -72.55
C PRO F 141 51.19 -26.57 -73.86
N SER F 142 50.48 -26.29 -74.96
CA SER F 142 51.15 -26.09 -76.24
C SER F 142 52.08 -24.88 -76.21
N HIS F 143 51.63 -23.80 -75.57
CA HIS F 143 52.44 -22.58 -75.47
C HIS F 143 53.47 -22.76 -74.36
N GLN F 144 54.72 -23.00 -74.74
CA GLN F 144 55.77 -23.31 -73.79
C GLN F 144 56.64 -22.11 -73.44
N TRP F 145 56.60 -21.05 -74.24
CA TRP F 145 57.42 -19.86 -74.02
C TRP F 145 56.57 -18.78 -73.37
N TYR F 146 57.10 -18.16 -72.32
CA TYR F 146 56.35 -17.20 -71.53
C TYR F 146 57.11 -15.89 -71.43
N THR F 147 56.39 -14.82 -71.12
CA THR F 147 56.98 -13.50 -70.91
C THR F 147 56.07 -12.75 -69.94
N VAL F 148 56.49 -12.66 -68.68
CA VAL F 148 55.69 -12.06 -67.63
C VAL F 148 56.14 -10.62 -67.42
N LEU F 149 55.23 -9.68 -67.65
CA LEU F 149 55.48 -8.26 -67.45
C LEU F 149 54.54 -7.74 -66.36
N ASP F 150 55.11 -7.02 -65.39
CA ASP F 150 54.35 -6.42 -64.32
C ASP F 150 54.43 -4.90 -64.43
N LEU F 151 53.26 -4.25 -64.43
CA LEU F 151 53.18 -2.81 -64.61
C LEU F 151 53.36 -2.10 -63.27
N LYS F 152 54.36 -1.24 -63.19
CA LYS F 152 54.60 -0.44 -61.99
C LYS F 152 53.59 0.71 -61.93
N ASP F 153 53.28 1.13 -60.70
CA ASP F 153 52.29 2.17 -60.40
C ASP F 153 51.07 2.03 -61.30
N ALA F 154 50.42 0.88 -61.18
CA ALA F 154 49.31 0.53 -62.07
C ALA F 154 48.11 1.44 -61.85
N PHE F 155 47.69 1.60 -60.59
CA PHE F 155 46.46 2.34 -60.31
C PHE F 155 46.61 3.84 -60.58
N PHE F 156 47.83 4.35 -60.67
CA PHE F 156 48.04 5.77 -60.88
C PHE F 156 47.99 6.17 -62.35
N CYS F 157 47.89 5.20 -63.26
CA CYS F 157 47.90 5.52 -64.69
C CYS F 157 46.62 6.23 -65.11
N LEU F 158 45.47 5.82 -64.56
CA LEU F 158 44.19 6.37 -64.97
C LEU F 158 43.99 7.75 -64.36
N ARG F 159 43.64 8.72 -65.18
CA ARG F 159 43.41 10.07 -64.72
C ARG F 159 42.06 10.20 -64.03
N LEU F 160 41.98 11.13 -63.08
CA LEU F 160 40.76 11.37 -62.31
C LEU F 160 40.21 12.75 -62.65
N HIS F 161 38.90 12.81 -62.85
CA HIS F 161 38.27 14.07 -63.22
C HIS F 161 38.34 15.05 -62.04
N PRO F 162 38.61 16.33 -62.30
CA PRO F 162 38.68 17.31 -61.20
C PRO F 162 37.40 17.43 -60.40
N THR F 163 36.24 17.06 -60.97
CA THR F 163 34.99 17.11 -60.23
C THR F 163 35.01 16.14 -59.05
N SER F 164 35.53 14.94 -59.26
CA SER F 164 35.58 13.92 -58.22
C SER F 164 36.89 13.95 -57.43
N GLN F 165 37.83 14.82 -57.79
CA GLN F 165 39.05 14.96 -57.00
C GLN F 165 38.80 15.37 -55.55
N PRO F 166 37.91 16.31 -55.24
CA PRO F 166 37.70 16.66 -53.81
C PRO F 166 37.19 15.50 -52.97
N LEU F 167 36.67 14.44 -53.58
CA LEU F 167 36.19 13.29 -52.82
C LEU F 167 37.32 12.65 -52.01
N PHE F 168 38.50 12.52 -52.61
CA PHE F 168 39.66 11.95 -51.94
C PHE F 168 40.58 13.06 -51.47
N ALA F 169 40.92 13.05 -50.19
CA ALA F 169 41.83 14.04 -49.63
C ALA F 169 42.37 13.51 -48.29
N PHE F 170 43.48 14.11 -47.86
CA PHE F 170 44.07 13.77 -46.57
C PHE F 170 44.92 14.95 -46.10
N GLU F 171 45.14 15.01 -44.79
CA GLU F 171 45.88 16.11 -44.18
C GLU F 171 47.34 15.72 -44.05
N TRP F 172 48.23 16.51 -44.65
CA TRP F 172 49.67 16.29 -44.59
C TRP F 172 50.34 17.64 -44.36
N ARG F 173 50.98 17.79 -43.21
CA ARG F 173 51.65 19.04 -42.84
C ARG F 173 53.10 18.74 -42.52
N ASP F 174 54.01 19.32 -43.30
CA ASP F 174 55.45 19.20 -43.06
C ASP F 174 56.04 20.60 -43.07
N PRO F 175 56.67 21.05 -41.98
CA PRO F 175 57.25 22.39 -41.96
C PRO F 175 58.30 22.62 -43.03
N GLU F 176 59.07 21.59 -43.38
CA GLU F 176 60.08 21.74 -44.43
C GLU F 176 59.45 22.05 -45.78
N MET F 177 58.35 21.36 -46.12
CA MET F 177 57.67 21.61 -47.37
C MET F 177 57.06 23.01 -47.40
N GLY F 178 56.53 23.47 -46.27
CA GLY F 178 55.91 24.77 -46.19
C GLY F 178 54.46 24.83 -46.63
N ILE F 179 53.86 23.69 -46.99
CA ILE F 179 52.47 23.62 -47.39
C ILE F 179 51.73 22.70 -46.43
N SER F 180 50.64 23.20 -45.85
CA SER F 180 49.82 22.43 -44.93
C SER F 180 48.37 22.48 -45.39
N GLY F 181 47.73 21.33 -45.47
CA GLY F 181 46.35 21.25 -45.87
C GLY F 181 46.08 19.92 -46.57
N GLN F 182 45.01 19.91 -47.36
CA GLN F 182 44.58 18.71 -48.06
C GLN F 182 45.28 18.60 -49.40
N LEU F 183 45.61 17.36 -49.78
CA LEU F 183 46.25 17.06 -51.05
C LEU F 183 45.44 15.98 -51.75
N THR F 184 44.58 16.39 -52.68
CA THR F 184 43.76 15.44 -53.40
C THR F 184 44.58 14.71 -54.47
N TRP F 185 44.01 13.64 -54.99
CA TRP F 185 44.66 12.81 -56.01
C TRP F 185 44.05 13.11 -57.38
N THR F 186 44.92 13.35 -58.36
CA THR F 186 44.50 13.53 -59.74
C THR F 186 44.39 12.22 -60.50
N ARG F 187 44.73 11.09 -59.87
CA ARG F 187 44.60 9.77 -60.46
C ARG F 187 43.84 8.87 -59.49
N LEU F 188 43.62 7.63 -59.90
CA LEU F 188 42.88 6.68 -59.08
C LEU F 188 43.71 6.31 -57.85
N PRO F 189 43.21 6.54 -56.64
CA PRO F 189 44.01 6.28 -55.45
C PRO F 189 44.04 4.80 -55.09
N GLN F 190 44.99 4.45 -54.23
CA GLN F 190 45.07 3.11 -53.66
C GLN F 190 44.22 3.02 -52.40
N GLY F 191 43.75 1.81 -52.10
CA GLY F 191 42.84 1.60 -50.99
C GLY F 191 41.39 1.88 -51.29
N PHE F 192 41.05 2.26 -52.53
CA PHE F 192 39.68 2.50 -52.92
C PHE F 192 39.06 1.21 -53.43
N LYS F 193 37.78 1.00 -53.11
CA LYS F 193 37.15 -0.28 -53.39
C LYS F 193 36.92 -0.52 -54.88
N ASN F 194 36.74 0.55 -55.65
CA ASN F 194 36.51 0.42 -57.08
C ASN F 194 37.78 0.52 -57.91
N SER F 195 38.93 0.74 -57.28
CA SER F 195 40.18 0.84 -58.04
C SER F 195 40.54 -0.43 -58.78
N PRO F 196 40.53 -1.62 -58.15
CA PRO F 196 40.86 -2.83 -58.93
C PRO F 196 39.94 -3.07 -60.11
N THR F 197 38.64 -2.76 -59.96
CA THR F 197 37.70 -2.97 -61.05
C THR F 197 37.90 -1.96 -62.16
N LEU F 198 38.05 -0.68 -61.81
CA LEU F 198 38.18 0.36 -62.81
C LEU F 198 39.47 0.20 -63.61
N PHE F 199 40.56 -0.22 -62.95
CA PHE F 199 41.81 -0.43 -63.67
C PHE F 199 41.75 -1.64 -64.58
N ASN F 200 41.02 -2.68 -64.18
CA ASN F 200 40.90 -3.87 -65.02
C ASN F 200 40.23 -3.54 -66.35
N GLU F 201 39.02 -2.96 -66.29
CA GLU F 201 38.31 -2.63 -67.52
C GLU F 201 39.12 -1.70 -68.41
N ALA F 202 39.76 -0.69 -67.81
CA ALA F 202 40.51 0.28 -68.60
C ALA F 202 41.67 -0.36 -69.34
N LEU F 203 42.42 -1.24 -68.65
CA LEU F 203 43.53 -1.92 -69.30
C LEU F 203 43.05 -2.93 -70.33
N HIS F 204 41.90 -3.58 -70.08
CA HIS F 204 41.41 -4.61 -70.98
C HIS F 204 41.04 -4.02 -72.34
N ARG F 205 40.40 -2.85 -72.36
CA ARG F 205 40.01 -2.23 -73.63
C ARG F 205 41.24 -1.85 -74.44
N ASP F 206 42.27 -1.31 -73.79
CA ASP F 206 43.47 -0.91 -74.51
C ASP F 206 44.17 -2.11 -75.14
N LEU F 207 44.28 -3.21 -74.40
CA LEU F 207 44.94 -4.42 -74.89
C LEU F 207 44.01 -5.28 -75.74
N ALA F 208 42.72 -4.93 -75.83
CA ALA F 208 41.82 -5.70 -76.67
C ALA F 208 42.22 -5.62 -78.14
N ASP F 209 42.70 -4.45 -78.58
CA ASP F 209 43.19 -4.31 -79.94
C ASP F 209 44.46 -5.12 -80.17
N PHE F 210 45.29 -5.27 -79.13
CA PHE F 210 46.51 -6.07 -79.27
C PHE F 210 46.18 -7.54 -79.49
N ARG F 211 45.15 -8.06 -78.81
CA ARG F 211 44.82 -9.47 -78.93
C ARG F 211 44.38 -9.82 -80.35
N ILE F 212 43.66 -8.90 -81.01
CA ILE F 212 43.18 -9.16 -82.36
C ILE F 212 44.35 -9.30 -83.33
N GLN F 213 45.34 -8.41 -83.21
CA GLN F 213 46.45 -8.39 -84.16
C GLN F 213 47.33 -9.64 -84.08
N HIS F 214 47.33 -10.33 -82.94
CA HIS F 214 48.18 -11.51 -82.72
C HIS F 214 47.31 -12.66 -82.22
N PRO F 215 46.65 -13.38 -83.13
CA PRO F 215 45.84 -14.53 -82.71
C PRO F 215 46.65 -15.63 -82.04
N ASP F 216 47.91 -15.83 -82.46
CA ASP F 216 48.70 -16.92 -81.91
C ASP F 216 49.01 -16.71 -80.43
N LEU F 217 49.32 -15.49 -80.04
CA LEU F 217 49.71 -15.21 -78.67
C LEU F 217 48.52 -15.37 -77.72
N ILE F 218 48.82 -15.82 -76.51
CA ILE F 218 47.83 -15.95 -75.44
C ILE F 218 48.23 -14.97 -74.35
N LEU F 219 47.39 -13.96 -74.12
CA LEU F 219 47.67 -12.91 -73.15
C LEU F 219 46.82 -13.13 -71.91
N LEU F 220 47.48 -13.27 -70.77
CA LEU F 220 46.82 -13.42 -69.47
C LEU F 220 46.98 -12.14 -68.68
N GLN F 221 45.87 -11.59 -68.19
CA GLN F 221 45.87 -10.33 -67.48
C GLN F 221 45.32 -10.53 -66.07
N TYR F 222 46.10 -10.11 -65.08
CA TYR F 222 45.68 -10.12 -63.68
C TYR F 222 45.92 -8.72 -63.12
N VAL F 223 44.87 -7.90 -63.12
CA VAL F 223 44.96 -6.50 -62.69
C VAL F 223 46.07 -5.80 -63.46
N ASP F 224 47.30 -5.89 -62.94
CA ASP F 224 48.46 -5.28 -63.58
C ASP F 224 49.41 -6.28 -64.20
N ASP F 225 49.51 -7.49 -63.65
CA ASP F 225 50.44 -8.48 -64.17
C ASP F 225 49.96 -8.99 -65.53
N LEU F 226 50.87 -9.03 -66.51
CA LEU F 226 50.57 -9.52 -67.84
C LEU F 226 51.48 -10.70 -68.15
N LEU F 227 50.91 -11.74 -68.75
CA LEU F 227 51.66 -12.92 -69.15
C LEU F 227 51.40 -13.18 -70.62
N LEU F 228 52.46 -13.31 -71.40
CA LEU F 228 52.38 -13.55 -72.84
C LEU F 228 52.87 -14.97 -73.12
N ALA F 229 52.03 -15.76 -73.79
CA ALA F 229 52.35 -17.14 -74.11
C ALA F 229 52.43 -17.29 -75.63
N ALA F 230 53.51 -17.93 -76.09
CA ALA F 230 53.76 -18.12 -77.51
C ALA F 230 54.19 -19.56 -77.76
N THR F 231 54.24 -19.93 -79.03
CA THR F 231 54.57 -21.30 -79.40
C THR F 231 56.08 -21.54 -79.38
N SER F 232 56.83 -20.79 -80.18
CA SER F 232 58.27 -20.95 -80.30
C SER F 232 58.98 -19.75 -79.68
N GLU F 233 60.31 -19.83 -79.65
CA GLU F 233 61.11 -18.73 -79.10
C GLU F 233 60.97 -17.48 -79.96
N LEU F 234 60.96 -17.63 -81.28
CA LEU F 234 60.84 -16.48 -82.16
C LEU F 234 59.49 -15.80 -82.00
N ASP F 235 58.42 -16.60 -81.81
CA ASP F 235 57.09 -16.03 -81.62
C ASP F 235 57.02 -15.18 -80.35
N CYS F 236 57.65 -15.64 -79.28
CA CYS F 236 57.68 -14.87 -78.04
C CYS F 236 58.46 -13.57 -78.22
N GLN F 237 59.59 -13.62 -78.92
CA GLN F 237 60.39 -12.42 -79.14
C GLN F 237 59.62 -11.38 -79.95
N GLN F 238 58.94 -11.82 -81.01
CA GLN F 238 58.13 -10.89 -81.80
C GLN F 238 56.95 -10.37 -80.97
N GLY F 239 56.32 -11.23 -80.19
CA GLY F 239 55.19 -10.80 -79.38
C GLY F 239 55.58 -9.82 -78.29
N THR F 240 56.74 -10.05 -77.66
CA THR F 240 57.16 -9.15 -76.59
C THR F 240 57.43 -7.75 -77.11
N ARG F 241 58.06 -7.63 -78.28
CA ARG F 241 58.31 -6.32 -78.86
C ARG F 241 57.00 -5.62 -79.20
N ALA F 242 56.04 -6.35 -79.76
CA ALA F 242 54.74 -5.76 -80.06
C ALA F 242 54.02 -5.34 -78.79
N LEU F 243 54.08 -6.17 -77.75
CA LEU F 243 53.43 -5.82 -76.49
C LEU F 243 54.08 -4.60 -75.86
N LEU F 244 55.42 -4.53 -75.88
CA LEU F 244 56.11 -3.36 -75.33
C LEU F 244 55.76 -2.10 -76.11
N GLN F 245 55.73 -2.20 -77.45
CA GLN F 245 55.35 -1.05 -78.25
C GLN F 245 53.91 -0.64 -78.00
N THR F 246 53.01 -1.62 -77.87
CA THR F 246 51.60 -1.31 -77.62
C THR F 246 51.43 -0.62 -76.28
N LEU F 247 52.06 -1.15 -75.22
CA LEU F 247 51.96 -0.54 -73.90
C LEU F 247 52.65 0.82 -73.86
N GLY F 248 53.71 0.99 -74.65
CA GLY F 248 54.42 2.26 -74.64
C GLY F 248 53.57 3.41 -75.13
N ASN F 249 52.87 3.21 -76.24
CA ASN F 249 51.97 4.25 -76.75
C ASN F 249 50.82 4.50 -75.78
N LEU F 250 50.27 3.43 -75.19
CA LEU F 250 49.14 3.57 -74.27
C LEU F 250 49.52 4.29 -72.98
N GLY F 251 50.80 4.41 -72.67
CA GLY F 251 51.28 5.16 -71.53
C GLY F 251 51.64 4.30 -70.33
N TYR F 252 51.19 3.06 -70.27
CA TYR F 252 51.54 2.17 -69.16
C TYR F 252 53.03 1.86 -69.18
N ARG F 253 53.64 1.86 -68.01
CA ARG F 253 55.06 1.60 -67.86
C ARG F 253 55.26 0.30 -67.08
N ALA F 254 56.09 -0.58 -67.63
CA ALA F 254 56.37 -1.87 -67.02
C ALA F 254 57.73 -1.85 -66.32
N SER F 255 57.79 -2.44 -65.14
CA SER F 255 59.04 -2.49 -64.39
C SER F 255 60.04 -3.40 -65.10
N ALA F 256 61.27 -2.91 -65.26
CA ALA F 256 62.32 -3.68 -65.92
C ALA F 256 63.20 -4.45 -64.94
N LYS F 257 63.17 -4.09 -63.66
CA LYS F 257 63.97 -4.81 -62.67
C LYS F 257 63.49 -6.25 -62.51
N LYS F 258 62.18 -6.47 -62.51
CA LYS F 258 61.58 -7.79 -62.37
C LYS F 258 60.66 -8.02 -63.57
N ALA F 259 61.22 -8.53 -64.67
CA ALA F 259 60.44 -8.80 -65.87
C ALA F 259 61.09 -9.98 -66.58
N GLN F 260 60.53 -11.18 -66.40
CA GLN F 260 61.04 -12.38 -67.03
C GLN F 260 60.62 -12.39 -68.49
N ILE F 261 61.60 -12.28 -69.39
CA ILE F 261 61.35 -12.18 -70.82
C ILE F 261 62.05 -13.33 -71.52
N CYS F 262 61.30 -14.08 -72.32
CA CYS F 262 61.84 -15.17 -73.14
C CYS F 262 62.58 -16.20 -72.28
N GLN F 263 62.00 -16.55 -71.14
CA GLN F 263 62.54 -17.58 -70.26
C GLN F 263 61.52 -18.69 -70.09
N LYS F 264 61.98 -19.94 -70.17
CA LYS F 264 61.10 -21.07 -69.91
C LYS F 264 60.62 -21.07 -68.47
N GLN F 265 61.52 -20.80 -67.52
CA GLN F 265 61.18 -20.73 -66.10
C GLN F 265 60.70 -19.32 -65.78
N VAL F 266 59.40 -19.19 -65.49
CA VAL F 266 58.81 -17.93 -65.07
C VAL F 266 57.98 -18.17 -63.82
N LYS F 267 57.81 -17.09 -63.04
CA LYS F 267 56.96 -17.12 -61.86
C LYS F 267 55.76 -16.21 -62.10
N TYR F 268 54.56 -16.78 -61.98
CA TYR F 268 53.33 -16.04 -62.23
C TYR F 268 52.25 -16.56 -61.31
N LEU F 269 51.53 -15.63 -60.65
CA LEU F 269 50.45 -15.98 -59.73
C LEU F 269 50.92 -16.87 -58.59
N GLY F 270 52.19 -16.73 -58.20
CA GLY F 270 52.74 -17.56 -57.14
C GLY F 270 53.02 -18.99 -57.53
N TYR F 271 53.00 -19.31 -58.82
CA TYR F 271 53.19 -20.66 -59.30
C TYR F 271 54.34 -20.72 -60.29
N LEU F 272 55.15 -21.75 -60.19
CA LEU F 272 56.24 -21.97 -61.15
C LEU F 272 55.69 -22.61 -62.42
N LEU F 273 56.18 -22.15 -63.56
CA LEU F 273 55.73 -22.60 -64.87
C LEU F 273 56.94 -23.14 -65.64
N LYS F 274 57.08 -24.46 -65.67
CA LYS F 274 58.20 -25.10 -66.33
C LYS F 274 57.72 -26.37 -67.01
N GLU F 275 58.15 -26.58 -68.26
CA GLU F 275 57.71 -27.70 -69.09
C GLU F 275 56.18 -27.76 -69.17
N GLY F 276 55.53 -26.60 -69.16
CA GLY F 276 54.08 -26.56 -69.17
C GLY F 276 53.44 -27.24 -67.98
N GLN F 277 54.06 -27.15 -66.81
CA GLN F 277 53.54 -27.75 -65.60
C GLN F 277 53.47 -26.70 -64.50
N ARG F 278 52.37 -26.71 -63.75
CA ARG F 278 52.16 -25.76 -62.66
C ARG F 278 52.85 -26.31 -61.41
N TRP F 279 54.16 -26.08 -61.35
CA TRP F 279 54.96 -26.49 -60.22
C TRP F 279 54.64 -25.63 -58.99
N LEU F 280 55.31 -25.94 -57.89
CA LEU F 280 55.22 -25.16 -56.66
C LEU F 280 56.60 -24.64 -56.28
N THR F 281 56.66 -23.37 -55.90
CA THR F 281 57.94 -22.74 -55.59
C THR F 281 58.58 -23.41 -54.38
N GLU F 282 59.90 -23.58 -54.45
CA GLU F 282 60.62 -24.21 -53.34
C GLU F 282 60.55 -23.36 -52.07
N ALA F 283 60.49 -22.03 -52.22
CA ALA F 283 60.40 -21.17 -51.05
C ALA F 283 59.10 -21.38 -50.30
N ARG F 284 58.00 -21.59 -51.02
CA ARG F 284 56.71 -21.80 -50.37
C ARG F 284 56.71 -23.09 -49.54
N LYS F 285 57.34 -24.14 -50.07
CA LYS F 285 57.42 -25.39 -49.32
C LYS F 285 58.23 -25.23 -48.04
N GLU F 286 59.29 -24.41 -48.09
CA GLU F 286 60.12 -24.20 -46.89
C GLU F 286 59.33 -23.52 -45.78
N THR F 287 58.47 -22.56 -46.14
CA THR F 287 57.71 -21.84 -45.12
C THR F 287 56.77 -22.77 -44.35
N VAL F 288 56.13 -23.70 -45.05
CA VAL F 288 55.16 -24.58 -44.40
C VAL F 288 55.87 -25.51 -43.42
N MET F 289 56.95 -26.14 -43.85
CA MET F 289 57.68 -27.07 -43.00
C MET F 289 58.54 -26.34 -41.96
N GLY F 290 58.98 -25.11 -42.27
CA GLY F 290 59.89 -24.41 -41.39
C GLY F 290 59.31 -24.10 -40.02
N GLN F 291 58.01 -23.84 -39.96
CA GLN F 291 57.38 -23.51 -38.69
C GLN F 291 57.46 -24.71 -37.74
N PRO F 292 57.70 -24.49 -36.45
CA PRO F 292 57.73 -25.60 -35.50
C PRO F 292 56.35 -26.14 -35.18
N THR F 293 56.27 -27.08 -34.25
CA THR F 293 54.99 -27.66 -33.87
C THR F 293 54.12 -26.60 -33.21
N PRO F 294 52.89 -26.38 -33.67
CA PRO F 294 52.05 -25.35 -33.07
C PRO F 294 51.70 -25.69 -31.63
N LYS F 295 51.55 -24.64 -30.81
CA LYS F 295 51.21 -24.77 -29.41
C LYS F 295 49.95 -24.02 -29.00
N THR F 296 49.45 -23.12 -29.83
CA THR F 296 48.26 -22.33 -29.58
C THR F 296 47.35 -22.42 -30.79
N PRO F 297 46.05 -22.18 -30.61
CA PRO F 297 45.15 -22.18 -31.79
C PRO F 297 45.55 -21.16 -32.85
N ARG F 298 46.12 -20.03 -32.45
CA ARG F 298 46.64 -19.08 -33.43
C ARG F 298 47.80 -19.68 -34.21
N GLN F 299 48.69 -20.40 -33.52
CA GLN F 299 49.83 -21.01 -34.21
C GLN F 299 49.37 -22.11 -35.17
N LEU F 300 48.39 -22.91 -34.76
CA LEU F 300 47.88 -23.95 -35.65
C LEU F 300 47.11 -23.36 -36.81
N ARG F 301 46.40 -22.25 -36.59
CA ARG F 301 45.64 -21.62 -37.67
C ARG F 301 46.57 -21.10 -38.75
N GLU F 302 47.72 -20.55 -38.35
CA GLU F 302 48.68 -20.03 -39.33
C GLU F 302 49.21 -21.15 -40.23
N PHE F 303 49.51 -22.31 -39.65
CA PHE F 303 50.04 -23.43 -40.44
C PHE F 303 49.00 -23.97 -41.41
N LEU F 304 47.74 -24.05 -40.99
CA LEU F 304 46.69 -24.61 -41.83
C LEU F 304 46.59 -23.87 -43.17
N GLY F 305 46.59 -22.54 -43.12
CA GLY F 305 46.44 -21.77 -44.34
C GLY F 305 47.53 -22.02 -45.36
N LYS F 306 48.77 -22.15 -44.89
CA LYS F 306 49.87 -22.46 -45.80
C LYS F 306 49.63 -23.79 -46.48
N ALA F 307 49.29 -24.82 -45.69
CA ALA F 307 48.96 -26.12 -46.26
C ALA F 307 47.79 -26.03 -47.21
N GLY F 308 46.75 -25.27 -46.83
CA GLY F 308 45.56 -25.18 -47.65
C GLY F 308 45.82 -24.55 -49.01
N PHE F 309 46.73 -23.57 -49.06
CA PHE F 309 47.05 -22.96 -50.35
C PHE F 309 47.70 -23.97 -51.30
N CYS F 310 48.36 -24.98 -50.73
CA CYS F 310 48.96 -26.07 -51.49
C CYS F 310 48.07 -27.29 -51.60
N ARG F 311 46.88 -27.28 -50.98
CA ARG F 311 45.91 -28.37 -51.02
C ARG F 311 45.74 -28.98 -52.41
N LEU F 312 45.95 -28.20 -53.46
CA LEU F 312 45.75 -28.72 -54.81
C LEU F 312 46.83 -29.72 -55.21
N PHE F 313 47.96 -29.73 -54.51
CA PHE F 313 49.05 -30.65 -54.80
C PHE F 313 49.03 -31.88 -53.92
N ILE F 314 48.63 -31.74 -52.67
CA ILE F 314 48.58 -32.85 -51.71
C ILE F 314 47.35 -33.71 -52.01
N PRO F 315 47.53 -34.99 -52.31
CA PRO F 315 46.36 -35.86 -52.53
C PRO F 315 45.66 -36.18 -51.22
N GLY F 316 44.34 -36.13 -51.24
CA GLY F 316 43.55 -36.41 -50.05
C GLY F 316 43.84 -35.48 -48.89
N PHE F 317 43.92 -34.18 -49.15
CA PHE F 317 44.30 -33.24 -48.10
C PHE F 317 43.19 -33.09 -47.06
N ALA F 318 41.94 -33.26 -47.46
CA ALA F 318 40.83 -33.09 -46.52
C ALA F 318 40.90 -34.12 -45.40
N GLU F 319 41.13 -35.39 -45.75
CA GLU F 319 41.26 -36.42 -44.73
C GLU F 319 42.60 -36.31 -43.99
N MET F 320 43.65 -35.88 -44.69
CA MET F 320 44.96 -35.77 -44.06
C MET F 320 44.96 -34.75 -42.94
N ALA F 321 44.32 -33.60 -43.16
CA ALA F 321 44.25 -32.54 -42.16
C ALA F 321 42.95 -32.59 -41.36
N ALA F 322 42.23 -33.71 -41.42
CA ALA F 322 40.99 -33.84 -40.66
C ALA F 322 41.18 -33.73 -39.16
N PRO F 323 42.16 -34.40 -38.53
CA PRO F 323 42.28 -34.28 -37.06
C PRO F 323 42.55 -32.86 -36.58
N LEU F 324 43.25 -32.04 -37.37
CA LEU F 324 43.60 -30.71 -36.93
C LEU F 324 42.43 -29.73 -37.01
N TYR F 325 41.40 -30.06 -37.79
CA TYR F 325 40.25 -29.15 -37.93
C TYR F 325 39.50 -28.93 -36.63
N PRO F 326 39.11 -29.96 -35.86
CA PRO F 326 38.39 -29.69 -34.60
C PRO F 326 39.20 -28.95 -33.55
N LEU F 327 40.53 -28.89 -33.70
CA LEU F 327 41.35 -28.11 -32.78
C LEU F 327 41.37 -26.62 -33.13
N THR F 328 40.89 -26.26 -34.33
CA THR F 328 40.92 -24.87 -34.77
C THR F 328 39.89 -24.01 -34.06
N LYS F 329 38.88 -24.62 -33.45
CA LYS F 329 37.76 -23.87 -32.91
C LYS F 329 38.24 -22.88 -31.85
N PRO F 330 37.71 -21.66 -31.82
CA PRO F 330 38.11 -20.71 -30.77
C PRO F 330 37.81 -21.20 -29.36
N GLY F 331 36.68 -21.86 -29.16
CA GLY F 331 36.37 -22.43 -27.87
C GLY F 331 36.73 -23.91 -27.78
N THR F 332 37.90 -24.20 -27.23
CA THR F 332 38.41 -25.55 -27.09
C THR F 332 39.72 -25.49 -26.30
N LEU F 333 40.25 -26.67 -25.98
CA LEU F 333 41.53 -26.79 -25.32
C LEU F 333 42.55 -27.33 -26.32
N PHE F 334 43.70 -26.68 -26.41
CA PHE F 334 44.74 -27.07 -27.36
C PHE F 334 45.52 -28.24 -26.78
N ASN F 335 45.00 -29.45 -27.01
CA ASN F 335 45.67 -30.68 -26.61
C ASN F 335 46.30 -31.31 -27.85
N TRP F 336 47.63 -31.18 -27.96
CA TRP F 336 48.37 -31.73 -29.10
C TRP F 336 48.64 -33.20 -28.83
N GLY F 337 47.64 -34.03 -29.10
CA GLY F 337 47.74 -35.45 -28.87
C GLY F 337 48.52 -36.15 -29.94
N PRO F 338 48.78 -37.45 -29.71
CA PRO F 338 49.51 -38.23 -30.73
C PRO F 338 48.82 -38.26 -32.08
N ASP F 339 47.48 -38.28 -32.10
CA ASP F 339 46.76 -38.25 -33.37
C ASP F 339 46.98 -36.93 -34.11
N GLN F 340 46.99 -35.81 -33.37
CA GLN F 340 47.25 -34.52 -34.00
C GLN F 340 48.67 -34.47 -34.57
N GLN F 341 49.65 -35.00 -33.84
CA GLN F 341 51.01 -35.05 -34.34
C GLN F 341 51.12 -35.92 -35.59
N LYS F 342 50.33 -37.00 -35.65
CA LYS F 342 50.31 -37.83 -36.85
C LYS F 342 49.77 -37.05 -38.05
N ALA F 343 48.74 -36.23 -37.84
CA ALA F 343 48.22 -35.41 -38.93
C ALA F 343 49.24 -34.37 -39.36
N TYR F 344 49.95 -33.76 -38.41
CA TYR F 344 50.96 -32.78 -38.74
C TYR F 344 52.09 -33.40 -39.57
N GLN F 345 52.54 -34.59 -39.17
CA GLN F 345 53.63 -35.24 -39.89
C GLN F 345 53.23 -35.61 -41.32
N GLU F 346 51.95 -35.97 -41.53
CA GLU F 346 51.50 -36.33 -42.86
C GLU F 346 51.58 -35.15 -43.82
N ILE F 347 51.19 -33.96 -43.35
CA ILE F 347 51.23 -32.78 -44.20
C ILE F 347 52.68 -32.38 -44.50
N LYS F 348 53.55 -32.48 -43.49
CA LYS F 348 54.96 -32.13 -43.69
C LYS F 348 55.61 -33.04 -44.73
N GLN F 349 55.35 -34.34 -44.66
CA GLN F 349 55.95 -35.26 -45.62
C GLN F 349 55.31 -35.17 -46.99
N ALA F 350 54.01 -34.85 -47.05
CA ALA F 350 53.33 -34.76 -48.34
C ALA F 350 53.86 -33.61 -49.18
N LEU F 351 54.12 -32.45 -48.54
CA LEU F 351 54.61 -31.29 -49.29
C LEU F 351 56.05 -31.47 -49.74
N LEU F 352 56.81 -32.36 -49.11
CA LEU F 352 58.18 -32.60 -49.53
C LEU F 352 58.24 -33.18 -50.93
N THR F 353 57.33 -34.09 -51.26
CA THR F 353 57.28 -34.75 -52.56
C THR F 353 56.00 -34.39 -53.31
N ALA F 354 55.65 -33.11 -53.29
CA ALA F 354 54.47 -32.66 -54.03
C ALA F 354 54.69 -32.83 -55.52
N PRO F 355 53.72 -33.36 -56.25
CA PRO F 355 53.91 -33.62 -57.68
C PRO F 355 53.81 -32.34 -58.49
N ALA F 356 53.90 -32.49 -59.81
CA ALA F 356 53.83 -31.37 -60.75
C ALA F 356 52.44 -31.37 -61.39
N LEU F 357 51.59 -30.47 -60.93
CA LEU F 357 50.26 -30.33 -61.52
C LEU F 357 50.37 -29.75 -62.93
N GLY F 358 49.74 -30.42 -63.89
CA GLY F 358 49.80 -29.97 -65.26
C GLY F 358 48.82 -28.84 -65.56
N LEU F 359 49.13 -28.08 -66.60
CA LEU F 359 48.24 -27.03 -67.04
C LEU F 359 47.05 -27.65 -67.77
N PRO F 360 45.82 -27.34 -67.36
CA PRO F 360 44.66 -27.93 -68.04
C PRO F 360 44.51 -27.40 -69.46
N ASP F 361 44.27 -28.31 -70.39
CA ASP F 361 44.05 -27.97 -71.80
C ASP F 361 42.56 -28.02 -72.08
N LEU F 362 41.98 -26.86 -72.39
CA LEU F 362 40.53 -26.78 -72.54
C LEU F 362 40.04 -27.53 -73.77
N THR F 363 40.90 -27.71 -74.78
CA THR F 363 40.47 -28.37 -76.01
C THR F 363 40.13 -29.83 -75.76
N LYS F 364 40.94 -30.54 -74.98
CA LYS F 364 40.74 -31.95 -74.75
C LYS F 364 39.80 -32.17 -73.57
N PRO F 365 39.11 -33.31 -73.52
CA PRO F 365 38.22 -33.58 -72.39
C PRO F 365 38.99 -33.93 -71.13
N PHE F 366 38.31 -33.81 -70.00
CA PHE F 366 38.90 -34.04 -68.68
C PHE F 366 38.52 -35.41 -68.16
N GLU F 367 39.22 -35.82 -67.10
CA GLU F 367 38.97 -37.09 -66.42
C GLU F 367 39.16 -36.89 -64.93
N LEU F 368 38.22 -37.41 -64.14
CA LEU F 368 38.23 -37.23 -62.69
C LEU F 368 38.04 -38.58 -62.00
N PHE F 369 38.94 -38.88 -61.06
CA PHE F 369 38.81 -40.05 -60.21
C PHE F 369 38.22 -39.63 -58.87
N VAL F 370 37.27 -40.41 -58.36
CA VAL F 370 36.58 -40.11 -57.12
C VAL F 370 36.67 -41.31 -56.19
N ASP F 371 37.00 -41.06 -54.93
CA ASP F 371 37.04 -42.09 -53.90
C ASP F 371 36.59 -41.47 -52.59
N GLU F 372 35.99 -42.29 -51.73
CA GLU F 372 35.42 -41.79 -50.48
C GLU F 372 35.57 -42.86 -49.40
N LYS F 373 36.33 -42.55 -48.36
CA LYS F 373 36.51 -43.42 -47.22
C LYS F 373 36.24 -42.64 -45.94
N GLN F 374 35.39 -43.19 -45.07
CA GLN F 374 35.15 -42.65 -43.73
C GLN F 374 34.67 -41.19 -43.79
N GLY F 375 33.74 -40.91 -44.69
CA GLY F 375 33.11 -39.61 -44.73
C GLY F 375 33.95 -38.48 -45.29
N TYR F 376 35.12 -38.77 -45.85
CA TYR F 376 35.98 -37.76 -46.44
C TYR F 376 36.22 -38.11 -47.90
N ALA F 377 35.80 -37.22 -48.80
CA ALA F 377 35.94 -37.45 -50.22
C ALA F 377 37.33 -37.01 -50.70
N LYS F 378 37.94 -37.84 -51.53
CA LYS F 378 39.24 -37.53 -52.12
C LYS F 378 39.24 -37.92 -53.58
N GLY F 379 40.12 -37.29 -54.35
CA GLY F 379 40.20 -37.60 -55.76
C GLY F 379 41.27 -36.77 -56.44
N VAL F 380 41.45 -37.04 -57.73
CA VAL F 380 42.43 -36.34 -58.56
C VAL F 380 41.80 -36.07 -59.92
N LEU F 381 42.00 -34.85 -60.42
CA LEU F 381 41.60 -34.47 -61.77
C LEU F 381 42.81 -34.64 -62.68
N THR F 382 42.67 -35.47 -63.72
CA THR F 382 43.77 -35.81 -64.60
C THR F 382 43.42 -35.49 -66.04
N GLN F 383 44.45 -35.46 -66.89
CA GLN F 383 44.26 -35.28 -68.32
C GLN F 383 45.27 -36.15 -69.07
N LYS F 384 44.94 -36.45 -70.32
CA LYS F 384 45.73 -37.35 -71.14
C LYS F 384 47.08 -36.72 -71.50
N LEU F 385 48.15 -37.50 -71.33
CA LEU F 385 49.49 -37.08 -71.74
C LEU F 385 50.11 -38.29 -72.43
N GLY F 386 50.09 -38.30 -73.76
CA GLY F 386 50.53 -39.46 -74.50
C GLY F 386 49.72 -40.69 -74.13
N PRO F 387 50.40 -41.78 -73.76
CA PRO F 387 49.69 -42.95 -73.22
C PRO F 387 49.38 -42.86 -71.75
N TRP F 388 49.92 -41.87 -71.02
CA TRP F 388 49.71 -41.73 -69.59
C TRP F 388 48.71 -40.62 -69.29
N ARG F 389 48.32 -40.53 -68.02
CA ARG F 389 47.45 -39.48 -67.51
C ARG F 389 48.26 -38.55 -66.61
N ARG F 390 48.12 -37.25 -66.82
CA ARG F 390 48.82 -36.28 -65.98
C ARG F 390 47.84 -35.61 -65.04
N PRO F 391 48.13 -35.55 -63.75
CA PRO F 391 47.22 -34.85 -62.81
C PRO F 391 47.08 -33.38 -63.16
N VAL F 392 45.87 -32.86 -63.00
CA VAL F 392 45.59 -31.45 -63.19
C VAL F 392 45.39 -30.73 -61.86
N ALA F 393 44.63 -31.32 -60.95
CA ALA F 393 44.41 -30.76 -59.64
C ALA F 393 43.86 -31.85 -58.73
N TYR F 394 44.40 -31.93 -57.51
CA TYR F 394 43.94 -32.88 -56.52
C TYR F 394 42.76 -32.28 -55.77
N LEU F 395 41.63 -32.98 -55.80
CA LEU F 395 40.40 -32.52 -55.17
C LEU F 395 40.09 -33.38 -53.95
N SER F 396 39.80 -32.73 -52.83
CA SER F 396 39.43 -33.41 -51.60
C SER F 396 38.50 -32.51 -50.81
N LYS F 397 37.55 -33.11 -50.11
CA LYS F 397 36.54 -32.34 -49.40
C LYS F 397 36.06 -33.12 -48.20
N LYS F 398 35.38 -32.43 -47.29
CA LYS F 398 34.72 -33.04 -46.14
C LYS F 398 33.22 -33.12 -46.42
N LEU F 399 32.67 -34.33 -46.36
CA LEU F 399 31.25 -34.50 -46.59
C LEU F 399 30.43 -33.84 -45.49
N ASP F 400 29.28 -33.29 -45.88
CA ASP F 400 28.39 -32.67 -44.92
C ASP F 400 27.83 -33.71 -43.95
N PRO F 401 27.46 -33.31 -42.73
CA PRO F 401 26.99 -34.29 -41.74
C PRO F 401 25.78 -35.08 -42.19
N VAL F 402 24.92 -34.50 -43.04
CA VAL F 402 23.76 -35.24 -43.53
C VAL F 402 24.18 -36.45 -44.35
N ALA F 403 25.21 -36.30 -45.18
CA ALA F 403 25.75 -37.41 -45.95
C ALA F 403 26.75 -38.25 -45.17
N ALA F 404 27.17 -37.80 -43.98
CA ALA F 404 28.10 -38.58 -43.19
C ALA F 404 27.48 -39.87 -42.69
N GLY F 405 26.21 -39.83 -42.30
CA GLY F 405 25.51 -41.00 -41.81
C GLY F 405 24.96 -41.93 -42.87
N TRP F 406 25.15 -41.59 -44.15
CA TRP F 406 24.65 -42.43 -45.22
C TRP F 406 25.46 -43.72 -45.31
N PRO F 407 24.87 -44.77 -45.88
CA PRO F 407 25.62 -46.02 -46.08
C PRO F 407 26.73 -45.83 -47.10
N PRO F 408 27.72 -46.73 -47.12
CA PRO F 408 28.86 -46.53 -48.04
C PRO F 408 28.45 -46.45 -49.51
N CYS F 409 27.39 -47.16 -49.90
CA CYS F 409 26.92 -47.07 -51.29
C CYS F 409 26.42 -45.66 -51.60
N LEU F 410 25.67 -45.06 -50.68
CA LEU F 410 25.14 -43.71 -50.88
C LEU F 410 26.18 -42.63 -50.64
N ARG F 411 27.22 -42.93 -49.85
CA ARG F 411 28.24 -41.92 -49.57
C ARG F 411 29.05 -41.56 -50.81
N MET F 412 29.31 -42.55 -51.67
CA MET F 412 30.08 -42.28 -52.89
C MET F 412 29.29 -41.36 -53.83
N VAL F 413 27.96 -41.52 -53.88
CA VAL F 413 27.14 -40.64 -54.72
C VAL F 413 27.25 -39.20 -54.26
N ALA F 414 27.20 -38.97 -52.95
CA ALA F 414 27.36 -37.61 -52.43
C ALA F 414 28.78 -37.11 -52.63
N ALA F 415 29.76 -38.01 -52.53
CA ALA F 415 31.16 -37.60 -52.72
C ALA F 415 31.40 -37.12 -54.15
N ILE F 416 30.82 -37.81 -55.13
CA ILE F 416 31.00 -37.40 -56.53
C ILE F 416 30.39 -36.02 -56.77
N ALA F 417 29.21 -35.77 -56.21
CA ALA F 417 28.55 -34.49 -56.42
C ALA F 417 29.37 -33.34 -55.84
N VAL F 418 29.97 -33.54 -54.67
CA VAL F 418 30.78 -32.50 -54.05
C VAL F 418 32.04 -32.26 -54.88
N LEU F 419 32.70 -33.33 -55.32
CA LEU F 419 33.93 -33.18 -56.08
C LEU F 419 33.66 -32.65 -57.47
N THR F 420 32.54 -33.03 -58.09
CA THR F 420 32.20 -32.52 -59.41
C THR F 420 31.96 -31.03 -59.39
N LYS F 421 31.44 -30.50 -58.28
CA LYS F 421 31.30 -29.05 -58.14
C LYS F 421 32.67 -28.37 -58.10
N ASP F 422 33.63 -28.99 -57.41
CA ASP F 422 34.99 -28.44 -57.36
C ASP F 422 35.65 -28.48 -58.74
N ALA F 423 35.42 -29.54 -59.49
CA ALA F 423 36.04 -29.66 -60.82
C ALA F 423 35.53 -28.61 -61.78
N GLY F 424 34.28 -28.17 -61.63
CA GLY F 424 33.74 -27.17 -62.52
C GLY F 424 34.45 -25.84 -62.43
N LYS F 425 34.95 -25.48 -61.25
CA LYS F 425 35.66 -24.22 -61.06
C LYS F 425 37.02 -24.21 -61.75
N LEU F 426 37.52 -25.36 -62.19
CA LEU F 426 38.80 -25.44 -62.89
C LEU F 426 38.68 -25.91 -64.33
N THR F 427 37.71 -26.76 -64.65
CA THR F 427 37.53 -27.24 -66.01
C THR F 427 36.83 -26.24 -66.93
N MET F 428 36.40 -25.10 -66.39
CA MET F 428 35.73 -24.05 -67.17
C MET F 428 34.44 -24.55 -67.82
N GLY F 429 33.78 -25.52 -67.18
CA GLY F 429 32.55 -26.07 -67.69
C GLY F 429 32.69 -27.09 -68.80
N GLN F 430 33.92 -27.45 -69.16
CA GLN F 430 34.13 -28.45 -70.19
C GLN F 430 33.65 -29.82 -69.70
N PRO F 431 33.18 -30.67 -70.61
CA PRO F 431 32.73 -32.02 -70.21
C PRO F 431 33.88 -32.83 -69.63
N LEU F 432 33.54 -33.67 -68.65
CA LEU F 432 34.54 -34.48 -67.96
C LEU F 432 33.94 -35.85 -67.66
N VAL F 433 34.83 -36.81 -67.39
CA VAL F 433 34.45 -38.19 -67.15
C VAL F 433 34.73 -38.50 -65.68
N ILE F 434 33.74 -39.07 -64.99
CA ILE F 434 33.86 -39.40 -63.58
C ILE F 434 34.11 -40.91 -63.46
N LEU F 435 35.27 -41.26 -62.93
CA LEU F 435 35.67 -42.66 -62.75
C LEU F 435 35.78 -42.96 -61.26
N ALA F 436 35.09 -44.00 -60.82
CA ALA F 436 35.09 -44.41 -59.42
C ALA F 436 35.14 -45.93 -59.33
N PRO F 437 35.69 -46.47 -58.24
CA PRO F 437 35.72 -47.93 -58.08
C PRO F 437 34.35 -48.59 -58.20
N HIS F 438 33.38 -48.10 -57.45
CA HIS F 438 32.04 -48.68 -57.45
C HIS F 438 31.29 -48.29 -58.71
N ALA F 439 30.08 -48.80 -58.85
CA ALA F 439 29.26 -48.55 -60.02
C ALA F 439 28.01 -47.76 -59.64
N VAL F 440 28.20 -46.71 -58.82
CA VAL F 440 27.10 -45.95 -58.26
C VAL F 440 26.48 -45.02 -59.30
N GLU F 441 27.04 -45.00 -60.50
CA GLU F 441 26.48 -44.13 -61.55
C GLU F 441 25.08 -44.60 -61.94
N ALA F 442 24.85 -45.92 -61.94
CA ALA F 442 23.50 -46.43 -62.13
C ALA F 442 22.64 -46.29 -60.89
N LEU F 443 23.27 -46.20 -59.71
CA LEU F 443 22.50 -46.04 -58.47
C LEU F 443 21.78 -44.70 -58.42
N VAL F 444 22.34 -43.67 -59.06
CA VAL F 444 21.69 -42.36 -59.07
C VAL F 444 20.34 -42.43 -59.78
N LYS F 445 20.26 -43.23 -60.84
CA LYS F 445 19.00 -43.37 -61.57
C LYS F 445 17.93 -44.01 -60.70
N GLN F 446 18.29 -45.04 -59.93
CA GLN F 446 17.35 -45.77 -59.07
C GLN F 446 17.92 -45.87 -57.67
N PRO F 447 17.86 -44.77 -56.90
CA PRO F 447 18.34 -44.84 -55.52
C PRO F 447 17.47 -45.75 -54.69
N PRO F 448 18.04 -46.44 -53.69
CA PRO F 448 17.28 -47.35 -52.82
C PRO F 448 16.30 -46.62 -51.92
N ALA F 455 14.49 -34.05 -52.05
CA ALA F 455 14.96 -32.67 -52.12
C ALA F 455 16.40 -32.63 -52.62
N ARG F 456 17.34 -32.98 -51.75
CA ARG F 456 18.75 -32.98 -52.13
C ARG F 456 19.03 -34.02 -53.21
N MET F 457 18.40 -35.18 -53.11
CA MET F 457 18.62 -36.24 -54.10
C MET F 457 18.21 -35.79 -55.49
N THR F 458 17.09 -35.04 -55.59
CA THR F 458 16.70 -34.48 -56.87
C THR F 458 17.72 -33.48 -57.38
N HIS F 459 18.30 -32.69 -56.48
CA HIS F 459 19.37 -31.77 -56.87
C HIS F 459 20.59 -32.54 -57.35
N TYR F 460 20.93 -33.63 -56.66
CA TYR F 460 22.06 -34.45 -57.09
C TYR F 460 21.81 -35.11 -58.44
N GLN F 461 20.56 -35.49 -58.72
CA GLN F 461 20.25 -36.14 -59.99
C GLN F 461 20.49 -35.20 -61.16
N ALA F 462 20.10 -33.93 -61.03
CA ALA F 462 20.30 -32.98 -62.12
C ALA F 462 21.78 -32.74 -62.38
N LEU F 463 22.59 -32.66 -61.32
CA LEU F 463 24.00 -32.36 -61.48
C LEU F 463 24.75 -33.50 -62.15
N LEU F 464 24.43 -34.74 -61.81
CA LEU F 464 25.19 -35.89 -62.27
C LEU F 464 24.67 -36.48 -63.58
N LEU F 465 23.43 -36.17 -63.97
CA LEU F 465 22.83 -36.74 -65.17
C LEU F 465 22.89 -35.80 -66.37
N ASP F 466 23.48 -34.61 -66.21
CA ASP F 466 23.58 -33.66 -67.32
C ASP F 466 24.64 -34.17 -68.29
N THR F 467 24.18 -34.78 -69.39
CA THR F 467 25.11 -35.34 -70.37
C THR F 467 25.97 -34.28 -71.05
N ASP F 468 25.52 -33.01 -71.05
CA ASP F 468 26.29 -31.95 -71.70
C ASP F 468 27.57 -31.65 -70.94
N ARG F 469 27.54 -31.72 -69.61
CA ARG F 469 28.67 -31.29 -68.79
C ARG F 469 29.41 -32.43 -68.10
N VAL F 470 28.74 -33.56 -67.84
CA VAL F 470 29.35 -34.67 -67.12
C VAL F 470 28.87 -35.99 -67.72
N GLN F 471 29.71 -37.01 -67.59
CA GLN F 471 29.36 -38.36 -68.01
C GLN F 471 30.21 -39.35 -67.22
N PHE F 472 29.77 -40.60 -67.20
CA PHE F 472 30.47 -41.67 -66.50
C PHE F 472 31.02 -42.66 -67.51
N GLY F 473 32.32 -42.91 -67.44
CA GLY F 473 32.97 -43.85 -68.33
C GLY F 473 32.91 -45.27 -67.81
N PRO F 474 33.81 -46.12 -68.31
CA PRO F 474 33.86 -47.51 -67.81
C PRO F 474 34.20 -47.55 -66.34
N VAL F 475 33.44 -48.35 -65.58
CA VAL F 475 33.66 -48.47 -64.15
C VAL F 475 34.98 -49.21 -63.91
N VAL F 476 35.82 -48.65 -63.06
CA VAL F 476 37.15 -49.21 -62.78
C VAL F 476 37.65 -48.60 -61.49
N ALA F 477 38.44 -49.35 -60.75
CA ALA F 477 39.03 -48.87 -59.52
C ALA F 477 40.18 -47.90 -59.82
N LEU F 478 40.79 -47.39 -58.76
CA LEU F 478 41.89 -46.43 -58.90
C LEU F 478 42.89 -46.67 -57.78
N ASN F 479 44.14 -46.26 -58.06
CA ASN F 479 45.20 -46.45 -57.08
C ASN F 479 44.96 -45.56 -55.86
N PRO F 480 45.24 -46.05 -54.65
CA PRO F 480 44.98 -45.23 -53.45
C PRO F 480 45.71 -43.90 -53.45
N ALA F 481 46.94 -43.84 -53.99
CA ALA F 481 47.66 -42.57 -54.02
C ALA F 481 46.95 -41.55 -54.90
N THR F 482 46.42 -41.99 -56.05
CA THR F 482 45.71 -41.10 -56.95
C THR F 482 44.36 -40.70 -56.37
#